data_6I29
# 
_entry.id   6I29 
# 
_audit_conform.dict_name       mmcif_pdbx.dic 
_audit_conform.dict_version    5.383 
_audit_conform.dict_location   http://mmcif.pdb.org/dictionaries/ascii/mmcif_pdbx.dic 
# 
loop_
_database_2.database_id 
_database_2.database_code 
_database_2.pdbx_database_accession 
_database_2.pdbx_DOI 
PDB   6I29         pdb_00006i29 10.2210/pdb6i29/pdb 
WWPDB D_1200012705 ?            ?                   
# 
loop_
_pdbx_audit_revision_history.ordinal 
_pdbx_audit_revision_history.data_content_type 
_pdbx_audit_revision_history.major_revision 
_pdbx_audit_revision_history.minor_revision 
_pdbx_audit_revision_history.revision_date 
1 'Structure model' 1 0 2019-11-20 
2 'Structure model' 1 1 2024-01-24 
# 
_pdbx_audit_revision_details.ordinal             1 
_pdbx_audit_revision_details.revision_ordinal    1 
_pdbx_audit_revision_details.data_content_type   'Structure model' 
_pdbx_audit_revision_details.provider            repository 
_pdbx_audit_revision_details.type                'Initial release' 
_pdbx_audit_revision_details.description         ? 
_pdbx_audit_revision_details.details             ? 
# 
loop_
_pdbx_audit_revision_group.ordinal 
_pdbx_audit_revision_group.revision_ordinal 
_pdbx_audit_revision_group.data_content_type 
_pdbx_audit_revision_group.group 
1 2 'Structure model' 'Data collection'        
2 2 'Structure model' 'Database references'    
3 2 'Structure model' 'Refinement description' 
# 
loop_
_pdbx_audit_revision_category.ordinal 
_pdbx_audit_revision_category.revision_ordinal 
_pdbx_audit_revision_category.data_content_type 
_pdbx_audit_revision_category.category 
1 2 'Structure model' chem_comp_atom                
2 2 'Structure model' chem_comp_bond                
3 2 'Structure model' database_2                    
4 2 'Structure model' pdbx_initial_refinement_model 
# 
loop_
_pdbx_audit_revision_item.ordinal 
_pdbx_audit_revision_item.revision_ordinal 
_pdbx_audit_revision_item.data_content_type 
_pdbx_audit_revision_item.item 
1 2 'Structure model' '_database_2.pdbx_DOI'                
2 2 'Structure model' '_database_2.pdbx_database_accession' 
# 
_pdbx_database_status.status_code                     REL 
_pdbx_database_status.status_code_sf                  REL 
_pdbx_database_status.status_code_mr                  ? 
_pdbx_database_status.entry_id                        6I29 
_pdbx_database_status.recvd_initial_deposition_date   2018-11-01 
_pdbx_database_status.SG_entry                        N 
_pdbx_database_status.deposit_site                    PDBE 
_pdbx_database_status.process_site                    PDBE 
_pdbx_database_status.status_code_cs                  ? 
_pdbx_database_status.methods_development_category    ? 
_pdbx_database_status.pdb_format_compatible           Y 
_pdbx_database_status.status_code_nmr_data            ? 
# 
_pdbx_database_related.db_name        PDB 
_pdbx_database_related.details        . 
_pdbx_database_related.db_id          4DIJ 
_pdbx_database_related.content_type   unspecified 
# 
_audit_author.name               'Kallen, J.' 
_audit_author.pdbx_ordinal       1 
_audit_author.identifier_ORCID   0000-0002-9389-9056 
# 
_citation.abstract                  ? 
_citation.abstract_id_CAS           ? 
_citation.book_id_ISBN              ? 
_citation.book_publisher            ? 
_citation.book_publisher_city       ? 
_citation.book_title                ? 
_citation.coordinate_linkage        ? 
_citation.country                   ? 
_citation.database_id_Medline       ? 
_citation.details                   ? 
_citation.id                        primary 
_citation.journal_abbrev            'To be published' 
_citation.journal_id_ASTM           ? 
_citation.journal_id_CSD            0353 
_citation.journal_id_ISSN           ? 
_citation.journal_full              ? 
_citation.journal_issue             ? 
_citation.journal_volume            ? 
_citation.language                  ? 
_citation.page_first                ? 
_citation.page_last                 ? 
_citation.title                     'p53 dynamics vary between tissues and are linked with radiation sensitivity' 
_citation.year                      ? 
_citation.database_id_CSD           ? 
_citation.pdbx_database_id_DOI      ? 
_citation.pdbx_database_id_PubMed   ? 
_citation.unpublished_flag          ? 
# 
loop_
_citation_author.citation_id 
_citation_author.name 
_citation_author.ordinal 
_citation_author.identifier_ORCID 
primary 'Ornstein, J.'   1  ? 
primary 'Iwamoto, Y.'    2  ? 
primary 'Prytyskach, M.' 3  ? 
primary 'Miller, M.'     4  ? 
primary 'Kallen, J.'     5  ? 
primary 'Ferretti, S.'   6  ? 
primary 'Holzer, P.'     7  ? 
primary 'Forrester, W.'  8  ? 
primary 'Weissleder, R.' 9  ? 
primary 'Lahav, G.'      10 ? 
# 
loop_
_entity.id 
_entity.type 
_entity.src_method 
_entity.pdbx_description 
_entity.formula_weight 
_entity.pdbx_number_of_molecules 
_entity.pdbx_ec 
_entity.pdbx_mutation 
_entity.pdbx_fragment 
_entity.details 
1 polymer     man 'Human E3 Ubiquitin-Protein Ligase MDM2' 11156.052 1  ? ? 'N-terminal domain, p53 binding domain' ? 
2 non-polymer syn 
;6-chloranyl-3-[3-[(1~{S})-1-(4-chlorophenyl)ethyl]-5-phenyl-imidazol-4-yl]-~{N}-[2-[4-(2-oxidanylidene-1,3-oxazinan-3-yl)piperidin-1-yl]pyridin-3-yl]-1~{H}-indole-2-carboxamide
;
734.673   1  ? ? ?                                       ? 
3 water       nat water 18.015    45 ? ? ?                                       ? 
# 
_entity_poly.entity_id                      1 
_entity_poly.type                           'polypeptide(L)' 
_entity_poly.nstd_linkage                   no 
_entity_poly.nstd_monomer                   no 
_entity_poly.pdbx_seq_one_letter_code       
;GSQIPASEQETLVRPKPLLLKLLKSVGAQKDTYTMKEVLFYLGQYIMTKRLYDEKQQHIVYCSNDLLGDLFGVPSFSVKE
HRKIYTMIYRNLVVVN
;
_entity_poly.pdbx_seq_one_letter_code_can   
;GSQIPASEQETLVRPKPLLLKLLKSVGAQKDTYTMKEVLFYLGQYIMTKRLYDEKQQHIVYCSNDLLGDLFGVPSFSVKE
HRKIYTMIYRNLVVVN
;
_entity_poly.pdbx_strand_id                 A 
_entity_poly.pdbx_target_identifier         ? 
# 
loop_
_pdbx_entity_nonpoly.entity_id 
_pdbx_entity_nonpoly.name 
_pdbx_entity_nonpoly.comp_id 
2 
;6-chloranyl-3-[3-[(1~{S})-1-(4-chlorophenyl)ethyl]-5-phenyl-imidazol-4-yl]-~{N}-[2-[4-(2-oxidanylidene-1,3-oxazinan-3-yl)piperidin-1-yl]pyridin-3-yl]-1~{H}-indole-2-carboxamide
;
H0W 
3 water HOH 
# 
loop_
_entity_poly_seq.entity_id 
_entity_poly_seq.num 
_entity_poly_seq.mon_id 
_entity_poly_seq.hetero 
1 1  GLY n 
1 2  SER n 
1 3  GLN n 
1 4  ILE n 
1 5  PRO n 
1 6  ALA n 
1 7  SER n 
1 8  GLU n 
1 9  GLN n 
1 10 GLU n 
1 11 THR n 
1 12 LEU n 
1 13 VAL n 
1 14 ARG n 
1 15 PRO n 
1 16 LYS n 
1 17 PRO n 
1 18 LEU n 
1 19 LEU n 
1 20 LEU n 
1 21 LYS n 
1 22 LEU n 
1 23 LEU n 
1 24 LYS n 
1 25 SER n 
1 26 VAL n 
1 27 GLY n 
1 28 ALA n 
1 29 GLN n 
1 30 LYS n 
1 31 ASP n 
1 32 THR n 
1 33 TYR n 
1 34 THR n 
1 35 MET n 
1 36 LYS n 
1 37 GLU n 
1 38 VAL n 
1 39 LEU n 
1 40 PHE n 
1 41 TYR n 
1 42 LEU n 
1 43 GLY n 
1 44 GLN n 
1 45 TYR n 
1 46 ILE n 
1 47 MET n 
1 48 THR n 
1 49 LYS n 
1 50 ARG n 
1 51 LEU n 
1 52 TYR n 
1 53 ASP n 
1 54 GLU n 
1 55 LYS n 
1 56 GLN n 
1 57 GLN n 
1 58 HIS n 
1 59 ILE n 
1 60 VAL n 
1 61 TYR n 
1 62 CYS n 
1 63 SER n 
1 64 ASN n 
1 65 ASP n 
1 66 LEU n 
1 67 LEU n 
1 68 GLY n 
1 69 ASP n 
1 70 LEU n 
1 71 PHE n 
1 72 GLY n 
1 73 VAL n 
1 74 PRO n 
1 75 SER n 
1 76 PHE n 
1 77 SER n 
1 78 VAL n 
1 79 LYS n 
1 80 GLU n 
1 81 HIS n 
1 82 ARG n 
1 83 LYS n 
1 84 ILE n 
1 85 TYR n 
1 86 THR n 
1 87 MET n 
1 88 ILE n 
1 89 TYR n 
1 90 ARG n 
1 91 ASN n 
1 92 LEU n 
1 93 VAL n 
1 94 VAL n 
1 95 VAL n 
1 96 ASN n 
# 
_entity_src_gen.entity_id                          1 
_entity_src_gen.pdbx_src_id                        1 
_entity_src_gen.pdbx_alt_source_flag               sample 
_entity_src_gen.pdbx_seq_type                      'Biological sequence' 
_entity_src_gen.pdbx_beg_seq_num                   1 
_entity_src_gen.pdbx_end_seq_num                   96 
_entity_src_gen.gene_src_common_name               human 
_entity_src_gen.gene_src_genus                     ? 
_entity_src_gen.pdbx_gene_src_gene                 ? 
_entity_src_gen.gene_src_species                   ? 
_entity_src_gen.gene_src_strain                    ? 
_entity_src_gen.gene_src_tissue                    ? 
_entity_src_gen.gene_src_tissue_fraction           ? 
_entity_src_gen.gene_src_details                   ? 
_entity_src_gen.pdbx_gene_src_fragment             ? 
_entity_src_gen.pdbx_gene_src_scientific_name      'Homo Sapiens' 
_entity_src_gen.pdbx_gene_src_ncbi_taxonomy_id     9606 
_entity_src_gen.pdbx_gene_src_variant              ? 
_entity_src_gen.pdbx_gene_src_cell_line            ? 
_entity_src_gen.pdbx_gene_src_atcc                 ? 
_entity_src_gen.pdbx_gene_src_organ                ? 
_entity_src_gen.pdbx_gene_src_organelle            ? 
_entity_src_gen.pdbx_gene_src_cell                 ? 
_entity_src_gen.pdbx_gene_src_cellular_location    ? 
_entity_src_gen.host_org_common_name               ? 
_entity_src_gen.pdbx_host_org_scientific_name      'Escherichia coli' 
_entity_src_gen.pdbx_host_org_ncbi_taxonomy_id     511693 
_entity_src_gen.host_org_genus                     ? 
_entity_src_gen.pdbx_host_org_gene                 ? 
_entity_src_gen.pdbx_host_org_organ                ? 
_entity_src_gen.host_org_species                   ? 
_entity_src_gen.pdbx_host_org_tissue               ? 
_entity_src_gen.pdbx_host_org_tissue_fraction      ? 
_entity_src_gen.pdbx_host_org_strain               BL21 
_entity_src_gen.pdbx_host_org_variant              ? 
_entity_src_gen.pdbx_host_org_cell_line            ? 
_entity_src_gen.pdbx_host_org_atcc                 ? 
_entity_src_gen.pdbx_host_org_culture_collection   ? 
_entity_src_gen.pdbx_host_org_cell                 ? 
_entity_src_gen.pdbx_host_org_organelle            ? 
_entity_src_gen.pdbx_host_org_cellular_location    ? 
_entity_src_gen.pdbx_host_org_vector_type          plasmid 
_entity_src_gen.pdbx_host_org_vector               ? 
_entity_src_gen.host_org_details                   ? 
_entity_src_gen.expression_system_id               ? 
_entity_src_gen.plasmid_name                       'pET28-derived vector' 
_entity_src_gen.plasmid_details                    ? 
_entity_src_gen.pdbx_description                   ? 
# 
loop_
_chem_comp.id 
_chem_comp.type 
_chem_comp.mon_nstd_flag 
_chem_comp.name 
_chem_comp.pdbx_synonyms 
_chem_comp.formula 
_chem_comp.formula_weight 
ALA 'L-peptide linking' y ALANINE ? 'C3 H7 N O2'        89.093  
ARG 'L-peptide linking' y ARGININE ? 'C6 H15 N4 O2 1'    175.209 
ASN 'L-peptide linking' y ASPARAGINE ? 'C4 H8 N2 O3'       132.118 
ASP 'L-peptide linking' y 'ASPARTIC ACID' ? 'C4 H7 N O4'        133.103 
CYS 'L-peptide linking' y CYSTEINE ? 'C3 H7 N O2 S'      121.158 
GLN 'L-peptide linking' y GLUTAMINE ? 'C5 H10 N2 O3'      146.144 
GLU 'L-peptide linking' y 'GLUTAMIC ACID' ? 'C5 H9 N O4'        147.129 
GLY 'peptide linking'   y GLYCINE ? 'C2 H5 N O2'        75.067  
H0W non-polymer         . 
;6-chloranyl-3-[3-[(1~{S})-1-(4-chlorophenyl)ethyl]-5-phenyl-imidazol-4-yl]-~{N}-[2-[4-(2-oxidanylidene-1,3-oxazinan-3-yl)piperidin-1-yl]pyridin-3-yl]-1~{H}-indole-2-carboxamide
;
? 'C40 H37 Cl2 N7 O3' 734.673 
HIS 'L-peptide linking' y HISTIDINE ? 'C6 H10 N3 O2 1'    156.162 
HOH non-polymer         . WATER ? 'H2 O'              18.015  
ILE 'L-peptide linking' y ISOLEUCINE ? 'C6 H13 N O2'       131.173 
LEU 'L-peptide linking' y LEUCINE ? 'C6 H13 N O2'       131.173 
LYS 'L-peptide linking' y LYSINE ? 'C6 H15 N2 O2 1'    147.195 
MET 'L-peptide linking' y METHIONINE ? 'C5 H11 N O2 S'     149.211 
PHE 'L-peptide linking' y PHENYLALANINE ? 'C9 H11 N O2'       165.189 
PRO 'L-peptide linking' y PROLINE ? 'C5 H9 N O2'        115.130 
SER 'L-peptide linking' y SERINE ? 'C3 H7 N O3'        105.093 
THR 'L-peptide linking' y THREONINE ? 'C4 H9 N O3'        119.119 
TYR 'L-peptide linking' y TYROSINE ? 'C9 H11 N O3'       181.189 
VAL 'L-peptide linking' y VALINE ? 'C5 H11 N O2'       117.146 
# 
loop_
_pdbx_poly_seq_scheme.asym_id 
_pdbx_poly_seq_scheme.entity_id 
_pdbx_poly_seq_scheme.seq_id 
_pdbx_poly_seq_scheme.mon_id 
_pdbx_poly_seq_scheme.ndb_seq_num 
_pdbx_poly_seq_scheme.pdb_seq_num 
_pdbx_poly_seq_scheme.auth_seq_num 
_pdbx_poly_seq_scheme.pdb_mon_id 
_pdbx_poly_seq_scheme.auth_mon_id 
_pdbx_poly_seq_scheme.pdb_strand_id 
_pdbx_poly_seq_scheme.pdb_ins_code 
_pdbx_poly_seq_scheme.hetero 
A 1 1  GLY 1  16  ?   ?   ?   A . n 
A 1 2  SER 2  17  ?   ?   ?   A . n 
A 1 3  GLN 3  18  ?   ?   ?   A . n 
A 1 4  ILE 4  19  19  ILE ILE A . n 
A 1 5  PRO 5  20  20  PRO PRO A . n 
A 1 6  ALA 6  21  21  ALA ALA A . n 
A 1 7  SER 7  22  22  SER SER A . n 
A 1 8  GLU 8  23  23  GLU GLU A . n 
A 1 9  GLN 9  24  24  GLN GLN A . n 
A 1 10 GLU 10 25  25  GLU GLU A . n 
A 1 11 THR 11 26  26  THR THR A . n 
A 1 12 LEU 12 27  27  LEU LEU A . n 
A 1 13 VAL 13 28  28  VAL VAL A . n 
A 1 14 ARG 14 29  29  ARG ARG A . n 
A 1 15 PRO 15 30  30  PRO PRO A . n 
A 1 16 LYS 16 31  31  LYS LYS A . n 
A 1 17 PRO 17 32  32  PRO PRO A . n 
A 1 18 LEU 18 33  33  LEU LEU A . n 
A 1 19 LEU 19 34  34  LEU LEU A . n 
A 1 20 LEU 20 35  35  LEU LEU A . n 
A 1 21 LYS 21 36  36  LYS LYS A . n 
A 1 22 LEU 22 37  37  LEU LEU A . n 
A 1 23 LEU 23 38  38  LEU LEU A . n 
A 1 24 LYS 24 39  39  LYS LYS A . n 
A 1 25 SER 25 40  40  SER SER A . n 
A 1 26 VAL 26 41  41  VAL VAL A . n 
A 1 27 GLY 27 42  42  GLY GLY A . n 
A 1 28 ALA 28 43  43  ALA ALA A . n 
A 1 29 GLN 29 44  44  GLN GLN A . n 
A 1 30 LYS 30 45  45  LYS LYS A . n 
A 1 31 ASP 31 46  46  ASP ASP A . n 
A 1 32 THR 32 47  47  THR THR A . n 
A 1 33 TYR 33 48  48  TYR TYR A . n 
A 1 34 THR 34 49  49  THR THR A . n 
A 1 35 MET 35 50  50  MET MET A . n 
A 1 36 LYS 36 51  51  LYS LYS A . n 
A 1 37 GLU 37 52  52  GLU GLU A . n 
A 1 38 VAL 38 53  53  VAL VAL A . n 
A 1 39 LEU 39 54  54  LEU LEU A . n 
A 1 40 PHE 40 55  55  PHE PHE A . n 
A 1 41 TYR 41 56  56  TYR TYR A . n 
A 1 42 LEU 42 57  57  LEU LEU A . n 
A 1 43 GLY 43 58  58  GLY GLY A . n 
A 1 44 GLN 44 59  59  GLN GLN A . n 
A 1 45 TYR 45 60  60  TYR TYR A . n 
A 1 46 ILE 46 61  61  ILE ILE A . n 
A 1 47 MET 47 62  62  MET MET A . n 
A 1 48 THR 48 63  63  THR THR A . n 
A 1 49 LYS 49 64  64  LYS LYS A . n 
A 1 50 ARG 50 65  65  ARG ARG A . n 
A 1 51 LEU 51 66  66  LEU LEU A . n 
A 1 52 TYR 52 67  67  TYR TYR A . n 
A 1 53 ASP 53 68  68  ASP ASP A . n 
A 1 54 GLU 54 69  69  GLU GLU A . n 
A 1 55 LYS 55 70  70  LYS LYS A . n 
A 1 56 GLN 56 71  71  GLN GLN A . n 
A 1 57 GLN 57 72  72  GLN GLN A . n 
A 1 58 HIS 58 73  73  HIS HIS A . n 
A 1 59 ILE 59 74  74  ILE ILE A . n 
A 1 60 VAL 60 75  75  VAL VAL A . n 
A 1 61 TYR 61 76  76  TYR TYR A . n 
A 1 62 CYS 62 77  77  CYS CYS A . n 
A 1 63 SER 63 78  78  SER SER A . n 
A 1 64 ASN 64 79  79  ASN ASN A . n 
A 1 65 ASP 65 80  80  ASP ASP A . n 
A 1 66 LEU 66 81  81  LEU LEU A . n 
A 1 67 LEU 67 82  82  LEU LEU A . n 
A 1 68 GLY 68 83  83  GLY GLY A . n 
A 1 69 ASP 69 84  84  ASP ASP A . n 
A 1 70 LEU 70 85  85  LEU LEU A . n 
A 1 71 PHE 71 86  86  PHE PHE A . n 
A 1 72 GLY 72 87  87  GLY GLY A . n 
A 1 73 VAL 73 88  88  VAL VAL A . n 
A 1 74 PRO 74 89  89  PRO PRO A . n 
A 1 75 SER 75 90  90  SER SER A . n 
A 1 76 PHE 76 91  91  PHE PHE A . n 
A 1 77 SER 77 92  92  SER SER A . n 
A 1 78 VAL 78 93  93  VAL VAL A . n 
A 1 79 LYS 79 94  94  LYS LYS A . n 
A 1 80 GLU 80 95  95  GLU GLU A . n 
A 1 81 HIS 81 96  96  HIS HIS A . n 
A 1 82 ARG 82 97  97  ARG ARG A . n 
A 1 83 LYS 83 98  98  LYS LYS A . n 
A 1 84 ILE 84 99  99  ILE ILE A . n 
A 1 85 TYR 85 100 100 TYR TYR A . n 
A 1 86 THR 86 101 101 THR THR A . n 
A 1 87 MET 87 102 102 MET MET A . n 
A 1 88 ILE 88 103 103 ILE ILE A . n 
A 1 89 TYR 89 104 104 TYR TYR A . n 
A 1 90 ARG 90 105 105 ARG ARG A . n 
A 1 91 ASN 91 106 106 ASN ASN A . n 
A 1 92 LEU 92 107 107 LEU LEU A . n 
A 1 93 VAL 93 108 108 VAL VAL A . n 
A 1 94 VAL 94 109 109 VAL VAL A . n 
A 1 95 VAL 95 110 110 VAL VAL A . n 
A 1 96 ASN 96 111 111 ASN ASN A . n 
# 
loop_
_pdbx_nonpoly_scheme.asym_id 
_pdbx_nonpoly_scheme.entity_id 
_pdbx_nonpoly_scheme.mon_id 
_pdbx_nonpoly_scheme.ndb_seq_num 
_pdbx_nonpoly_scheme.pdb_seq_num 
_pdbx_nonpoly_scheme.auth_seq_num 
_pdbx_nonpoly_scheme.pdb_mon_id 
_pdbx_nonpoly_scheme.auth_mon_id 
_pdbx_nonpoly_scheme.pdb_strand_id 
_pdbx_nonpoly_scheme.pdb_ins_code 
B 2 H0W 1  201 1  H0W LI1 A . 
C 3 HOH 1  301 30 HOH HOH A . 
C 3 HOH 2  302 38 HOH HOH A . 
C 3 HOH 3  303 26 HOH HOH A . 
C 3 HOH 4  304 2  HOH HOH A . 
C 3 HOH 5  305 3  HOH HOH A . 
C 3 HOH 6  306 37 HOH HOH A . 
C 3 HOH 7  307 29 HOH HOH A . 
C 3 HOH 8  308 35 HOH HOH A . 
C 3 HOH 9  309 21 HOH HOH A . 
C 3 HOH 10 310 20 HOH HOH A . 
C 3 HOH 11 311 15 HOH HOH A . 
C 3 HOH 12 312 25 HOH HOH A . 
C 3 HOH 13 313 1  HOH HOH A . 
C 3 HOH 14 314 6  HOH HOH A . 
C 3 HOH 15 315 23 HOH HOH A . 
C 3 HOH 16 316 14 HOH HOH A . 
C 3 HOH 17 317 4  HOH HOH A . 
C 3 HOH 18 318 19 HOH HOH A . 
C 3 HOH 19 319 8  HOH HOH A . 
C 3 HOH 20 320 9  HOH HOH A . 
C 3 HOH 21 321 5  HOH HOH A . 
C 3 HOH 22 322 17 HOH HOH A . 
C 3 HOH 23 323 22 HOH HOH A . 
C 3 HOH 24 324 27 HOH HOH A . 
C 3 HOH 25 325 36 HOH HOH A . 
C 3 HOH 26 326 10 HOH HOH A . 
C 3 HOH 27 327 7  HOH HOH A . 
C 3 HOH 28 328 44 HOH HOH A . 
C 3 HOH 29 329 43 HOH HOH A . 
C 3 HOH 30 330 28 HOH HOH A . 
C 3 HOH 31 331 45 HOH HOH A . 
C 3 HOH 32 332 16 HOH HOH A . 
C 3 HOH 33 333 13 HOH HOH A . 
C 3 HOH 34 334 24 HOH HOH A . 
C 3 HOH 35 335 40 HOH HOH A . 
C 3 HOH 36 336 32 HOH HOH A . 
C 3 HOH 37 337 39 HOH HOH A . 
C 3 HOH 38 338 31 HOH HOH A . 
C 3 HOH 39 339 33 HOH HOH A . 
C 3 HOH 40 340 12 HOH HOH A . 
C 3 HOH 41 341 34 HOH HOH A . 
C 3 HOH 42 342 11 HOH HOH A . 
C 3 HOH 43 343 42 HOH HOH A . 
C 3 HOH 44 344 18 HOH HOH A . 
C 3 HOH 45 345 41 HOH HOH A . 
# 
loop_
_software.citation_id 
_software.classification 
_software.compiler_name 
_software.compiler_version 
_software.contact_author 
_software.contact_author_email 
_software.date 
_software.description 
_software.dependencies 
_software.hardware 
_software.language 
_software.location 
_software.mods 
_software.name 
_software.os 
_software.os_version 
_software.type 
_software.version 
_software.pdbx_ordinal 
? 'data reduction'  ? ? 'Wolfgang Kabsch'    Wolfgang.Kabsch@mpimf-heidelberg.mpg.de ?              ? ? ? ?          
http://www.mpimf-heidelberg.mpg.de/~kabsch/xds/                             ? XDS         ? ? package .    1 
? 'data scaling'    ? ? 'Wolfgang Kabsch'    ?                                       ?              ? ? ? ?          
http://www.mpimf-heidelberg.mpg.de/~kabsch/xds/html_doc/xscale_program.html ? XSCALE      ? ? package .    2 
? phasing           ? ? 'Randy J. Read'      cimr-phaser@lists.cam.ac.uk             ?              ? ? ? ?          
http://www-structmed.cimr.cam.ac.uk/phaser/                                 ? PHASER      ? ? program .    3 
? refinement        ? ? 'Garib N. Murshudov' garib@ysbl.york.ac.uk                   ?              ? ? ? Fortran_77 
http://www.ccp4.ac.uk/dist/html/refmac5.html                                ? REFMAC      ? ? program .    4 
? 'data extraction' ? ? PDB                  deposit@deposit.rcsb.org                'Sep. 1, 2017' ? ? ? C++        
http://sw-tools.pdb.org/apps/PDB_EXTRACT/                                   ? PDB_EXTRACT ? ? package 3.24 5 
# 
_cell.angle_alpha                  90.000 
_cell.angle_alpha_esd              ? 
_cell.angle_beta                   90.000 
_cell.angle_beta_esd               ? 
_cell.angle_gamma                  90.000 
_cell.angle_gamma_esd              ? 
_cell.entry_id                     6I29 
_cell.details                      ? 
_cell.formula_units_Z              ? 
_cell.length_a                     121.883 
_cell.length_a_esd                 ? 
_cell.length_b                     121.883 
_cell.length_b_esd                 ? 
_cell.length_c                     121.883 
_cell.length_c_esd                 ? 
_cell.volume                       ? 
_cell.volume_esd                   ? 
_cell.Z_PDB                        48 
_cell.reciprocal_angle_alpha       ? 
_cell.reciprocal_angle_beta        ? 
_cell.reciprocal_angle_gamma       ? 
_cell.reciprocal_angle_alpha_esd   ? 
_cell.reciprocal_angle_beta_esd    ? 
_cell.reciprocal_angle_gamma_esd   ? 
_cell.reciprocal_length_a          ? 
_cell.reciprocal_length_b          ? 
_cell.reciprocal_length_c          ? 
_cell.reciprocal_length_a_esd      ? 
_cell.reciprocal_length_b_esd      ? 
_cell.reciprocal_length_c_esd      ? 
_cell.pdbx_unique_axis             ? 
# 
_symmetry.entry_id                         6I29 
_symmetry.cell_setting                     ? 
_symmetry.Int_Tables_number                214 
_symmetry.space_group_name_Hall            ? 
_symmetry.space_group_name_H-M             'I 41 3 2' 
_symmetry.pdbx_full_space_group_name_H-M   ? 
# 
_exptl.absorpt_coefficient_mu     ? 
_exptl.absorpt_correction_T_max   ? 
_exptl.absorpt_correction_T_min   ? 
_exptl.absorpt_correction_type    ? 
_exptl.absorpt_process_details    ? 
_exptl.entry_id                   6I29 
_exptl.crystals_number            1 
_exptl.details                    ? 
_exptl.method                     'X-RAY DIFFRACTION' 
_exptl.method_details             ? 
# 
_exptl_crystal.colour                      ? 
_exptl_crystal.density_diffrn              ? 
_exptl_crystal.density_Matthews            3.38 
_exptl_crystal.density_method              ? 
_exptl_crystal.density_percent_sol         63.62 
_exptl_crystal.description                 ? 
_exptl_crystal.F_000                       ? 
_exptl_crystal.id                          1 
_exptl_crystal.preparation                 ? 
_exptl_crystal.size_max                    ? 
_exptl_crystal.size_mid                    ? 
_exptl_crystal.size_min                    ? 
_exptl_crystal.size_rad                    ? 
_exptl_crystal.colour_lustre               ? 
_exptl_crystal.colour_modifier             ? 
_exptl_crystal.colour_primary              ? 
_exptl_crystal.density_meas                ? 
_exptl_crystal.density_meas_esd            ? 
_exptl_crystal.density_meas_gt             ? 
_exptl_crystal.density_meas_lt             ? 
_exptl_crystal.density_meas_temp           ? 
_exptl_crystal.density_meas_temp_esd       ? 
_exptl_crystal.density_meas_temp_gt        ? 
_exptl_crystal.density_meas_temp_lt        ? 
_exptl_crystal.pdbx_crystal_image_url      ? 
_exptl_crystal.pdbx_crystal_image_format   ? 
_exptl_crystal.pdbx_mosaicity              ? 
_exptl_crystal.pdbx_mosaicity_esd          ? 
# 
_exptl_crystal_grow.apparatus       ? 
_exptl_crystal_grow.atmosphere      ? 
_exptl_crystal_grow.crystal_id      1 
_exptl_crystal_grow.details         ? 
_exptl_crystal_grow.method          'VAPOR DIFFUSION, HANGING DROP' 
_exptl_crystal_grow.method_ref      ? 
_exptl_crystal_grow.pH              3.5 
_exptl_crystal_grow.pressure        ? 
_exptl_crystal_grow.pressure_esd    ? 
_exptl_crystal_grow.seeding         ? 
_exptl_crystal_grow.seeding_ref     ? 
_exptl_crystal_grow.temp            298 
_exptl_crystal_grow.temp_details    ? 
_exptl_crystal_grow.temp_esd        ? 
_exptl_crystal_grow.time            ? 
_exptl_crystal_grow.pdbx_details    '2.1M (NH4)SO4, 0.1M Citrate pH 3.5' 
_exptl_crystal_grow.pdbx_pH_range   ? 
# 
_diffrn.ambient_environment              ? 
_diffrn.ambient_temp                     100 
_diffrn.ambient_temp_details             ? 
_diffrn.ambient_temp_esd                 ? 
_diffrn.crystal_id                       1 
_diffrn.crystal_support                  ? 
_diffrn.crystal_treatment                ? 
_diffrn.details                          ? 
_diffrn.id                               1 
_diffrn.ambient_pressure                 ? 
_diffrn.ambient_pressure_esd             ? 
_diffrn.ambient_pressure_gt              ? 
_diffrn.ambient_pressure_lt              ? 
_diffrn.ambient_temp_gt                  ? 
_diffrn.ambient_temp_lt                  ? 
_diffrn.pdbx_serial_crystal_experiment   N 
# 
_diffrn_detector.details                      ? 
_diffrn_detector.detector                     PIXEL 
_diffrn_detector.diffrn_id                    1 
_diffrn_detector.type                         'PSI PILATUS 6M' 
_diffrn_detector.area_resol_mean              ? 
_diffrn_detector.dtime                        ? 
_diffrn_detector.pdbx_frames_total            ? 
_diffrn_detector.pdbx_collection_time_total   ? 
_diffrn_detector.pdbx_collection_date         2011-05-06 
_diffrn_detector.pdbx_frequency               ? 
# 
_diffrn_radiation.collimation                      ? 
_diffrn_radiation.diffrn_id                        1 
_diffrn_radiation.filter_edge                      ? 
_diffrn_radiation.inhomogeneity                    ? 
_diffrn_radiation.monochromator                    'SI 111 channel' 
_diffrn_radiation.polarisn_norm                    ? 
_diffrn_radiation.polarisn_ratio                   ? 
_diffrn_radiation.probe                            ? 
_diffrn_radiation.type                             ? 
_diffrn_radiation.xray_symbol                      ? 
_diffrn_radiation.wavelength_id                    1 
_diffrn_radiation.pdbx_monochromatic_or_laue_m_l   M 
_diffrn_radiation.pdbx_wavelength_list             ? 
_diffrn_radiation.pdbx_wavelength                  ? 
_diffrn_radiation.pdbx_diffrn_protocol             'SINGLE WAVELENGTH' 
_diffrn_radiation.pdbx_analyzer                    ? 
_diffrn_radiation.pdbx_scattering_type             x-ray 
# 
_diffrn_radiation_wavelength.id           1 
_diffrn_radiation_wavelength.wavelength   1.00070 
_diffrn_radiation_wavelength.wt           1.0 
# 
_diffrn_source.current                     ? 
_diffrn_source.details                     ? 
_diffrn_source.diffrn_id                   1 
_diffrn_source.power                       ? 
_diffrn_source.size                        ? 
_diffrn_source.source                      SYNCHROTRON 
_diffrn_source.target                      ? 
_diffrn_source.type                        'SLS BEAMLINE X10SA' 
_diffrn_source.voltage                     ? 
_diffrn_source.take-off_angle              ? 
_diffrn_source.pdbx_wavelength_list        1.00070 
_diffrn_source.pdbx_wavelength             ? 
_diffrn_source.pdbx_synchrotron_beamline   X10SA 
_diffrn_source.pdbx_synchrotron_site       SLS 
# 
_reflns.B_iso_Wilson_estimate            46.800 
_reflns.entry_id                         6I29 
_reflns.data_reduction_details           ? 
_reflns.data_reduction_method            ? 
_reflns.d_resolution_high                2.100 
_reflns.d_resolution_low                 19.270 
_reflns.details                          ? 
_reflns.limit_h_max                      ? 
_reflns.limit_h_min                      ? 
_reflns.limit_k_max                      ? 
_reflns.limit_k_min                      ? 
_reflns.limit_l_max                      ? 
_reflns.limit_l_min                      ? 
_reflns.number_all                       ? 
_reflns.number_obs                       9337 
_reflns.observed_criterion               ? 
_reflns.observed_criterion_F_max         ? 
_reflns.observed_criterion_F_min         ? 
_reflns.observed_criterion_I_max         ? 
_reflns.observed_criterion_I_min         ? 
_reflns.observed_criterion_sigma_F       ? 
_reflns.observed_criterion_sigma_I       ? 
_reflns.percent_possible_obs             99.800 
_reflns.R_free_details                   ? 
_reflns.Rmerge_F_all                     ? 
_reflns.Rmerge_F_obs                     ? 
_reflns.Friedel_coverage                 ? 
_reflns.number_gt                        ? 
_reflns.threshold_expression             ? 
_reflns.pdbx_redundancy                  36.500 
_reflns.pdbx_Rmerge_I_obs                0.057 
_reflns.pdbx_Rmerge_I_all                ? 
_reflns.pdbx_Rsym_value                  ? 
_reflns.pdbx_netI_over_av_sigmaI         ? 
_reflns.pdbx_netI_over_sigmaI            45.100 
_reflns.pdbx_res_netI_over_av_sigmaI_2   ? 
_reflns.pdbx_res_netI_over_sigmaI_2      ? 
_reflns.pdbx_chi_squared                 ? 
_reflns.pdbx_scaling_rejects             ? 
_reflns.pdbx_d_res_high_opt              ? 
_reflns.pdbx_d_res_low_opt               ? 
_reflns.pdbx_d_res_opt_method            ? 
_reflns.phase_calculation_details        ? 
_reflns.pdbx_Rrim_I_all                  0.058 
_reflns.pdbx_Rpim_I_all                  0.022 
_reflns.pdbx_d_opt                       ? 
_reflns.pdbx_number_measured_all         ? 
_reflns.pdbx_diffrn_id                   1 
_reflns.pdbx_ordinal                     1 
_reflns.pdbx_CC_half                     ? 
_reflns.pdbx_R_split                     ? 
# 
_reflns_shell.d_res_high                  2.100 
_reflns_shell.d_res_low                   2.15 
_reflns_shell.meanI_over_sigI_all         ? 
_reflns_shell.meanI_over_sigI_obs         11.300 
_reflns_shell.number_measured_all         ? 
_reflns_shell.number_measured_obs         ? 
_reflns_shell.number_possible             ? 
_reflns_shell.number_unique_all           ? 
_reflns_shell.number_unique_obs           ? 
_reflns_shell.percent_possible_all        100.000 
_reflns_shell.percent_possible_obs        ? 
_reflns_shell.Rmerge_F_all                ? 
_reflns_shell.Rmerge_F_obs                ? 
_reflns_shell.Rmerge_I_all                ? 
_reflns_shell.Rmerge_I_obs                0.361 
_reflns_shell.meanI_over_sigI_gt          ? 
_reflns_shell.meanI_over_uI_all           ? 
_reflns_shell.meanI_over_uI_gt            ? 
_reflns_shell.number_measured_gt          ? 
_reflns_shell.number_unique_gt            ? 
_reflns_shell.percent_possible_gt         ? 
_reflns_shell.Rmerge_F_gt                 ? 
_reflns_shell.Rmerge_I_gt                 ? 
_reflns_shell.pdbx_redundancy             38.400 
_reflns_shell.pdbx_Rsym_value             ? 
_reflns_shell.pdbx_chi_squared            ? 
_reflns_shell.pdbx_netI_over_sigmaI_all   ? 
_reflns_shell.pdbx_netI_over_sigmaI_obs   ? 
_reflns_shell.pdbx_Rrim_I_all             0.366 
_reflns_shell.pdbx_Rpim_I_all             0.118 
_reflns_shell.pdbx_rejects                ? 
_reflns_shell.pdbx_ordinal                1 
_reflns_shell.pdbx_diffrn_id              1 
_reflns_shell.pdbx_CC_half                ? 
_reflns_shell.pdbx_R_split                ? 
# 
_refine.aniso_B[1][1]                            ? 
_refine.aniso_B[1][2]                            ? 
_refine.aniso_B[1][3]                            ? 
_refine.aniso_B[2][2]                            ? 
_refine.aniso_B[2][3]                            ? 
_refine.aniso_B[3][3]                            ? 
_refine.B_iso_max                                73.180 
_refine.B_iso_mean                               43.3730 
_refine.B_iso_min                                26.440 
_refine.correlation_coeff_Fo_to_Fc               0.9340 
_refine.correlation_coeff_Fo_to_Fc_free          0.8970 
_refine.details                                  
'HYDROGENS HAVE BEEN ADDED IN THE RIDING POSITIONS U VALUES      : REFINED INDIVIDUALLY' 
_refine.diff_density_max                         ? 
_refine.diff_density_max_esd                     ? 
_refine.diff_density_min                         ? 
_refine.diff_density_min_esd                     ? 
_refine.diff_density_rms                         ? 
_refine.diff_density_rms_esd                     ? 
_refine.entry_id                                 6I29 
_refine.pdbx_refine_id                           'X-RAY DIFFRACTION' 
_refine.ls_abs_structure_details                 ? 
_refine.ls_abs_structure_Flack                   ? 
_refine.ls_abs_structure_Flack_esd               ? 
_refine.ls_abs_structure_Rogers                  ? 
_refine.ls_abs_structure_Rogers_esd              ? 
_refine.ls_d_res_high                            2.1000 
_refine.ls_d_res_low                             19.2700 
_refine.ls_extinction_coef                       ? 
_refine.ls_extinction_coef_esd                   ? 
_refine.ls_extinction_expression                 ? 
_refine.ls_extinction_method                     ? 
_refine.ls_goodness_of_fit_all                   ? 
_refine.ls_goodness_of_fit_all_esd               ? 
_refine.ls_goodness_of_fit_obs                   ? 
_refine.ls_goodness_of_fit_obs_esd               ? 
_refine.ls_hydrogen_treatment                    ? 
_refine.ls_matrix_type                           ? 
_refine.ls_number_constraints                    ? 
_refine.ls_number_parameters                     ? 
_refine.ls_number_reflns_all                     ? 
_refine.ls_number_reflns_obs                     8869 
_refine.ls_number_reflns_R_free                  466 
_refine.ls_number_reflns_R_work                  ? 
_refine.ls_number_restraints                     ? 
_refine.ls_percent_reflns_obs                    100.0000 
_refine.ls_percent_reflns_R_free                 5.0000 
_refine.ls_R_factor_all                          ? 
_refine.ls_R_factor_obs                          0.2444 
_refine.ls_R_factor_R_free                       0.2772 
_refine.ls_R_factor_R_free_error                 ? 
_refine.ls_R_factor_R_free_error_details         ? 
_refine.ls_R_factor_R_work                       0.2428 
_refine.ls_R_Fsqd_factor_obs                     ? 
_refine.ls_R_I_factor_obs                        ? 
_refine.ls_redundancy_reflns_all                 ? 
_refine.ls_redundancy_reflns_obs                 ? 
_refine.ls_restrained_S_all                      ? 
_refine.ls_restrained_S_obs                      ? 
_refine.ls_shift_over_esd_max                    ? 
_refine.ls_shift_over_esd_mean                   ? 
_refine.ls_structure_factor_coef                 ? 
_refine.ls_weighting_details                     ? 
_refine.ls_weighting_scheme                      ? 
_refine.ls_wR_factor_all                         ? 
_refine.ls_wR_factor_obs                         ? 
_refine.ls_wR_factor_R_free                      ? 
_refine.ls_wR_factor_R_work                      ? 
_refine.occupancy_max                            ? 
_refine.occupancy_min                            ? 
_refine.solvent_model_details                    ? 
_refine.solvent_model_param_bsol                 ? 
_refine.solvent_model_param_ksol                 ? 
_refine.ls_R_factor_gt                           ? 
_refine.ls_goodness_of_fit_gt                    ? 
_refine.ls_goodness_of_fit_ref                   ? 
_refine.ls_shift_over_su_max                     ? 
_refine.ls_shift_over_su_max_lt                  ? 
_refine.ls_shift_over_su_mean                    ? 
_refine.ls_shift_over_su_mean_lt                 ? 
_refine.pdbx_ls_sigma_I                          ? 
_refine.pdbx_ls_sigma_F                          0.000 
_refine.pdbx_ls_sigma_Fsqd                       ? 
_refine.pdbx_data_cutoff_high_absF               ? 
_refine.pdbx_data_cutoff_high_rms_absF           ? 
_refine.pdbx_data_cutoff_low_absF                ? 
_refine.pdbx_isotropic_thermal_model             ? 
_refine.pdbx_ls_cross_valid_method               THROUGHOUT 
_refine.pdbx_method_to_determine_struct          'MOLECULAR REPLACEMENT' 
_refine.pdbx_starting_model                      4DIJ 
_refine.pdbx_stereochemistry_target_values       ? 
_refine.pdbx_R_Free_selection_details            RANDOM 
_refine.pdbx_stereochem_target_val_spec_case     ? 
_refine.pdbx_overall_ESU_R                       0.2070 
_refine.pdbx_overall_ESU_R_Free                  0.1850 
_refine.pdbx_solvent_vdw_probe_radii             1.2000 
_refine.pdbx_solvent_ion_probe_radii             0.8000 
_refine.pdbx_solvent_shrinkage_radii             0.8000 
_refine.pdbx_real_space_R                        ? 
_refine.pdbx_density_correlation                 ? 
_refine.pdbx_pd_number_of_powder_patterns        ? 
_refine.pdbx_pd_number_of_points                 ? 
_refine.pdbx_pd_meas_number_of_points            ? 
_refine.pdbx_pd_proc_ls_prof_R_factor            ? 
_refine.pdbx_pd_proc_ls_prof_wR_factor           ? 
_refine.pdbx_pd_Marquardt_correlation_coeff      ? 
_refine.pdbx_pd_Fsqrd_R_factor                   ? 
_refine.pdbx_pd_ls_matrix_band_width             ? 
_refine.pdbx_overall_phase_error                 ? 
_refine.pdbx_overall_SU_R_free_Cruickshank_DPI   ? 
_refine.pdbx_overall_SU_R_free_Blow_DPI          ? 
_refine.pdbx_overall_SU_R_Blow_DPI               ? 
_refine.pdbx_TLS_residual_ADP_flag               ? 
_refine.pdbx_diffrn_id                           1 
_refine.overall_SU_B                             4.1250 
_refine.overall_SU_ML                            0.1140 
_refine.overall_SU_R_Cruickshank_DPI             0.2067 
_refine.overall_SU_R_free                        ? 
_refine.overall_FOM_free_R_set                   ? 
_refine.overall_FOM_work_R_set                   ? 
_refine.pdbx_average_fsc_overall                 ? 
_refine.pdbx_average_fsc_work                    ? 
_refine.pdbx_average_fsc_free                    ? 
# 
_refine_hist.cycle_id                         final 
_refine_hist.pdbx_refine_id                   'X-RAY DIFFRACTION' 
_refine_hist.d_res_high                       2.1000 
_refine_hist.d_res_low                        19.2700 
_refine_hist.pdbx_number_atoms_ligand         52 
_refine_hist.number_atoms_solvent             45 
_refine_hist.number_atoms_total               861 
_refine_hist.pdbx_number_residues_total       93 
_refine_hist.pdbx_B_iso_mean_ligand           36.51 
_refine_hist.pdbx_B_iso_mean_solvent          48.14 
_refine_hist.pdbx_number_atoms_protein        764 
_refine_hist.pdbx_number_atoms_nucleic_acid   0 
# 
loop_
_refine_ls_restr.pdbx_refine_id 
_refine_ls_restr.criterion 
_refine_ls_restr.dev_ideal 
_refine_ls_restr.dev_ideal_target 
_refine_ls_restr.number 
_refine_ls_restr.rejects 
_refine_ls_restr.type 
_refine_ls_restr.weight 
_refine_ls_restr.pdbx_restraint_function 
'X-RAY DIFFRACTION' ? 0.008  0.022  838  ? r_bond_refined_d       ? ? 
'X-RAY DIFFRACTION' ? 1.049  2.070  1136 ? r_angle_refined_deg    ? ? 
'X-RAY DIFFRACTION' ? 5.207  5.000  92   ? r_dihedral_angle_1_deg ? ? 
'X-RAY DIFFRACTION' ? 40.771 23.939 33   ? r_dihedral_angle_2_deg ? ? 
'X-RAY DIFFRACTION' ? 14.443 15.000 152  ? r_dihedral_angle_3_deg ? ? 
'X-RAY DIFFRACTION' ? 8.684  15.000 4    ? r_dihedral_angle_4_deg ? ? 
'X-RAY DIFFRACTION' ? 0.073  0.200  123  ? r_chiral_restr         ? ? 
'X-RAY DIFFRACTION' ? 0.005  0.021  615  ? r_gen_planes_refined   ? ? 
# 
_refine_ls_shell.pdbx_refine_id                   'X-RAY DIFFRACTION' 
_refine_ls_shell.d_res_high                       2.1000 
_refine_ls_shell.d_res_low                        2.1540 
_refine_ls_shell.number_reflns_all                679 
_refine_ls_shell.number_reflns_obs                ? 
_refine_ls_shell.number_reflns_R_free             34 
_refine_ls_shell.number_reflns_R_work             645 
_refine_ls_shell.percent_reflns_obs               100.0000 
_refine_ls_shell.percent_reflns_R_free            ? 
_refine_ls_shell.R_factor_all                     ? 
_refine_ls_shell.R_factor_obs                     ? 
_refine_ls_shell.R_factor_R_free                  0.2700 
_refine_ls_shell.R_factor_R_free_error            0.0000 
_refine_ls_shell.R_factor_R_work                  0.2580 
_refine_ls_shell.redundancy_reflns_all            ? 
_refine_ls_shell.redundancy_reflns_obs            ? 
_refine_ls_shell.wR_factor_all                    ? 
_refine_ls_shell.wR_factor_obs                    ? 
_refine_ls_shell.wR_factor_R_free                 ? 
_refine_ls_shell.wR_factor_R_work                 ? 
_refine_ls_shell.pdbx_total_number_of_bins_used   20 
_refine_ls_shell.pdbx_phase_error                 ? 
_refine_ls_shell.pdbx_fsc_work                    ? 
_refine_ls_shell.pdbx_fsc_free                    ? 
# 
_struct.entry_id                     6I29 
_struct.title                        'X-ray structure of the p53-MDM2 inhibitor NMI801 bound to HDM2 at 2.1A resolution' 
_struct.pdbx_model_details           ? 
_struct.pdbx_formula_weight          ? 
_struct.pdbx_formula_weight_method   ? 
_struct.pdbx_model_type_details      ? 
_struct.pdbx_CASP_flag               N 
# 
_struct_keywords.entry_id        6I29 
_struct_keywords.text            'LEAD OPTIMIZATION, LIGASE' 
_struct_keywords.pdbx_keywords   LIGASE 
# 
loop_
_struct_asym.id 
_struct_asym.pdbx_blank_PDB_chainid_flag 
_struct_asym.pdbx_modified 
_struct_asym.entity_id 
_struct_asym.details 
A N N 1 ? 
B N N 2 ? 
C N N 3 ? 
# 
_struct_ref.id                         1 
_struct_ref.db_name                    UNP 
_struct_ref.db_code                    MDM2_HUMAN 
_struct_ref.pdbx_db_accession          Q00987 
_struct_ref.pdbx_db_isoform            Q00987-11 
_struct_ref.entity_id                  1 
_struct_ref.pdbx_seq_one_letter_code   
;SQIPASEQETLVRPKPLLLKLLKSVGAQKDTYTMKEVLFYLGQYIMTKRLYDEKQQHIVYCSNDLLGDLFGVPSFSVKEH
RKIYTMIYRNLVVVN
;
_struct_ref.pdbx_align_begin           23 
# 
_struct_ref_seq.align_id                      1 
_struct_ref_seq.ref_id                        1 
_struct_ref_seq.pdbx_PDB_id_code              6I29 
_struct_ref_seq.pdbx_strand_id                A 
_struct_ref_seq.seq_align_beg                 2 
_struct_ref_seq.pdbx_seq_align_beg_ins_code   ? 
_struct_ref_seq.seq_align_end                 96 
_struct_ref_seq.pdbx_seq_align_end_ins_code   ? 
_struct_ref_seq.pdbx_db_accession             Q00987 
_struct_ref_seq.db_align_beg                  23 
_struct_ref_seq.pdbx_db_align_beg_ins_code    ? 
_struct_ref_seq.db_align_end                  117 
_struct_ref_seq.pdbx_db_align_end_ins_code    ? 
_struct_ref_seq.pdbx_auth_seq_align_beg       17 
_struct_ref_seq.pdbx_auth_seq_align_end       111 
# 
_struct_ref_seq_dif.align_id                     1 
_struct_ref_seq_dif.pdbx_pdb_id_code             6I29 
_struct_ref_seq_dif.mon_id                       GLY 
_struct_ref_seq_dif.pdbx_pdb_strand_id           A 
_struct_ref_seq_dif.seq_num                      1 
_struct_ref_seq_dif.pdbx_pdb_ins_code            ? 
_struct_ref_seq_dif.pdbx_seq_db_name             UNP 
_struct_ref_seq_dif.pdbx_seq_db_accession_code   Q00987 
_struct_ref_seq_dif.db_mon_id                    ? 
_struct_ref_seq_dif.pdbx_seq_db_seq_num          ? 
_struct_ref_seq_dif.details                      'expression tag' 
_struct_ref_seq_dif.pdbx_auth_seq_num            16 
_struct_ref_seq_dif.pdbx_ordinal                 1 
# 
_pdbx_struct_assembly.id                   1 
_pdbx_struct_assembly.details              software_defined_assembly 
_pdbx_struct_assembly.method_details       PISA 
_pdbx_struct_assembly.oligomeric_details   dimeric 
_pdbx_struct_assembly.oligomeric_count     2 
# 
loop_
_pdbx_struct_assembly_prop.biol_id 
_pdbx_struct_assembly_prop.type 
_pdbx_struct_assembly_prop.value 
_pdbx_struct_assembly_prop.details 
1 'ABSA (A^2)' 1640  ? 
1 MORE         -9    ? 
1 'SSA (A^2)'  11140 ? 
# 
_pdbx_struct_assembly_gen.assembly_id       1 
_pdbx_struct_assembly_gen.oper_expression   1,2 
_pdbx_struct_assembly_gen.asym_id_list      A,B,C 
# 
_pdbx_struct_assembly_auth_evidence.id                     1 
_pdbx_struct_assembly_auth_evidence.assembly_id            1 
_pdbx_struct_assembly_auth_evidence.experimental_support   none 
_pdbx_struct_assembly_auth_evidence.details                ? 
# 
loop_
_pdbx_struct_oper_list.id 
_pdbx_struct_oper_list.type 
_pdbx_struct_oper_list.name 
_pdbx_struct_oper_list.symmetry_operation 
_pdbx_struct_oper_list.matrix[1][1] 
_pdbx_struct_oper_list.matrix[1][2] 
_pdbx_struct_oper_list.matrix[1][3] 
_pdbx_struct_oper_list.vector[1] 
_pdbx_struct_oper_list.matrix[2][1] 
_pdbx_struct_oper_list.matrix[2][2] 
_pdbx_struct_oper_list.matrix[2][3] 
_pdbx_struct_oper_list.vector[2] 
_pdbx_struct_oper_list.matrix[3][1] 
_pdbx_struct_oper_list.matrix[3][2] 
_pdbx_struct_oper_list.matrix[3][3] 
_pdbx_struct_oper_list.vector[3] 
1 'identity operation'         1_555  x,y,z       1.0000000000  0.0000000000 0.0000000000  0.0000000000  0.0000000000 1.0000000000  0.0000000000  0.0000000000   0.0000000000  0.0000000000  1.0000000000 0.0000000000   
2 'crystal symmetry operation' 26_555 -x,-y+1/2,z -0.6531835239 0.2290888161 -0.7217129612 -3.8532593970 0.2290888161 -0.8486759157 -0.4767258169 -32.9990793921 -0.7217129612 -0.4767258169 0.5018594395 -12.3263601393 
# 
loop_
_struct_conf.conf_type_id 
_struct_conf.id 
_struct_conf.pdbx_PDB_helix_id 
_struct_conf.beg_label_comp_id 
_struct_conf.beg_label_asym_id 
_struct_conf.beg_label_seq_id 
_struct_conf.pdbx_beg_PDB_ins_code 
_struct_conf.end_label_comp_id 
_struct_conf.end_label_asym_id 
_struct_conf.end_label_seq_id 
_struct_conf.pdbx_end_PDB_ins_code 
_struct_conf.beg_auth_comp_id 
_struct_conf.beg_auth_asym_id 
_struct_conf.beg_auth_seq_id 
_struct_conf.end_auth_comp_id 
_struct_conf.end_auth_asym_id 
_struct_conf.end_auth_seq_id 
_struct_conf.pdbx_PDB_helix_class 
_struct_conf.details 
_struct_conf.pdbx_PDB_helix_length 
HELX_P HELX_P1 AA1 PRO A 5  ? GLN A 9  ? PRO A 20 GLN A 24  5 ? 5  
HELX_P HELX_P2 AA2 LYS A 16 ? SER A 25 ? LYS A 31 SER A 40  1 ? 10 
HELX_P HELX_P3 AA3 THR A 34 ? LYS A 49 ? THR A 49 LYS A 64  1 ? 16 
HELX_P HELX_P4 AA4 ASP A 65 ? GLY A 72 ? ASP A 80 GLY A 87  1 ? 8  
HELX_P HELX_P5 AA5 GLU A 80 ? ARG A 90 ? GLU A 95 ARG A 105 1 ? 11 
# 
_struct_conf_type.id          HELX_P 
_struct_conf_type.criteria    ? 
_struct_conf_type.reference   ? 
# 
_struct_sheet.id               AA1 
_struct_sheet.type             ? 
_struct_sheet.number_strands   2 
_struct_sheet.details          ? 
# 
_struct_sheet_order.sheet_id     AA1 
_struct_sheet_order.range_id_1   1 
_struct_sheet_order.range_id_2   2 
_struct_sheet_order.offset       ? 
_struct_sheet_order.sense        anti-parallel 
# 
loop_
_struct_sheet_range.sheet_id 
_struct_sheet_range.id 
_struct_sheet_range.beg_label_comp_id 
_struct_sheet_range.beg_label_asym_id 
_struct_sheet_range.beg_label_seq_id 
_struct_sheet_range.pdbx_beg_PDB_ins_code 
_struct_sheet_range.end_label_comp_id 
_struct_sheet_range.end_label_asym_id 
_struct_sheet_range.end_label_seq_id 
_struct_sheet_range.pdbx_end_PDB_ins_code 
_struct_sheet_range.beg_auth_comp_id 
_struct_sheet_range.beg_auth_asym_id 
_struct_sheet_range.beg_auth_seq_id 
_struct_sheet_range.end_auth_comp_id 
_struct_sheet_range.end_auth_asym_id 
_struct_sheet_range.end_auth_seq_id 
AA1 1 ILE A 59 ? TYR A 61 ? ILE A 74 TYR A 76 
AA1 2 SER A 75 ? SER A 77 ? SER A 90 SER A 92 
# 
_pdbx_struct_sheet_hbond.sheet_id                AA1 
_pdbx_struct_sheet_hbond.range_id_1              1 
_pdbx_struct_sheet_hbond.range_id_2              2 
_pdbx_struct_sheet_hbond.range_1_label_atom_id   N 
_pdbx_struct_sheet_hbond.range_1_label_comp_id   VAL 
_pdbx_struct_sheet_hbond.range_1_label_asym_id   A 
_pdbx_struct_sheet_hbond.range_1_label_seq_id    60 
_pdbx_struct_sheet_hbond.range_1_PDB_ins_code    ? 
_pdbx_struct_sheet_hbond.range_1_auth_atom_id    N 
_pdbx_struct_sheet_hbond.range_1_auth_comp_id    VAL 
_pdbx_struct_sheet_hbond.range_1_auth_asym_id    A 
_pdbx_struct_sheet_hbond.range_1_auth_seq_id     75 
_pdbx_struct_sheet_hbond.range_2_label_atom_id   O 
_pdbx_struct_sheet_hbond.range_2_label_comp_id   PHE 
_pdbx_struct_sheet_hbond.range_2_label_asym_id   A 
_pdbx_struct_sheet_hbond.range_2_label_seq_id    76 
_pdbx_struct_sheet_hbond.range_2_PDB_ins_code    ? 
_pdbx_struct_sheet_hbond.range_2_auth_atom_id    O 
_pdbx_struct_sheet_hbond.range_2_auth_comp_id    PHE 
_pdbx_struct_sheet_hbond.range_2_auth_asym_id    A 
_pdbx_struct_sheet_hbond.range_2_auth_seq_id     91 
# 
_struct_site.id                   AC1 
_struct_site.pdbx_evidence_code   Software 
_struct_site.pdbx_auth_asym_id    A 
_struct_site.pdbx_auth_comp_id    H0W 
_struct_site.pdbx_auth_seq_id     201 
_struct_site.pdbx_auth_ins_code   ? 
_struct_site.pdbx_num_residues    15 
_struct_site.details              'binding site for residue H0W A 201' 
# 
loop_
_struct_site_gen.id 
_struct_site_gen.site_id 
_struct_site_gen.pdbx_num_res 
_struct_site_gen.label_comp_id 
_struct_site_gen.label_asym_id 
_struct_site_gen.label_seq_id 
_struct_site_gen.pdbx_auth_ins_code 
_struct_site_gen.auth_comp_id 
_struct_site_gen.auth_asym_id 
_struct_site_gen.auth_seq_id 
_struct_site_gen.label_atom_id 
_struct_site_gen.label_alt_id 
_struct_site_gen.symmetry 
_struct_site_gen.details 
1  AC1 15 GLN A 29 ? GLN A 44  . ? 42_454 ? 
2  AC1 15 LYS A 36 ? LYS A 51  . ? 42_454 ? 
3  AC1 15 GLU A 37 ? GLU A 52  . ? 42_454 ? 
4  AC1 15 LEU A 39 ? LEU A 54  . ? 1_555  ? 
5  AC1 15 PHE A 40 ? PHE A 55  . ? 42_454 ? 
6  AC1 15 TYR A 41 ? TYR A 56  . ? 42_454 ? 
7  AC1 15 LEU A 42 ? LEU A 57  . ? 1_555  ? 
8  AC1 15 GLY A 43 ? GLY A 58  . ? 1_555  ? 
9  AC1 15 ILE A 46 ? ILE A 61  . ? 1_555  ? 
10 AC1 15 MET A 47 ? MET A 62  . ? 1_555  ? 
11 AC1 15 GLN A 57 ? GLN A 72  . ? 1_555  ? 
12 AC1 15 VAL A 78 ? VAL A 93  . ? 1_555  ? 
13 AC1 15 HIS A 81 ? HIS A 96  . ? 1_555  ? 
14 AC1 15 ILE A 84 ? ILE A 99  . ? 1_555  ? 
15 AC1 15 HOH C .  ? HOH A 319 . ? 1_555  ? 
# 
loop_
_pdbx_struct_special_symmetry.id 
_pdbx_struct_special_symmetry.PDB_model_num 
_pdbx_struct_special_symmetry.auth_asym_id 
_pdbx_struct_special_symmetry.auth_comp_id 
_pdbx_struct_special_symmetry.auth_seq_id 
_pdbx_struct_special_symmetry.PDB_ins_code 
_pdbx_struct_special_symmetry.label_asym_id 
_pdbx_struct_special_symmetry.label_comp_id 
_pdbx_struct_special_symmetry.label_seq_id 
1 1 A HOH 301 ? C HOH . 
2 1 A HOH 312 ? C HOH . 
3 1 A HOH 315 ? C HOH . 
4 1 A HOH 326 ? C HOH . 
5 1 A HOH 330 ? C HOH . 
# 
_phasing.method   MR 
# 
loop_
_pdbx_unobs_or_zero_occ_residues.id 
_pdbx_unobs_or_zero_occ_residues.PDB_model_num 
_pdbx_unobs_or_zero_occ_residues.polymer_flag 
_pdbx_unobs_or_zero_occ_residues.occupancy_flag 
_pdbx_unobs_or_zero_occ_residues.auth_asym_id 
_pdbx_unobs_or_zero_occ_residues.auth_comp_id 
_pdbx_unobs_or_zero_occ_residues.auth_seq_id 
_pdbx_unobs_or_zero_occ_residues.PDB_ins_code 
_pdbx_unobs_or_zero_occ_residues.label_asym_id 
_pdbx_unobs_or_zero_occ_residues.label_comp_id 
_pdbx_unobs_or_zero_occ_residues.label_seq_id 
1 1 Y 1 A GLY 16 ? A GLY 1 
2 1 Y 1 A SER 17 ? A SER 2 
3 1 Y 1 A GLN 18 ? A GLN 3 
# 
loop_
_chem_comp_atom.comp_id 
_chem_comp_atom.atom_id 
_chem_comp_atom.type_symbol 
_chem_comp_atom.pdbx_aromatic_flag 
_chem_comp_atom.pdbx_stereo_config 
_chem_comp_atom.pdbx_ordinal 
ALA N    N  N N 1   
ALA CA   C  N S 2   
ALA C    C  N N 3   
ALA O    O  N N 4   
ALA CB   C  N N 5   
ALA OXT  O  N N 6   
ALA H    H  N N 7   
ALA H2   H  N N 8   
ALA HA   H  N N 9   
ALA HB1  H  N N 10  
ALA HB2  H  N N 11  
ALA HB3  H  N N 12  
ALA HXT  H  N N 13  
ARG N    N  N N 14  
ARG CA   C  N S 15  
ARG C    C  N N 16  
ARG O    O  N N 17  
ARG CB   C  N N 18  
ARG CG   C  N N 19  
ARG CD   C  N N 20  
ARG NE   N  N N 21  
ARG CZ   C  N N 22  
ARG NH1  N  N N 23  
ARG NH2  N  N N 24  
ARG OXT  O  N N 25  
ARG H    H  N N 26  
ARG H2   H  N N 27  
ARG HA   H  N N 28  
ARG HB2  H  N N 29  
ARG HB3  H  N N 30  
ARG HG2  H  N N 31  
ARG HG3  H  N N 32  
ARG HD2  H  N N 33  
ARG HD3  H  N N 34  
ARG HE   H  N N 35  
ARG HH11 H  N N 36  
ARG HH12 H  N N 37  
ARG HH21 H  N N 38  
ARG HH22 H  N N 39  
ARG HXT  H  N N 40  
ASN N    N  N N 41  
ASN CA   C  N S 42  
ASN C    C  N N 43  
ASN O    O  N N 44  
ASN CB   C  N N 45  
ASN CG   C  N N 46  
ASN OD1  O  N N 47  
ASN ND2  N  N N 48  
ASN OXT  O  N N 49  
ASN H    H  N N 50  
ASN H2   H  N N 51  
ASN HA   H  N N 52  
ASN HB2  H  N N 53  
ASN HB3  H  N N 54  
ASN HD21 H  N N 55  
ASN HD22 H  N N 56  
ASN HXT  H  N N 57  
ASP N    N  N N 58  
ASP CA   C  N S 59  
ASP C    C  N N 60  
ASP O    O  N N 61  
ASP CB   C  N N 62  
ASP CG   C  N N 63  
ASP OD1  O  N N 64  
ASP OD2  O  N N 65  
ASP OXT  O  N N 66  
ASP H    H  N N 67  
ASP H2   H  N N 68  
ASP HA   H  N N 69  
ASP HB2  H  N N 70  
ASP HB3  H  N N 71  
ASP HD2  H  N N 72  
ASP HXT  H  N N 73  
CYS N    N  N N 74  
CYS CA   C  N R 75  
CYS C    C  N N 76  
CYS O    O  N N 77  
CYS CB   C  N N 78  
CYS SG   S  N N 79  
CYS OXT  O  N N 80  
CYS H    H  N N 81  
CYS H2   H  N N 82  
CYS HA   H  N N 83  
CYS HB2  H  N N 84  
CYS HB3  H  N N 85  
CYS HG   H  N N 86  
CYS HXT  H  N N 87  
GLN N    N  N N 88  
GLN CA   C  N S 89  
GLN C    C  N N 90  
GLN O    O  N N 91  
GLN CB   C  N N 92  
GLN CG   C  N N 93  
GLN CD   C  N N 94  
GLN OE1  O  N N 95  
GLN NE2  N  N N 96  
GLN OXT  O  N N 97  
GLN H    H  N N 98  
GLN H2   H  N N 99  
GLN HA   H  N N 100 
GLN HB2  H  N N 101 
GLN HB3  H  N N 102 
GLN HG2  H  N N 103 
GLN HG3  H  N N 104 
GLN HE21 H  N N 105 
GLN HE22 H  N N 106 
GLN HXT  H  N N 107 
GLU N    N  N N 108 
GLU CA   C  N S 109 
GLU C    C  N N 110 
GLU O    O  N N 111 
GLU CB   C  N N 112 
GLU CG   C  N N 113 
GLU CD   C  N N 114 
GLU OE1  O  N N 115 
GLU OE2  O  N N 116 
GLU OXT  O  N N 117 
GLU H    H  N N 118 
GLU H2   H  N N 119 
GLU HA   H  N N 120 
GLU HB2  H  N N 121 
GLU HB3  H  N N 122 
GLU HG2  H  N N 123 
GLU HG3  H  N N 124 
GLU HE2  H  N N 125 
GLU HXT  H  N N 126 
GLY N    N  N N 127 
GLY CA   C  N N 128 
GLY C    C  N N 129 
GLY O    O  N N 130 
GLY OXT  O  N N 131 
GLY H    H  N N 132 
GLY H2   H  N N 133 
GLY HA2  H  N N 134 
GLY HA3  H  N N 135 
GLY HXT  H  N N 136 
H0W C2   C  Y N 137 
H0W C3   C  Y N 138 
H0W C41  C  Y N 139 
H0W C43  C  Y N 140 
H0W C45  C  Y N 141 
H0W C48  C  N N 142 
H0W C51  C  N N 143 
H0W C56  C  N N 144 
H0W C59  C  N N 145 
H0W C12  C  N S 146 
H0W C15  C  Y N 147 
H0W C18  C  Y N 148 
H0W C19  C  Y N 149 
H0W C20  C  Y N 150 
H0W C21  C  Y N 151 
H0W C24  C  Y N 152 
H0W C25  C  Y N 153 
H0W C26  C  Y N 154 
H0W C28  C  Y N 155 
H0W C30  C  Y N 156 
H0W C4   C  Y N 157 
H0W C6   C  Y N 158 
H0W C8   C  Y N 159 
H0W C9   C  Y N 160 
H0W CL1  CL N N 161 
H0W N14  N  Y N 162 
H0W N17  N  Y N 163 
H0W N22  N  Y N 164 
H0W C31  C  Y N 165 
H0W CL3  CL N N 166 
H0W C34  C  N N 167 
H0W O35  O  N N 168 
H0W N36  N  N N 169 
H0W C38  C  Y N 170 
H0W C39  C  Y N 171 
H0W N40  N  Y N 172 
H0W N47  N  N N 173 
H0W C54  C  N N 174 
H0W N62  N  N N 175 
H0W C63  C  N N 176 
H0W C66  C  N N 177 
H0W C69  C  N N 178 
H0W O72  O  N N 179 
H0W C73  C  N N 180 
H0W O74  O  N N 181 
H0W C75  C  Y N 182 
H0W C76  C  Y N 183 
H0W C78  C  Y N 184 
H0W C80  C  Y N 185 
H0W C82  C  Y N 186 
H0W C84  C  Y N 187 
H0W C86  C  N N 188 
H0W H1   H  N N 189 
H0W H2   H  N N 190 
H0W H3   H  N N 191 
H0W H4   H  N N 192 
H0W H5   H  N N 193 
H0W H6   H  N N 194 
H0W H7   H  N N 195 
H0W H8   H  N N 196 
H0W H9   H  N N 197 
H0W H10  H  N N 198 
H0W H11  H  N N 199 
H0W H12  H  N N 200 
H0W H13  H  N N 201 
H0W H14  H  N N 202 
H0W H15  H  N N 203 
H0W H16  H  N N 204 
H0W H17  H  N N 205 
H0W H18  H  N N 206 
H0W H19  H  N N 207 
H0W H20  H  N N 208 
H0W H21  H  N N 209 
H0W H22  H  N N 210 
H0W H23  H  N N 211 
H0W H24  H  N N 212 
H0W H25  H  N N 213 
H0W H26  H  N N 214 
H0W H27  H  N N 215 
H0W H28  H  N N 216 
H0W H29  H  N N 217 
H0W H30  H  N N 218 
H0W H31  H  N N 219 
H0W H32  H  N N 220 
H0W H33  H  N N 221 
H0W H34  H  N N 222 
H0W H35  H  N N 223 
H0W H36  H  N N 224 
H0W H37  H  N N 225 
HIS N    N  N N 226 
HIS CA   C  N S 227 
HIS C    C  N N 228 
HIS O    O  N N 229 
HIS CB   C  N N 230 
HIS CG   C  Y N 231 
HIS ND1  N  Y N 232 
HIS CD2  C  Y N 233 
HIS CE1  C  Y N 234 
HIS NE2  N  Y N 235 
HIS OXT  O  N N 236 
HIS H    H  N N 237 
HIS H2   H  N N 238 
HIS HA   H  N N 239 
HIS HB2  H  N N 240 
HIS HB3  H  N N 241 
HIS HD1  H  N N 242 
HIS HD2  H  N N 243 
HIS HE1  H  N N 244 
HIS HE2  H  N N 245 
HIS HXT  H  N N 246 
HOH O    O  N N 247 
HOH H1   H  N N 248 
HOH H2   H  N N 249 
ILE N    N  N N 250 
ILE CA   C  N S 251 
ILE C    C  N N 252 
ILE O    O  N N 253 
ILE CB   C  N S 254 
ILE CG1  C  N N 255 
ILE CG2  C  N N 256 
ILE CD1  C  N N 257 
ILE OXT  O  N N 258 
ILE H    H  N N 259 
ILE H2   H  N N 260 
ILE HA   H  N N 261 
ILE HB   H  N N 262 
ILE HG12 H  N N 263 
ILE HG13 H  N N 264 
ILE HG21 H  N N 265 
ILE HG22 H  N N 266 
ILE HG23 H  N N 267 
ILE HD11 H  N N 268 
ILE HD12 H  N N 269 
ILE HD13 H  N N 270 
ILE HXT  H  N N 271 
LEU N    N  N N 272 
LEU CA   C  N S 273 
LEU C    C  N N 274 
LEU O    O  N N 275 
LEU CB   C  N N 276 
LEU CG   C  N N 277 
LEU CD1  C  N N 278 
LEU CD2  C  N N 279 
LEU OXT  O  N N 280 
LEU H    H  N N 281 
LEU H2   H  N N 282 
LEU HA   H  N N 283 
LEU HB2  H  N N 284 
LEU HB3  H  N N 285 
LEU HG   H  N N 286 
LEU HD11 H  N N 287 
LEU HD12 H  N N 288 
LEU HD13 H  N N 289 
LEU HD21 H  N N 290 
LEU HD22 H  N N 291 
LEU HD23 H  N N 292 
LEU HXT  H  N N 293 
LYS N    N  N N 294 
LYS CA   C  N S 295 
LYS C    C  N N 296 
LYS O    O  N N 297 
LYS CB   C  N N 298 
LYS CG   C  N N 299 
LYS CD   C  N N 300 
LYS CE   C  N N 301 
LYS NZ   N  N N 302 
LYS OXT  O  N N 303 
LYS H    H  N N 304 
LYS H2   H  N N 305 
LYS HA   H  N N 306 
LYS HB2  H  N N 307 
LYS HB3  H  N N 308 
LYS HG2  H  N N 309 
LYS HG3  H  N N 310 
LYS HD2  H  N N 311 
LYS HD3  H  N N 312 
LYS HE2  H  N N 313 
LYS HE3  H  N N 314 
LYS HZ1  H  N N 315 
LYS HZ2  H  N N 316 
LYS HZ3  H  N N 317 
LYS HXT  H  N N 318 
MET N    N  N N 319 
MET CA   C  N S 320 
MET C    C  N N 321 
MET O    O  N N 322 
MET CB   C  N N 323 
MET CG   C  N N 324 
MET SD   S  N N 325 
MET CE   C  N N 326 
MET OXT  O  N N 327 
MET H    H  N N 328 
MET H2   H  N N 329 
MET HA   H  N N 330 
MET HB2  H  N N 331 
MET HB3  H  N N 332 
MET HG2  H  N N 333 
MET HG3  H  N N 334 
MET HE1  H  N N 335 
MET HE2  H  N N 336 
MET HE3  H  N N 337 
MET HXT  H  N N 338 
PHE N    N  N N 339 
PHE CA   C  N S 340 
PHE C    C  N N 341 
PHE O    O  N N 342 
PHE CB   C  N N 343 
PHE CG   C  Y N 344 
PHE CD1  C  Y N 345 
PHE CD2  C  Y N 346 
PHE CE1  C  Y N 347 
PHE CE2  C  Y N 348 
PHE CZ   C  Y N 349 
PHE OXT  O  N N 350 
PHE H    H  N N 351 
PHE H2   H  N N 352 
PHE HA   H  N N 353 
PHE HB2  H  N N 354 
PHE HB3  H  N N 355 
PHE HD1  H  N N 356 
PHE HD2  H  N N 357 
PHE HE1  H  N N 358 
PHE HE2  H  N N 359 
PHE HZ   H  N N 360 
PHE HXT  H  N N 361 
PRO N    N  N N 362 
PRO CA   C  N S 363 
PRO C    C  N N 364 
PRO O    O  N N 365 
PRO CB   C  N N 366 
PRO CG   C  N N 367 
PRO CD   C  N N 368 
PRO OXT  O  N N 369 
PRO H    H  N N 370 
PRO HA   H  N N 371 
PRO HB2  H  N N 372 
PRO HB3  H  N N 373 
PRO HG2  H  N N 374 
PRO HG3  H  N N 375 
PRO HD2  H  N N 376 
PRO HD3  H  N N 377 
PRO HXT  H  N N 378 
SER N    N  N N 379 
SER CA   C  N S 380 
SER C    C  N N 381 
SER O    O  N N 382 
SER CB   C  N N 383 
SER OG   O  N N 384 
SER OXT  O  N N 385 
SER H    H  N N 386 
SER H2   H  N N 387 
SER HA   H  N N 388 
SER HB2  H  N N 389 
SER HB3  H  N N 390 
SER HG   H  N N 391 
SER HXT  H  N N 392 
THR N    N  N N 393 
THR CA   C  N S 394 
THR C    C  N N 395 
THR O    O  N N 396 
THR CB   C  N R 397 
THR OG1  O  N N 398 
THR CG2  C  N N 399 
THR OXT  O  N N 400 
THR H    H  N N 401 
THR H2   H  N N 402 
THR HA   H  N N 403 
THR HB   H  N N 404 
THR HG1  H  N N 405 
THR HG21 H  N N 406 
THR HG22 H  N N 407 
THR HG23 H  N N 408 
THR HXT  H  N N 409 
TYR N    N  N N 410 
TYR CA   C  N S 411 
TYR C    C  N N 412 
TYR O    O  N N 413 
TYR CB   C  N N 414 
TYR CG   C  Y N 415 
TYR CD1  C  Y N 416 
TYR CD2  C  Y N 417 
TYR CE1  C  Y N 418 
TYR CE2  C  Y N 419 
TYR CZ   C  Y N 420 
TYR OH   O  N N 421 
TYR OXT  O  N N 422 
TYR H    H  N N 423 
TYR H2   H  N N 424 
TYR HA   H  N N 425 
TYR HB2  H  N N 426 
TYR HB3  H  N N 427 
TYR HD1  H  N N 428 
TYR HD2  H  N N 429 
TYR HE1  H  N N 430 
TYR HE2  H  N N 431 
TYR HH   H  N N 432 
TYR HXT  H  N N 433 
VAL N    N  N N 434 
VAL CA   C  N S 435 
VAL C    C  N N 436 
VAL O    O  N N 437 
VAL CB   C  N N 438 
VAL CG1  C  N N 439 
VAL CG2  C  N N 440 
VAL OXT  O  N N 441 
VAL H    H  N N 442 
VAL H2   H  N N 443 
VAL HA   H  N N 444 
VAL HB   H  N N 445 
VAL HG11 H  N N 446 
VAL HG12 H  N N 447 
VAL HG13 H  N N 448 
VAL HG21 H  N N 449 
VAL HG22 H  N N 450 
VAL HG23 H  N N 451 
VAL HXT  H  N N 452 
# 
loop_
_chem_comp_bond.comp_id 
_chem_comp_bond.atom_id_1 
_chem_comp_bond.atom_id_2 
_chem_comp_bond.value_order 
_chem_comp_bond.pdbx_aromatic_flag 
_chem_comp_bond.pdbx_stereo_config 
_chem_comp_bond.pdbx_ordinal 
ALA N   CA   sing N N 1   
ALA N   H    sing N N 2   
ALA N   H2   sing N N 3   
ALA CA  C    sing N N 4   
ALA CA  CB   sing N N 5   
ALA CA  HA   sing N N 6   
ALA C   O    doub N N 7   
ALA C   OXT  sing N N 8   
ALA CB  HB1  sing N N 9   
ALA CB  HB2  sing N N 10  
ALA CB  HB3  sing N N 11  
ALA OXT HXT  sing N N 12  
ARG N   CA   sing N N 13  
ARG N   H    sing N N 14  
ARG N   H2   sing N N 15  
ARG CA  C    sing N N 16  
ARG CA  CB   sing N N 17  
ARG CA  HA   sing N N 18  
ARG C   O    doub N N 19  
ARG C   OXT  sing N N 20  
ARG CB  CG   sing N N 21  
ARG CB  HB2  sing N N 22  
ARG CB  HB3  sing N N 23  
ARG CG  CD   sing N N 24  
ARG CG  HG2  sing N N 25  
ARG CG  HG3  sing N N 26  
ARG CD  NE   sing N N 27  
ARG CD  HD2  sing N N 28  
ARG CD  HD3  sing N N 29  
ARG NE  CZ   sing N N 30  
ARG NE  HE   sing N N 31  
ARG CZ  NH1  sing N N 32  
ARG CZ  NH2  doub N N 33  
ARG NH1 HH11 sing N N 34  
ARG NH1 HH12 sing N N 35  
ARG NH2 HH21 sing N N 36  
ARG NH2 HH22 sing N N 37  
ARG OXT HXT  sing N N 38  
ASN N   CA   sing N N 39  
ASN N   H    sing N N 40  
ASN N   H2   sing N N 41  
ASN CA  C    sing N N 42  
ASN CA  CB   sing N N 43  
ASN CA  HA   sing N N 44  
ASN C   O    doub N N 45  
ASN C   OXT  sing N N 46  
ASN CB  CG   sing N N 47  
ASN CB  HB2  sing N N 48  
ASN CB  HB3  sing N N 49  
ASN CG  OD1  doub N N 50  
ASN CG  ND2  sing N N 51  
ASN ND2 HD21 sing N N 52  
ASN ND2 HD22 sing N N 53  
ASN OXT HXT  sing N N 54  
ASP N   CA   sing N N 55  
ASP N   H    sing N N 56  
ASP N   H2   sing N N 57  
ASP CA  C    sing N N 58  
ASP CA  CB   sing N N 59  
ASP CA  HA   sing N N 60  
ASP C   O    doub N N 61  
ASP C   OXT  sing N N 62  
ASP CB  CG   sing N N 63  
ASP CB  HB2  sing N N 64  
ASP CB  HB3  sing N N 65  
ASP CG  OD1  doub N N 66  
ASP CG  OD2  sing N N 67  
ASP OD2 HD2  sing N N 68  
ASP OXT HXT  sing N N 69  
CYS N   CA   sing N N 70  
CYS N   H    sing N N 71  
CYS N   H2   sing N N 72  
CYS CA  C    sing N N 73  
CYS CA  CB   sing N N 74  
CYS CA  HA   sing N N 75  
CYS C   O    doub N N 76  
CYS C   OXT  sing N N 77  
CYS CB  SG   sing N N 78  
CYS CB  HB2  sing N N 79  
CYS CB  HB3  sing N N 80  
CYS SG  HG   sing N N 81  
CYS OXT HXT  sing N N 82  
GLN N   CA   sing N N 83  
GLN N   H    sing N N 84  
GLN N   H2   sing N N 85  
GLN CA  C    sing N N 86  
GLN CA  CB   sing N N 87  
GLN CA  HA   sing N N 88  
GLN C   O    doub N N 89  
GLN C   OXT  sing N N 90  
GLN CB  CG   sing N N 91  
GLN CB  HB2  sing N N 92  
GLN CB  HB3  sing N N 93  
GLN CG  CD   sing N N 94  
GLN CG  HG2  sing N N 95  
GLN CG  HG3  sing N N 96  
GLN CD  OE1  doub N N 97  
GLN CD  NE2  sing N N 98  
GLN NE2 HE21 sing N N 99  
GLN NE2 HE22 sing N N 100 
GLN OXT HXT  sing N N 101 
GLU N   CA   sing N N 102 
GLU N   H    sing N N 103 
GLU N   H2   sing N N 104 
GLU CA  C    sing N N 105 
GLU CA  CB   sing N N 106 
GLU CA  HA   sing N N 107 
GLU C   O    doub N N 108 
GLU C   OXT  sing N N 109 
GLU CB  CG   sing N N 110 
GLU CB  HB2  sing N N 111 
GLU CB  HB3  sing N N 112 
GLU CG  CD   sing N N 113 
GLU CG  HG2  sing N N 114 
GLU CG  HG3  sing N N 115 
GLU CD  OE1  doub N N 116 
GLU CD  OE2  sing N N 117 
GLU OE2 HE2  sing N N 118 
GLU OXT HXT  sing N N 119 
GLY N   CA   sing N N 120 
GLY N   H    sing N N 121 
GLY N   H2   sing N N 122 
GLY CA  C    sing N N 123 
GLY CA  HA2  sing N N 124 
GLY CA  HA3  sing N N 125 
GLY C   O    doub N N 126 
GLY C   OXT  sing N N 127 
GLY OXT HXT  sing N N 128 
H0W C48 C51  sing N N 129 
H0W C48 N47  sing N N 130 
H0W O74 C73  doub N N 131 
H0W C51 C54  sing N N 132 
H0W O35 C34  doub N N 133 
H0W C73 O72  sing N N 134 
H0W C73 N62  sing N N 135 
H0W O72 C69  sing N N 136 
H0W C34 N36  sing N N 137 
H0W C34 C21  sing N N 138 
H0W C82 C84  doub Y N 139 
H0W C82 C80  sing Y N 140 
H0W C41 C43  doub Y N 141 
H0W C41 N40  sing Y N 142 
H0W C43 C45  sing Y N 143 
H0W C54 N62  sing N N 144 
H0W C54 C56  sing N N 145 
H0W N40 C39  doub Y N 146 
H0W C45 C38  doub Y N 147 
H0W N22 C21  sing Y N 148 
H0W N22 C24  sing Y N 149 
H0W N62 C63  sing N N 150 
H0W C38 C39  sing Y N 151 
H0W C38 N36  sing N N 152 
H0W C39 N47  sing N N 153 
H0W N47 C59  sing N N 154 
H0W C84 C75  sing Y N 155 
H0W C21 C20  doub Y N 156 
H0W C31 C24  doub Y N 157 
H0W C31 C30  sing Y N 158 
H0W C80 C78  doub Y N 159 
H0W C66 C69  sing N N 160 
H0W C66 C63  sing N N 161 
H0W C24 C25  sing Y N 162 
H0W C59 C56  sing N N 163 
H0W C20 C25  sing Y N 164 
H0W C20 C19  sing N N 165 
H0W CL3 C30  sing N N 166 
H0W C30 C28  doub Y N 167 
H0W C25 C26  doub Y N 168 
H0W C75 C18  sing N N 169 
H0W C75 C76  doub Y N 170 
H0W C78 C76  sing Y N 171 
H0W C19 C18  doub Y N 172 
H0W C19 N14  sing Y N 173 
H0W C18 N17  sing Y N 174 
H0W C28 C26  sing Y N 175 
H0W N14 C12  sing N N 176 
H0W N14 C15  sing Y N 177 
H0W N17 C15  doub Y N 178 
H0W C12 C3   sing N N 179 
H0W C12 C86  sing N N 180 
H0W C2  C3   doub Y N 181 
H0W C2  C9   sing Y N 182 
H0W C3  C4   sing Y N 183 
H0W C9  C8   doub Y N 184 
H0W C4  C6   doub Y N 185 
H0W C8  C6   sing Y N 186 
H0W C8  CL1  sing N N 187 
H0W C2  H1   sing N N 188 
H0W C41 H2   sing N N 189 
H0W C43 H3   sing N N 190 
H0W C45 H4   sing N N 191 
H0W C48 H5   sing N N 192 
H0W C48 H6   sing N N 193 
H0W C51 H7   sing N N 194 
H0W C51 H8   sing N N 195 
H0W C56 H9   sing N N 196 
H0W C56 H10  sing N N 197 
H0W C59 H11  sing N N 198 
H0W C59 H12  sing N N 199 
H0W C12 H13  sing N N 200 
H0W C15 H14  sing N N 201 
H0W C26 H15  sing N N 202 
H0W C28 H16  sing N N 203 
H0W C4  H17  sing N N 204 
H0W C6  H18  sing N N 205 
H0W C9  H19  sing N N 206 
H0W N22 H20  sing N N 207 
H0W C31 H21  sing N N 208 
H0W N36 H22  sing N N 209 
H0W C54 H23  sing N N 210 
H0W C63 H24  sing N N 211 
H0W C63 H25  sing N N 212 
H0W C66 H26  sing N N 213 
H0W C66 H27  sing N N 214 
H0W C69 H28  sing N N 215 
H0W C69 H29  sing N N 216 
H0W C76 H30  sing N N 217 
H0W C78 H31  sing N N 218 
H0W C80 H32  sing N N 219 
H0W C82 H33  sing N N 220 
H0W C84 H34  sing N N 221 
H0W C86 H35  sing N N 222 
H0W C86 H36  sing N N 223 
H0W C86 H37  sing N N 224 
HIS N   CA   sing N N 225 
HIS N   H    sing N N 226 
HIS N   H2   sing N N 227 
HIS CA  C    sing N N 228 
HIS CA  CB   sing N N 229 
HIS CA  HA   sing N N 230 
HIS C   O    doub N N 231 
HIS C   OXT  sing N N 232 
HIS CB  CG   sing N N 233 
HIS CB  HB2  sing N N 234 
HIS CB  HB3  sing N N 235 
HIS CG  ND1  sing Y N 236 
HIS CG  CD2  doub Y N 237 
HIS ND1 CE1  doub Y N 238 
HIS ND1 HD1  sing N N 239 
HIS CD2 NE2  sing Y N 240 
HIS CD2 HD2  sing N N 241 
HIS CE1 NE2  sing Y N 242 
HIS CE1 HE1  sing N N 243 
HIS NE2 HE2  sing N N 244 
HIS OXT HXT  sing N N 245 
HOH O   H1   sing N N 246 
HOH O   H2   sing N N 247 
ILE N   CA   sing N N 248 
ILE N   H    sing N N 249 
ILE N   H2   sing N N 250 
ILE CA  C    sing N N 251 
ILE CA  CB   sing N N 252 
ILE CA  HA   sing N N 253 
ILE C   O    doub N N 254 
ILE C   OXT  sing N N 255 
ILE CB  CG1  sing N N 256 
ILE CB  CG2  sing N N 257 
ILE CB  HB   sing N N 258 
ILE CG1 CD1  sing N N 259 
ILE CG1 HG12 sing N N 260 
ILE CG1 HG13 sing N N 261 
ILE CG2 HG21 sing N N 262 
ILE CG2 HG22 sing N N 263 
ILE CG2 HG23 sing N N 264 
ILE CD1 HD11 sing N N 265 
ILE CD1 HD12 sing N N 266 
ILE CD1 HD13 sing N N 267 
ILE OXT HXT  sing N N 268 
LEU N   CA   sing N N 269 
LEU N   H    sing N N 270 
LEU N   H2   sing N N 271 
LEU CA  C    sing N N 272 
LEU CA  CB   sing N N 273 
LEU CA  HA   sing N N 274 
LEU C   O    doub N N 275 
LEU C   OXT  sing N N 276 
LEU CB  CG   sing N N 277 
LEU CB  HB2  sing N N 278 
LEU CB  HB3  sing N N 279 
LEU CG  CD1  sing N N 280 
LEU CG  CD2  sing N N 281 
LEU CG  HG   sing N N 282 
LEU CD1 HD11 sing N N 283 
LEU CD1 HD12 sing N N 284 
LEU CD1 HD13 sing N N 285 
LEU CD2 HD21 sing N N 286 
LEU CD2 HD22 sing N N 287 
LEU CD2 HD23 sing N N 288 
LEU OXT HXT  sing N N 289 
LYS N   CA   sing N N 290 
LYS N   H    sing N N 291 
LYS N   H2   sing N N 292 
LYS CA  C    sing N N 293 
LYS CA  CB   sing N N 294 
LYS CA  HA   sing N N 295 
LYS C   O    doub N N 296 
LYS C   OXT  sing N N 297 
LYS CB  CG   sing N N 298 
LYS CB  HB2  sing N N 299 
LYS CB  HB3  sing N N 300 
LYS CG  CD   sing N N 301 
LYS CG  HG2  sing N N 302 
LYS CG  HG3  sing N N 303 
LYS CD  CE   sing N N 304 
LYS CD  HD2  sing N N 305 
LYS CD  HD3  sing N N 306 
LYS CE  NZ   sing N N 307 
LYS CE  HE2  sing N N 308 
LYS CE  HE3  sing N N 309 
LYS NZ  HZ1  sing N N 310 
LYS NZ  HZ2  sing N N 311 
LYS NZ  HZ3  sing N N 312 
LYS OXT HXT  sing N N 313 
MET N   CA   sing N N 314 
MET N   H    sing N N 315 
MET N   H2   sing N N 316 
MET CA  C    sing N N 317 
MET CA  CB   sing N N 318 
MET CA  HA   sing N N 319 
MET C   O    doub N N 320 
MET C   OXT  sing N N 321 
MET CB  CG   sing N N 322 
MET CB  HB2  sing N N 323 
MET CB  HB3  sing N N 324 
MET CG  SD   sing N N 325 
MET CG  HG2  sing N N 326 
MET CG  HG3  sing N N 327 
MET SD  CE   sing N N 328 
MET CE  HE1  sing N N 329 
MET CE  HE2  sing N N 330 
MET CE  HE3  sing N N 331 
MET OXT HXT  sing N N 332 
PHE N   CA   sing N N 333 
PHE N   H    sing N N 334 
PHE N   H2   sing N N 335 
PHE CA  C    sing N N 336 
PHE CA  CB   sing N N 337 
PHE CA  HA   sing N N 338 
PHE C   O    doub N N 339 
PHE C   OXT  sing N N 340 
PHE CB  CG   sing N N 341 
PHE CB  HB2  sing N N 342 
PHE CB  HB3  sing N N 343 
PHE CG  CD1  doub Y N 344 
PHE CG  CD2  sing Y N 345 
PHE CD1 CE1  sing Y N 346 
PHE CD1 HD1  sing N N 347 
PHE CD2 CE2  doub Y N 348 
PHE CD2 HD2  sing N N 349 
PHE CE1 CZ   doub Y N 350 
PHE CE1 HE1  sing N N 351 
PHE CE2 CZ   sing Y N 352 
PHE CE2 HE2  sing N N 353 
PHE CZ  HZ   sing N N 354 
PHE OXT HXT  sing N N 355 
PRO N   CA   sing N N 356 
PRO N   CD   sing N N 357 
PRO N   H    sing N N 358 
PRO CA  C    sing N N 359 
PRO CA  CB   sing N N 360 
PRO CA  HA   sing N N 361 
PRO C   O    doub N N 362 
PRO C   OXT  sing N N 363 
PRO CB  CG   sing N N 364 
PRO CB  HB2  sing N N 365 
PRO CB  HB3  sing N N 366 
PRO CG  CD   sing N N 367 
PRO CG  HG2  sing N N 368 
PRO CG  HG3  sing N N 369 
PRO CD  HD2  sing N N 370 
PRO CD  HD3  sing N N 371 
PRO OXT HXT  sing N N 372 
SER N   CA   sing N N 373 
SER N   H    sing N N 374 
SER N   H2   sing N N 375 
SER CA  C    sing N N 376 
SER CA  CB   sing N N 377 
SER CA  HA   sing N N 378 
SER C   O    doub N N 379 
SER C   OXT  sing N N 380 
SER CB  OG   sing N N 381 
SER CB  HB2  sing N N 382 
SER CB  HB3  sing N N 383 
SER OG  HG   sing N N 384 
SER OXT HXT  sing N N 385 
THR N   CA   sing N N 386 
THR N   H    sing N N 387 
THR N   H2   sing N N 388 
THR CA  C    sing N N 389 
THR CA  CB   sing N N 390 
THR CA  HA   sing N N 391 
THR C   O    doub N N 392 
THR C   OXT  sing N N 393 
THR CB  OG1  sing N N 394 
THR CB  CG2  sing N N 395 
THR CB  HB   sing N N 396 
THR OG1 HG1  sing N N 397 
THR CG2 HG21 sing N N 398 
THR CG2 HG22 sing N N 399 
THR CG2 HG23 sing N N 400 
THR OXT HXT  sing N N 401 
TYR N   CA   sing N N 402 
TYR N   H    sing N N 403 
TYR N   H2   sing N N 404 
TYR CA  C    sing N N 405 
TYR CA  CB   sing N N 406 
TYR CA  HA   sing N N 407 
TYR C   O    doub N N 408 
TYR C   OXT  sing N N 409 
TYR CB  CG   sing N N 410 
TYR CB  HB2  sing N N 411 
TYR CB  HB3  sing N N 412 
TYR CG  CD1  doub Y N 413 
TYR CG  CD2  sing Y N 414 
TYR CD1 CE1  sing Y N 415 
TYR CD1 HD1  sing N N 416 
TYR CD2 CE2  doub Y N 417 
TYR CD2 HD2  sing N N 418 
TYR CE1 CZ   doub Y N 419 
TYR CE1 HE1  sing N N 420 
TYR CE2 CZ   sing Y N 421 
TYR CE2 HE2  sing N N 422 
TYR CZ  OH   sing N N 423 
TYR OH  HH   sing N N 424 
TYR OXT HXT  sing N N 425 
VAL N   CA   sing N N 426 
VAL N   H    sing N N 427 
VAL N   H2   sing N N 428 
VAL CA  C    sing N N 429 
VAL CA  CB   sing N N 430 
VAL CA  HA   sing N N 431 
VAL C   O    doub N N 432 
VAL C   OXT  sing N N 433 
VAL CB  CG1  sing N N 434 
VAL CB  CG2  sing N N 435 
VAL CB  HB   sing N N 436 
VAL CG1 HG11 sing N N 437 
VAL CG1 HG12 sing N N 438 
VAL CG1 HG13 sing N N 439 
VAL CG2 HG21 sing N N 440 
VAL CG2 HG22 sing N N 441 
VAL CG2 HG23 sing N N 442 
VAL OXT HXT  sing N N 443 
# 
_pdbx_entity_instance_feature.ordinal        1 
_pdbx_entity_instance_feature.comp_id        H0W 
_pdbx_entity_instance_feature.asym_id        ? 
_pdbx_entity_instance_feature.seq_num        ? 
_pdbx_entity_instance_feature.auth_comp_id   H0W 
_pdbx_entity_instance_feature.auth_asym_id   ? 
_pdbx_entity_instance_feature.auth_seq_num   ? 
_pdbx_entity_instance_feature.feature_type   'SUBJECT OF INVESTIGATION' 
_pdbx_entity_instance_feature.details        ? 
# 
_pdbx_initial_refinement_model.id               1 
_pdbx_initial_refinement_model.entity_id_list   ? 
_pdbx_initial_refinement_model.type             'experimental model' 
_pdbx_initial_refinement_model.source_name      PDB 
_pdbx_initial_refinement_model.accession_code   4DIJ 
_pdbx_initial_refinement_model.details          ? 
# 
_atom_sites.entry_id                    6I29 
_atom_sites.fract_transf_matrix[1][1]   -0.00731903 
_atom_sites.fract_transf_matrix[1][2]   -0.00049759 
_atom_sites.fract_transf_matrix[1][3]   -0.00367508 
_atom_sites.fract_transf_matrix[2][1]   0.00144209 
_atom_sites.fract_transf_matrix[2][2]   -0.00787278 
_atom_sites.fract_transf_matrix[2][3]   -0.00180602 
_atom_sites.fract_transf_matrix[3][1]   -0.00341675 
_atom_sites.fract_transf_matrix[3][2]   -0.00225693 
_atom_sites.fract_transf_matrix[3][3]   0.00711014 
_atom_sites.fract_transf_vector[1]      -0.044961 
_atom_sites.fract_transf_vector[2]      0.111763 
_atom_sites.fract_transf_vector[3]      -0.067540 
# 
loop_
_atom_type.symbol 
C  
CL 
N  
O  
S  
# 
loop_
_atom_site.group_PDB 
_atom_site.id 
_atom_site.type_symbol 
_atom_site.label_atom_id 
_atom_site.label_alt_id 
_atom_site.label_comp_id 
_atom_site.label_asym_id 
_atom_site.label_entity_id 
_atom_site.label_seq_id 
_atom_site.pdbx_PDB_ins_code 
_atom_site.Cartn_x 
_atom_site.Cartn_y 
_atom_site.Cartn_z 
_atom_site.occupancy 
_atom_site.B_iso_or_equiv 
_atom_site.pdbx_formal_charge 
_atom_site.auth_seq_id 
_atom_site.auth_comp_id 
_atom_site.auth_asym_id 
_atom_site.auth_atom_id 
_atom_site.pdbx_PDB_model_num 
ATOM   1   N  N   . ILE A 1 4  ? -4.532  -25.474 -0.800  1.00 62.19 ? 19  ILE A N   1 
ATOM   2   C  CA  . ILE A 1 4  ? -3.124  -25.582 -1.294  1.00 62.36 ? 19  ILE A CA  1 
ATOM   3   C  C   . ILE A 1 4  ? -2.156  -25.252 -0.159  1.00 62.63 ? 19  ILE A C   1 
ATOM   4   O  O   . ILE A 1 4  ? -2.340  -24.244 0.526   1.00 62.70 ? 19  ILE A O   1 
ATOM   5   C  CB  . ILE A 1 4  ? -2.851  -24.623 -2.489  1.00 62.30 ? 19  ILE A CB  1 
ATOM   6   C  CG1 . ILE A 1 4  ? -3.935  -24.756 -3.565  1.00 62.05 ? 19  ILE A CG1 1 
ATOM   7   C  CG2 . ILE A 1 4  ? -1.455  -24.864 -3.082  1.00 62.09 ? 19  ILE A CG2 1 
ATOM   8   C  CD1 . ILE A 1 4  ? -4.065  -23.536 -4.463  1.00 61.68 ? 19  ILE A CD1 1 
ATOM   9   N  N   . PRO A 1 5  ? -1.127  -26.102 0.050   1.00 62.89 ? 20  PRO A N   1 
ATOM   10  C  CA  . PRO A 1 5  ? -0.066  -25.786 1.007   1.00 62.96 ? 20  PRO A CA  1 
ATOM   11  C  C   . PRO A 1 5  ? 0.574   -24.431 0.719   1.00 63.05 ? 20  PRO A C   1 
ATOM   12  O  O   . PRO A 1 5  ? 0.983   -24.157 -0.420  1.00 62.93 ? 20  PRO A O   1 
ATOM   13  C  CB  . PRO A 1 5  ? 0.943   -26.913 0.788   1.00 62.98 ? 20  PRO A CB  1 
ATOM   14  C  CG  . PRO A 1 5  ? 0.112   -28.055 0.375   1.00 62.86 ? 20  PRO A CG  1 
ATOM   15  C  CD  . PRO A 1 5  ? -0.979  -27.470 -0.478  1.00 62.90 ? 20  PRO A CD  1 
ATOM   16  N  N   . ALA A 1 6  ? 0.652   -23.606 1.763   1.00 63.14 ? 21  ALA A N   1 
ATOM   17  C  CA  . ALA A 1 6  ? 1.127   -22.224 1.674   1.00 63.00 ? 21  ALA A CA  1 
ATOM   18  C  C   . ALA A 1 6  ? 2.507   -22.098 1.028   1.00 62.87 ? 21  ALA A C   1 
ATOM   19  O  O   . ALA A 1 6  ? 2.830   -21.069 0.435   1.00 62.84 ? 21  ALA A O   1 
ATOM   20  C  CB  . ALA A 1 6  ? 1.124   -21.580 3.060   1.00 63.00 ? 21  ALA A CB  1 
ATOM   21  N  N   . SER A 1 7  ? 3.303   -23.155 1.141   1.00 62.85 ? 22  SER A N   1 
ATOM   22  C  CA  . SER A 1 7  ? 4.655   -23.191 0.597   1.00 62.91 ? 22  SER A CA  1 
ATOM   23  C  C   . SER A 1 7  ? 4.690   -23.264 -0.931  1.00 62.88 ? 22  SER A C   1 
ATOM   24  O  O   . SER A 1 7  ? 5.620   -22.754 -1.554  1.00 62.91 ? 22  SER A O   1 
ATOM   25  C  CB  . SER A 1 7  ? 5.416   -24.375 1.186   1.00 63.00 ? 22  SER A CB  1 
ATOM   26  O  OG  . SER A 1 7  ? 4.739   -25.591 0.914   1.00 63.72 ? 22  SER A OG  1 
ATOM   27  N  N   . GLU A 1 8  ? 3.679   -23.902 -1.520  1.00 62.71 ? 23  GLU A N   1 
ATOM   28  C  CA  . GLU A 1 8  ? 3.629   -24.142 -2.969  1.00 62.55 ? 23  GLU A CA  1 
ATOM   29  C  C   . GLU A 1 8  ? 2.775   -23.110 -3.699  1.00 62.22 ? 23  GLU A C   1 
ATOM   30  O  O   . GLU A 1 8  ? 2.537   -23.221 -4.907  1.00 62.30 ? 23  GLU A O   1 
ATOM   31  C  CB  . GLU A 1 8  ? 3.061   -25.530 -3.249  1.00 62.62 ? 23  GLU A CB  1 
ATOM   32  C  CG  . GLU A 1 8  ? 3.844   -26.666 -2.638  1.00 63.42 ? 23  GLU A CG  1 
ATOM   33  C  CD  . GLU A 1 8  ? 3.110   -27.982 -2.731  1.00 64.87 ? 23  GLU A CD  1 
ATOM   34  O  OE1 . GLU A 1 8  ? 1.867   -27.996 -2.573  1.00 65.56 ? 23  GLU A OE1 1 
ATOM   35  O  OE2 . GLU A 1 8  ? 3.779   -29.007 -2.957  1.00 65.47 ? 23  GLU A OE2 1 
ATOM   36  N  N   . GLN A 1 9  ? 2.337   -22.103 -2.958  1.00 61.71 ? 24  GLN A N   1 
ATOM   37  C  CA  . GLN A 1 9  ? 1.293   -21.200 -3.401  1.00 61.13 ? 24  GLN A CA  1 
ATOM   38  C  C   . GLN A 1 9  ? 1.799   -19.764 -3.565  1.00 60.44 ? 24  GLN A C   1 
ATOM   39  O  O   . GLN A 1 9  ? 2.412   -19.201 -2.658  1.00 60.53 ? 24  GLN A O   1 
ATOM   40  C  CB  . GLN A 1 9  ? 0.131   -21.296 -2.407  1.00 61.35 ? 24  GLN A CB  1 
ATOM   41  C  CG  . GLN A 1 9  ? -0.706  -20.056 -2.214  1.00 62.33 ? 24  GLN A CG  1 
ATOM   42  C  CD  . GLN A 1 9  ? -1.742  -20.244 -1.130  1.00 63.64 ? 24  GLN A CD  1 
ATOM   43  O  OE1 . GLN A 1 9  ? -2.188  -21.362 -0.867  1.00 64.36 ? 24  GLN A OE1 1 
ATOM   44  N  NE2 . GLN A 1 9  ? -2.126  -19.151 -0.485  1.00 64.64 ? 24  GLN A NE2 1 
ATOM   45  N  N   . GLU A 1 10 ? 1.563   -19.194 -4.742  1.00 59.29 ? 25  GLU A N   1 
ATOM   46  C  CA  . GLU A 1 10 ? 1.862   -17.791 -4.998  1.00 58.20 ? 25  GLU A CA  1 
ATOM   47  C  C   . GLU A 1 10 ? 0.547   -17.054 -5.182  1.00 57.16 ? 25  GLU A C   1 
ATOM   48  O  O   . GLU A 1 10 ? -0.268  -17.437 -6.024  1.00 57.24 ? 25  GLU A O   1 
ATOM   49  C  CB  . GLU A 1 10 ? 2.726   -17.635 -6.248  1.00 58.31 ? 25  GLU A CB  1 
ATOM   50  C  CG  . GLU A 1 10 ? 3.083   -16.198 -6.564  1.00 58.87 ? 25  GLU A CG  1 
ATOM   51  C  CD  . GLU A 1 10 ? 3.266   -15.947 -8.046  1.00 60.50 ? 25  GLU A CD  1 
ATOM   52  O  OE1 . GLU A 1 10 ? 2.334   -16.243 -8.826  1.00 61.28 ? 25  GLU A OE1 1 
ATOM   53  O  OE2 . GLU A 1 10 ? 4.335   -15.431 -8.431  1.00 60.90 ? 25  GLU A OE2 1 
ATOM   54  N  N   . THR A 1 11 ? 0.330   -16.008 -4.393  1.00 55.80 ? 26  THR A N   1 
ATOM   55  C  CA  . THR A 1 11 ? -0.931  -15.274 -4.439  1.00 54.30 ? 26  THR A CA  1 
ATOM   56  C  C   . THR A 1 11 ? -0.746  -13.883 -5.035  1.00 53.31 ? 26  THR A C   1 
ATOM   57  O  O   . THR A 1 11 ? 0.077   -13.097 -4.563  1.00 53.03 ? 26  THR A O   1 
ATOM   58  C  CB  . THR A 1 11 ? -1.577  -15.189 -3.051  1.00 54.45 ? 26  THR A CB  1 
ATOM   59  O  OG1 . THR A 1 11 ? -1.652  -16.502 -2.484  1.00 54.92 ? 26  THR A OG1 1 
ATOM   60  C  CG2 . THR A 1 11 ? -2.975  -14.602 -3.136  1.00 53.92 ? 26  THR A CG2 1 
ATOM   61  N  N   . LEU A 1 12 ? -1.520  -13.598 -6.079  1.00 52.06 ? 27  LEU A N   1 
ATOM   62  C  CA  . LEU A 1 12 ? -1.463  -12.331 -6.795  1.00 50.83 ? 27  LEU A CA  1 
ATOM   63  C  C   . LEU A 1 12 ? -2.717  -11.490 -6.567  1.00 50.32 ? 27  LEU A C   1 
ATOM   64  O  O   . LEU A 1 12 ? -3.832  -12.017 -6.480  1.00 49.88 ? 27  LEU A O   1 
ATOM   65  C  CB  . LEU A 1 12 ? -1.245  -12.572 -8.296  1.00 50.88 ? 27  LEU A CB  1 
ATOM   66  C  CG  . LEU A 1 12 ? 0.174   -12.506 -8.884  1.00 50.97 ? 27  LEU A CG  1 
ATOM   67  C  CD1 . LEU A 1 12 ? 1.240   -13.103 -7.971  1.00 50.53 ? 27  LEU A CD1 1 
ATOM   68  C  CD2 . LEU A 1 12 ? 0.216   -13.147 -10.255 1.00 49.95 ? 27  LEU A CD2 1 
ATOM   69  N  N   . VAL A 1 13 ? -2.516  -10.179 -6.446  1.00 49.23 ? 28  VAL A N   1 
ATOM   70  C  CA  . VAL A 1 13 ? -3.608  -9.216  -6.354  1.00 48.33 ? 28  VAL A CA  1 
ATOM   71  C  C   . VAL A 1 13 ? -3.505  -8.220  -7.509  1.00 47.97 ? 28  VAL A C   1 
ATOM   72  O  O   . VAL A 1 13 ? -2.426  -8.024  -8.073  1.00 47.59 ? 28  VAL A O   1 
ATOM   73  C  CB  . VAL A 1 13 ? -3.638  -8.472  -4.981  1.00 48.38 ? 28  VAL A CB  1 
ATOM   74  C  CG1 . VAL A 1 13 ? -3.861  -9.446  -3.838  1.00 47.66 ? 28  VAL A CG1 1 
ATOM   75  C  CG2 . VAL A 1 13 ? -2.361  -7.656  -4.757  1.00 47.82 ? 28  VAL A CG2 1 
ATOM   76  N  N   . ARG A 1 14 ? -4.633  -7.606  -7.861  1.00 47.41 ? 29  ARG A N   1 
ATOM   77  C  CA  . ARG A 1 14 ? -4.684  -6.625  -8.940  1.00 47.29 ? 29  ARG A CA  1 
ATOM   78  C  C   . ARG A 1 14 ? -5.161  -5.282  -8.388  1.00 46.98 ? 29  ARG A C   1 
ATOM   79  O  O   . ARG A 1 14 ? -6.345  -5.125  -8.104  1.00 46.86 ? 29  ARG A O   1 
ATOM   80  C  CB  . ARG A 1 14 ? -5.625  -7.109  -10.056 1.00 47.57 ? 29  ARG A CB  1 
ATOM   81  C  CG  . ARG A 1 14 ? -5.740  -6.181  -11.262 1.00 48.14 ? 29  ARG A CG  1 
ATOM   82  C  CD  . ARG A 1 14 ? -6.657  -6.778  -12.340 1.00 50.90 ? 29  ARG A CD  1 
ATOM   83  N  NE  . ARG A 1 14 ? -6.291  -8.161  -12.646 1.00 50.94 ? 29  ARG A NE  1 
ATOM   84  C  CZ  . ARG A 1 14 ? -5.432  -8.528  -13.594 1.00 50.95 ? 29  ARG A CZ  1 
ATOM   85  N  NH1 . ARG A 1 14 ? -4.838  -7.628  -14.370 1.00 51.31 ? 29  ARG A NH1 1 
ATOM   86  N  NH2 . ARG A 1 14 ? -5.169  -9.813  -13.764 1.00 52.53 ? 29  ARG A NH2 1 
ATOM   87  N  N   . PRO A 1 15 ? -4.234  -4.322  -8.210  1.00 46.85 ? 30  PRO A N   1 
ATOM   88  C  CA  . PRO A 1 15 ? -4.587  -2.981  -7.739  1.00 46.60 ? 30  PRO A CA  1 
ATOM   89  C  C   . PRO A 1 15 ? -5.598  -2.275  -8.643  1.00 46.51 ? 30  PRO A C   1 
ATOM   90  O  O   . PRO A 1 15 ? -5.532  -2.400  -9.867  1.00 46.17 ? 30  PRO A O   1 
ATOM   91  C  CB  . PRO A 1 15 ? -3.254  -2.232  -7.799  1.00 46.46 ? 30  PRO A CB  1 
ATOM   92  C  CG  . PRO A 1 15 ? -2.222  -3.292  -7.596  1.00 46.87 ? 30  PRO A CG  1 
ATOM   93  C  CD  . PRO A 1 15 ? -2.771  -4.504  -8.302  1.00 46.84 ? 30  PRO A CD  1 
ATOM   94  N  N   . LYS A 1 16 ? -6.520  -1.543  -8.027  1.00 46.21 ? 31  LYS A N   1 
ATOM   95  C  CA  . LYS A 1 16 ? -7.427  -0.655  -8.751  1.00 46.09 ? 31  LYS A CA  1 
ATOM   96  C  C   . LYS A 1 16 ? -6.625  0.488   -9.378  1.00 45.63 ? 31  LYS A C   1 
ATOM   97  O  O   . LYS A 1 16 ? -5.459  0.673   -9.033  1.00 46.01 ? 31  LYS A O   1 
ATOM   98  C  CB  . LYS A 1 16 ? -8.505  -0.125  -7.811  1.00 46.06 ? 31  LYS A CB  1 
ATOM   99  C  CG  . LYS A 1 16 ? -9.525  -1.172  -7.392  1.00 47.51 ? 31  LYS A CG  1 
ATOM   100 C  CD  . LYS A 1 16 ? -10.564 -0.558  -6.465  1.00 50.67 ? 31  LYS A CD  1 
ATOM   101 C  CE  . LYS A 1 16 ? -11.663 -1.546  -6.135  1.00 52.27 ? 31  LYS A CE  1 
ATOM   102 N  NZ  . LYS A 1 16 ? -12.594 -0.961  -5.145  1.00 53.96 ? 31  LYS A NZ  1 
ATOM   103 N  N   . PRO A 1 17 ? -7.231  1.246   -10.317 1.00 45.30 ? 32  PRO A N   1 
ATOM   104 C  CA  . PRO A 1 17 ? -6.487  2.254   -11.082 1.00 44.86 ? 32  PRO A CA  1 
ATOM   105 C  C   . PRO A 1 17 ? -5.667  3.251   -10.259 1.00 44.54 ? 32  PRO A C   1 
ATOM   106 O  O   . PRO A 1 17 ? -4.545  3.575   -10.653 1.00 44.38 ? 32  PRO A O   1 
ATOM   107 C  CB  . PRO A 1 17 ? -7.591  2.979   -11.862 1.00 45.05 ? 32  PRO A CB  1 
ATOM   108 C  CG  . PRO A 1 17 ? -8.615  1.936   -12.086 1.00 45.05 ? 32  PRO A CG  1 
ATOM   109 C  CD  . PRO A 1 17 ? -8.613  1.106   -10.819 1.00 45.34 ? 32  PRO A CD  1 
ATOM   110 N  N   . LEU A 1 18 ? -6.210  3.742   -9.143  1.00 44.03 ? 33  LEU A N   1 
ATOM   111 C  CA  . LEU A 1 18 ? -5.520  4.783   -8.370  1.00 43.68 ? 33  LEU A CA  1 
ATOM   112 C  C   . LEU A 1 18 ? -4.307  4.263   -7.592  1.00 43.07 ? 33  LEU A C   1 
ATOM   113 O  O   . LEU A 1 18 ? -3.255  4.895   -7.591  1.00 43.20 ? 33  LEU A O   1 
ATOM   114 C  CB  . LEU A 1 18 ? -6.482  5.563   -7.466  1.00 43.55 ? 33  LEU A CB  1 
ATOM   115 C  CG  . LEU A 1 18 ? -7.232  6.732   -8.123  1.00 44.67 ? 33  LEU A CG  1 
ATOM   116 C  CD1 . LEU A 1 18 ? -8.159  7.418   -7.128  1.00 45.13 ? 33  LEU A CD1 1 
ATOM   117 C  CD2 . LEU A 1 18 ? -6.272  7.744   -8.759  1.00 44.57 ? 33  LEU A CD2 1 
ATOM   118 N  N   . LEU A 1 19 ? -4.461  3.116   -6.941  1.00 42.63 ? 34  LEU A N   1 
ATOM   119 C  CA  . LEU A 1 19 ? -3.329  2.437   -6.305  1.00 42.25 ? 34  LEU A CA  1 
ATOM   120 C  C   . LEU A 1 19 ? -2.252  2.063   -7.327  1.00 42.72 ? 34  LEU A C   1 
ATOM   121 O  O   . LEU A 1 19 ? -1.063  2.249   -7.068  1.00 42.38 ? 34  LEU A O   1 
ATOM   122 C  CB  . LEU A 1 19 ? -3.796  1.211   -5.510  1.00 41.64 ? 34  LEU A CB  1 
ATOM   123 C  CG  . LEU A 1 19 ? -2.743  0.273   -4.886  1.00 40.66 ? 34  LEU A CG  1 
ATOM   124 C  CD1 . LEU A 1 19 ? -1.802  1.015   -3.930  1.00 39.64 ? 34  LEU A CD1 1 
ATOM   125 C  CD2 . LEU A 1 19 ? -3.408  -0.895  -4.192  1.00 38.53 ? 34  LEU A CD2 1 
ATOM   126 N  N   . LEU A 1 20 ? -2.671  1.561   -8.492  1.00 43.15 ? 35  LEU A N   1 
ATOM   127 C  CA  . LEU A 1 20 ? -1.727  1.177   -9.552  1.00 43.56 ? 35  LEU A CA  1 
ATOM   128 C  C   . LEU A 1 20 ? -0.870  2.350   -10.011 1.00 43.90 ? 35  LEU A C   1 
ATOM   129 O  O   . LEU A 1 20 ? 0.347   2.223   -10.159 1.00 44.05 ? 35  LEU A O   1 
ATOM   130 C  CB  . LEU A 1 20 ? -2.460  0.544   -10.752 1.00 43.58 ? 35  LEU A CB  1 
ATOM   131 C  CG  . LEU A 1 20 ? -1.560  -0.073  -11.834 1.00 43.43 ? 35  LEU A CG  1 
ATOM   132 C  CD1 . LEU A 1 20 ? -0.777  -1.253  -11.277 1.00 42.62 ? 35  LEU A CD1 1 
ATOM   133 C  CD2 . LEU A 1 20 ? -2.375  -0.490  -13.069 1.00 42.82 ? 35  LEU A CD2 1 
ATOM   134 N  N   . LYS A 1 21 ? -1.516  3.493   -10.228 1.00 44.41 ? 36  LYS A N   1 
ATOM   135 C  CA  . LYS A 1 21 ? -0.826  4.731   -10.581 1.00 44.65 ? 36  LYS A CA  1 
ATOM   136 C  C   . LYS A 1 21 ? 0.175   5.150   -9.498  1.00 44.26 ? 36  LYS A C   1 
ATOM   137 O  O   . LYS A 1 21 ? 1.249   5.660   -9.808  1.00 44.35 ? 36  LYS A O   1 
ATOM   138 C  CB  . LYS A 1 21 ? -1.861  5.833   -10.825 1.00 45.07 ? 36  LYS A CB  1 
ATOM   139 C  CG  . LYS A 1 21 ? -1.393  7.251   -10.557 1.00 46.38 ? 36  LYS A CG  1 
ATOM   140 C  CD  . LYS A 1 21 ? -2.559  8.085   -10.034 1.00 49.12 ? 36  LYS A CD  1 
ATOM   141 C  CE  . LYS A 1 21 ? -2.389  9.567   -10.351 1.00 50.97 ? 36  LYS A CE  1 
ATOM   142 N  NZ  . LYS A 1 21 ? -2.479  9.827   -11.813 1.00 52.54 ? 36  LYS A NZ  1 
ATOM   143 N  N   . LEU A 1 22 ? -0.188  4.940   -8.235  1.00 43.88 ? 37  LEU A N   1 
ATOM   144 C  CA  . LEU A 1 22 ? 0.710   5.215   -7.114  1.00 43.49 ? 37  LEU A CA  1 
ATOM   145 C  C   . LEU A 1 22 ? 1.915   4.270   -7.132  1.00 43.15 ? 37  LEU A C   1 
ATOM   146 O  O   . LEU A 1 22 ? 3.055   4.716   -7.031  1.00 43.20 ? 37  LEU A O   1 
ATOM   147 C  CB  . LEU A 1 22 ? -0.041  5.129   -5.778  1.00 43.13 ? 37  LEU A CB  1 
ATOM   148 C  CG  . LEU A 1 22 ? 0.695   5.541   -4.492  1.00 44.08 ? 37  LEU A CG  1 
ATOM   149 C  CD1 . LEU A 1 22 ? -0.275  6.058   -3.431  1.00 42.96 ? 37  LEU A CD1 1 
ATOM   150 C  CD2 . LEU A 1 22 ? 1.557   4.413   -3.916  1.00 43.93 ? 37  LEU A CD2 1 
ATOM   151 N  N   . LEU A 1 23 ? 1.658   2.969   -7.253  1.00 42.88 ? 38  LEU A N   1 
ATOM   152 C  CA  . LEU A 1 23 ? 2.735   1.977   -7.310  1.00 42.75 ? 38  LEU A CA  1 
ATOM   153 C  C   . LEU A 1 23 ? 3.671   2.227   -8.490  1.00 42.93 ? 38  LEU A C   1 
ATOM   154 O  O   . LEU A 1 23 ? 4.887   2.158   -8.344  1.00 42.30 ? 38  LEU A O   1 
ATOM   155 C  CB  . LEU A 1 23 ? 2.175   0.550   -7.349  1.00 42.57 ? 38  LEU A CB  1 
ATOM   156 C  CG  . LEU A 1 23 ? 1.260   0.103   -6.201  1.00 42.12 ? 38  LEU A CG  1 
ATOM   157 C  CD1 . LEU A 1 23 ? 0.840   -1.362  -6.369  1.00 41.62 ? 38  LEU A CD1 1 
ATOM   158 C  CD2 . LEU A 1 23 ? 1.894   0.328   -4.832  1.00 41.25 ? 38  LEU A CD2 1 
ATOM   159 N  N   . LYS A 1 24 ? 3.100   2.554   -9.648  1.00 43.39 ? 39  LYS A N   1 
ATOM   160 C  CA  . LYS A 1 24 ? 3.901   2.849   -10.834 1.00 43.71 ? 39  LYS A CA  1 
ATOM   161 C  C   . LYS A 1 24 ? 4.653   4.172   -10.713 1.00 43.63 ? 39  LYS A C   1 
ATOM   162 O  O   . LYS A 1 24 ? 5.687   4.356   -11.346 1.00 43.64 ? 39  LYS A O   1 
ATOM   163 C  CB  . LYS A 1 24 ? 3.041   2.817   -12.096 1.00 43.96 ? 39  LYS A CB  1 
ATOM   164 C  CG  . LYS A 1 24 ? 2.612   1.416   -12.490 1.00 44.67 ? 39  LYS A CG  1 
ATOM   165 C  CD  . LYS A 1 24 ? 1.944   1.421   -13.842 1.00 46.67 ? 39  LYS A CD  1 
ATOM   166 C  CE  . LYS A 1 24 ? 1.862   0.030   -14.417 1.00 47.54 ? 39  LYS A CE  1 
ATOM   167 N  NZ  . LYS A 1 24 ? 1.116   0.067   -15.706 1.00 49.78 ? 39  LYS A NZ  1 
ATOM   168 N  N   . SER A 1 25 ? 4.149   5.078   -9.878  1.00 43.63 ? 40  SER A N   1 
ATOM   169 C  CA  . SER A 1 25 ? 4.830   6.348   -9.627  1.00 43.66 ? 40  SER A CA  1 
ATOM   170 C  C   . SER A 1 25 ? 6.166   6.164   -8.896  1.00 43.60 ? 40  SER A C   1 
ATOM   171 O  O   . SER A 1 25 ? 6.976   7.091   -8.840  1.00 43.68 ? 40  SER A O   1 
ATOM   172 C  CB  . SER A 1 25 ? 3.934   7.317   -8.851  1.00 43.55 ? 40  SER A CB  1 
ATOM   173 O  OG  . SER A 1 25 ? 3.974   7.051   -7.459  1.00 43.77 ? 40  SER A OG  1 
ATOM   174 N  N   . VAL A 1 26 ? 6.389   4.976   -8.338  1.00 43.52 ? 41  VAL A N   1 
ATOM   175 C  CA  . VAL A 1 26 ? 7.647   4.671   -7.648  1.00 43.41 ? 41  VAL A CA  1 
ATOM   176 C  C   . VAL A 1 26 ? 8.400   3.490   -8.282  1.00 43.89 ? 41  VAL A C   1 
ATOM   177 O  O   . VAL A 1 26 ? 9.214   2.842   -7.626  1.00 43.67 ? 41  VAL A O   1 
ATOM   178 C  CB  . VAL A 1 26 ? 7.458   4.464   -6.108  1.00 43.51 ? 41  VAL A CB  1 
ATOM   179 C  CG1 . VAL A 1 26 ? 7.142   5.794   -5.415  1.00 43.06 ? 41  VAL A CG1 1 
ATOM   180 C  CG2 . VAL A 1 26 ? 6.381   3.422   -5.810  1.00 42.99 ? 41  VAL A CG2 1 
ATOM   181 N  N   . GLY A 1 27 ? 8.124   3.219   -9.558  1.00 44.37 ? 42  GLY A N   1 
ATOM   182 C  CA  . GLY A 1 27 ? 8.930   2.269   -10.333 1.00 45.28 ? 42  GLY A CA  1 
ATOM   183 C  C   . GLY A 1 27 ? 8.288   0.941   -10.684 1.00 45.93 ? 42  GLY A C   1 
ATOM   184 O  O   . GLY A 1 27 ? 8.905   0.115   -11.362 1.00 45.90 ? 42  GLY A O   1 
ATOM   185 N  N   . ALA A 1 28 ? 7.059   0.721   -10.221 1.00 46.60 ? 43  ALA A N   1 
ATOM   186 C  CA  . ALA A 1 28 ? 6.344   -0.520  -10.524 1.00 47.61 ? 43  ALA A CA  1 
ATOM   187 C  C   . ALA A 1 28 ? 5.935   -0.546  -11.998 1.00 48.34 ? 43  ALA A C   1 
ATOM   188 O  O   . ALA A 1 28 ? 5.636   0.498   -12.577 1.00 48.31 ? 43  ALA A O   1 
ATOM   189 C  CB  . ALA A 1 28 ? 5.134   -0.674  -9.629  1.00 47.42 ? 43  ALA A CB  1 
ATOM   190 N  N   . GLN A 1 29 ? 5.938   -1.735  -12.598 1.00 49.23 ? 44  GLN A N   1 
ATOM   191 C  CA  . GLN A 1 29 ? 5.730   -1.875  -14.043 1.00 50.12 ? 44  GLN A CA  1 
ATOM   192 C  C   . GLN A 1 29 ? 4.508   -2.708  -14.405 1.00 50.14 ? 44  GLN A C   1 
ATOM   193 O  O   . GLN A 1 29 ? 3.858   -2.459  -15.425 1.00 50.51 ? 44  GLN A O   1 
ATOM   194 C  CB  . GLN A 1 29 ? 6.974   -2.484  -14.697 1.00 50.55 ? 44  GLN A CB  1 
ATOM   195 C  CG  . GLN A 1 29 ? 8.229   -1.636  -14.557 1.00 52.20 ? 44  GLN A CG  1 
ATOM   196 C  CD  . GLN A 1 29 ? 9.394   -2.414  -13.970 1.00 55.07 ? 44  GLN A CD  1 
ATOM   197 O  OE1 . GLN A 1 29 ? 10.296  -2.852  -14.693 1.00 57.21 ? 44  GLN A OE1 1 
ATOM   198 N  NE2 . GLN A 1 29 ? 9.380   -2.598  -12.651 1.00 54.78 ? 44  GLN A NE2 1 
ATOM   199 N  N   . LYS A 1 30 ? 4.199   -3.697  -13.573 1.00 49.95 ? 45  LYS A N   1 
ATOM   200 C  CA  . LYS A 1 30 ? 3.183   -4.696  -13.905 1.00 49.74 ? 45  LYS A CA  1 
ATOM   201 C  C   . LYS A 1 30 ? 1.809   -4.385  -13.310 1.00 49.33 ? 45  LYS A C   1 
ATOM   202 O  O   . LYS A 1 30 ? 1.632   -3.355  -12.657 1.00 49.70 ? 45  LYS A O   1 
ATOM   203 C  CB  . LYS A 1 30 ? 3.659   -6.091  -13.497 1.00 49.86 ? 45  LYS A CB  1 
ATOM   204 C  CG  . LYS A 1 30 ? 4.196   -6.170  -12.082 1.00 50.70 ? 45  LYS A CG  1 
ATOM   205 C  CD  . LYS A 1 30 ? 4.717   -7.565  -11.773 1.00 51.66 ? 45  LYS A CD  1 
ATOM   206 C  CE  . LYS A 1 30 ? 5.340   -7.605  -10.397 1.00 51.59 ? 45  LYS A CE  1 
ATOM   207 N  NZ  . LYS A 1 30 ? 5.481   -9.007  -9.935  1.00 53.15 ? 45  LYS A NZ  1 
ATOM   208 N  N   . ASP A 1 31 ? 0.846   -5.277  -13.538 1.00 48.50 ? 46  ASP A N   1 
ATOM   209 C  CA  . ASP A 1 31 ? -0.540  -5.048  -13.115 1.00 47.87 ? 46  ASP A CA  1 
ATOM   210 C  C   . ASP A 1 31 ? -0.988  -5.925  -11.960 1.00 46.75 ? 46  ASP A C   1 
ATOM   211 O  O   . ASP A 1 31 ? -2.005  -5.643  -11.324 1.00 46.69 ? 46  ASP A O   1 
ATOM   212 C  CB  . ASP A 1 31 ? -1.502  -5.223  -14.293 1.00 48.47 ? 46  ASP A CB  1 
ATOM   213 C  CG  . ASP A 1 31 ? -1.235  -4.239  -15.407 1.00 49.57 ? 46  ASP A CG  1 
ATOM   214 O  OD1 . ASP A 1 31 ? -0.874  -3.082  -15.108 1.00 50.71 ? 46  ASP A OD1 1 
ATOM   215 O  OD2 . ASP A 1 31 ? -1.375  -4.632  -16.584 1.00 52.28 ? 46  ASP A OD2 1 
ATOM   216 N  N   . THR A 1 32 ? -0.244  -6.997  -11.708 1.00 45.32 ? 47  THR A N   1 
ATOM   217 C  CA  . THR A 1 32 ? -0.539  -7.883  -10.595 1.00 44.18 ? 47  THR A CA  1 
ATOM   218 C  C   . THR A 1 32 ? 0.711   -8.047  -9.745  1.00 43.02 ? 47  THR A C   1 
ATOM   219 O  O   . THR A 1 32 ? 1.828   -7.960  -10.252 1.00 42.76 ? 47  THR A O   1 
ATOM   220 C  CB  . THR A 1 32 ? -1.054  -9.262  -11.061 1.00 44.42 ? 47  THR A CB  1 
ATOM   221 O  OG1 . THR A 1 32 ? -0.133  -9.823  -12.003 1.00 44.21 ? 47  THR A OG1 1 
ATOM   222 C  CG2 . THR A 1 32 ? -2.429  -9.127  -11.717 1.00 44.71 ? 47  THR A CG2 1 
ATOM   223 N  N   . TYR A 1 33 ? 0.504   -8.269  -8.452  1.00 41.79 ? 48  TYR A N   1 
ATOM   224 C  CA  . TYR A 1 33 ? 1.576   -8.240  -7.461  1.00 40.72 ? 48  TYR A CA  1 
ATOM   225 C  C   . TYR A 1 33 ? 1.224   -9.185  -6.349  1.00 40.05 ? 48  TYR A C   1 
ATOM   226 O  O   . TYR A 1 33 ? 0.052   -9.436  -6.104  1.00 40.25 ? 48  TYR A O   1 
ATOM   227 C  CB  . TYR A 1 33 ? 1.681   -6.849  -6.829  1.00 40.74 ? 48  TYR A CB  1 
ATOM   228 C  CG  . TYR A 1 33 ? 1.929   -5.711  -7.783  1.00 40.95 ? 48  TYR A CG  1 
ATOM   229 C  CD1 . TYR A 1 33 ? 0.876   -5.081  -8.443  1.00 40.91 ? 48  TYR A CD1 1 
ATOM   230 C  CD2 . TYR A 1 33 ? 3.221   -5.238  -8.000  1.00 42.22 ? 48  TYR A CD2 1 
ATOM   231 C  CE1 . TYR A 1 33 ? 1.105   -4.030  -9.318  1.00 41.66 ? 48  TYR A CE1 1 
ATOM   232 C  CE2 . TYR A 1 33 ? 3.461   -4.184  -8.872  1.00 42.08 ? 48  TYR A CE2 1 
ATOM   233 C  CZ  . TYR A 1 33 ? 2.400   -3.583  -9.526  1.00 42.02 ? 48  TYR A CZ  1 
ATOM   234 O  OH  . TYR A 1 33 ? 2.645   -2.537  -10.384 1.00 41.60 ? 48  TYR A OH  1 
ATOM   235 N  N   . THR A 1 34 ? 2.235   -9.694  -5.656  1.00 39.18 ? 49  THR A N   1 
ATOM   236 C  CA  . THR A 1 34 ? 2.010   -10.287 -4.349  1.00 38.33 ? 49  THR A CA  1 
ATOM   237 C  C   . THR A 1 34 ? 1.810   -9.113  -3.373  1.00 38.17 ? 49  THR A C   1 
ATOM   238 O  O   . THR A 1 34 ? 2.173   -7.972  -3.692  1.00 37.29 ? 49  THR A O   1 
ATOM   239 C  CB  . THR A 1 34 ? 3.203   -11.143 -3.900  1.00 38.53 ? 49  THR A CB  1 
ATOM   240 O  OG1 . THR A 1 34 ? 4.344   -10.301 -3.701  1.00 37.06 ? 49  THR A OG1 1 
ATOM   241 C  CG2 . THR A 1 34 ? 3.538   -12.202 -4.956  1.00 38.36 ? 49  THR A CG2 1 
ATOM   242 N  N   . MET A 1 35 ? 1.232   -9.395  -2.208  1.00 37.85 ? 50  MET A N   1 
ATOM   243 C  CA  . MET A 1 35 ? 1.011   -8.380  -1.180  1.00 38.46 ? 50  MET A CA  1 
ATOM   244 C  C   . MET A 1 35 ? 2.329   -7.741  -0.723  1.00 37.58 ? 50  MET A C   1 
ATOM   245 O  O   . MET A 1 35 ? 2.401   -6.525  -0.531  1.00 37.15 ? 50  MET A O   1 
ATOM   246 C  CB  . MET A 1 35 ? 0.278   -8.974  0.029   1.00 38.84 ? 50  MET A CB  1 
ATOM   247 C  CG  . MET A 1 35 ? -1.252  -8.977  -0.064  1.00 42.57 ? 50  MET A CG  1 
ATOM   248 S  SD  . MET A 1 35 ? -2.069  -7.358  -0.248  1.00 49.87 ? 50  MET A SD  1 
ATOM   249 C  CE  . MET A 1 35 ? -1.136  -6.337  0.891   1.00 44.76 ? 50  MET A CE  1 
ATOM   250 N  N   . LYS A 1 36 ? 3.351   -8.579  -0.547  1.00 37.03 ? 51  LYS A N   1 
ATOM   251 C  CA  . LYS A 1 36 ? 4.707   -8.144  -0.207  1.00 36.54 ? 51  LYS A CA  1 
ATOM   252 C  C   . LYS A 1 36 ? 5.262   -7.145  -1.209  1.00 35.59 ? 51  LYS A C   1 
ATOM   253 O  O   . LYS A 1 36 ? 5.948   -6.188  -0.827  1.00 35.28 ? 51  LYS A O   1 
ATOM   254 C  CB  . LYS A 1 36 ? 5.650   -9.342  -0.145  1.00 36.71 ? 51  LYS A CB  1 
ATOM   255 C  CG  . LYS A 1 36 ? 5.313   -10.339 0.935   1.00 39.18 ? 51  LYS A CG  1 
ATOM   256 C  CD  . LYS A 1 36 ? 6.051   -11.648 0.673   1.00 42.82 ? 51  LYS A CD  1 
ATOM   257 C  CE  . LYS A 1 36 ? 7.146   -11.879 1.684   1.00 45.10 ? 51  LYS A CE  1 
ATOM   258 N  NZ  . LYS A 1 36 ? 6.627   -12.716 2.806   1.00 46.64 ? 51  LYS A NZ  1 
ATOM   259 N  N   . GLU A 1 37 ? 4.975   -7.376  -2.491  1.00 34.46 ? 52  GLU A N   1 
ATOM   260 C  CA  . GLU A 1 37 ? 5.380   -6.448  -3.550  1.00 33.77 ? 52  GLU A CA  1 
ATOM   261 C  C   . GLU A 1 37 ? 4.646   -5.111  -3.447  1.00 32.87 ? 52  GLU A C   1 
ATOM   262 O  O   . GLU A 1 37 ? 5.262   -4.051  -3.578  1.00 32.18 ? 52  GLU A O   1 
ATOM   263 C  CB  . GLU A 1 37 ? 5.202   -7.077  -4.942  1.00 34.40 ? 52  GLU A CB  1 
ATOM   264 C  CG  . GLU A 1 37 ? 6.075   -8.307  -5.145  1.00 36.28 ? 52  GLU A CG  1 
ATOM   265 C  CD  . GLU A 1 37 ? 5.827   -9.042  -6.457  1.00 41.68 ? 52  GLU A CD  1 
ATOM   266 O  OE1 . GLU A 1 37 ? 4.823   -8.760  -7.155  1.00 40.58 ? 52  GLU A OE1 1 
ATOM   267 O  OE2 . GLU A 1 37 ? 6.653   -9.925  -6.781  1.00 44.03 ? 52  GLU A OE2 1 
ATOM   268 N  N   . VAL A 1 38 ? 3.337   -5.161  -3.185  1.00 32.19 ? 53  VAL A N   1 
ATOM   269 C  CA  . VAL A 1 38 ? 2.558   -3.939  -2.968  1.00 31.60 ? 53  VAL A CA  1 
ATOM   270 C  C   . VAL A 1 38 ? 3.122   -3.151  -1.755  1.00 31.16 ? 53  VAL A C   1 
ATOM   271 O  O   . VAL A 1 38 ? 3.283   -1.934  -1.811  1.00 30.80 ? 53  VAL A O   1 
ATOM   272 C  CB  . VAL A 1 38 ? 1.053   -4.258  -2.775  1.00 31.70 ? 53  VAL A CB  1 
ATOM   273 C  CG1 . VAL A 1 38 ? 0.282   -3.001  -2.433  1.00 31.17 ? 53  VAL A CG1 1 
ATOM   274 C  CG2 . VAL A 1 38 ? 0.469   -4.907  -4.049  1.00 31.92 ? 53  VAL A CG2 1 
ATOM   275 N  N   . LEU A 1 39 ? 3.432   -3.873  -0.682  1.00 31.04 ? 54  LEU A N   1 
ATOM   276 C  CA  . LEU A 1 39 ? 4.006   -3.280  0.533   1.00 31.42 ? 54  LEU A CA  1 
ATOM   277 C  C   . LEU A 1 39 ? 5.380   -2.671  0.282   1.00 30.85 ? 54  LEU A C   1 
ATOM   278 O  O   . LEU A 1 39 ? 5.690   -1.608  0.812   1.00 31.24 ? 54  LEU A O   1 
ATOM   279 C  CB  . LEU A 1 39 ? 4.087   -4.326  1.656   1.00 31.50 ? 54  LEU A CB  1 
ATOM   280 C  CG  . LEU A 1 39 ? 2.911   -4.515  2.632   1.00 33.27 ? 54  LEU A CG  1 
ATOM   281 C  CD1 . LEU A 1 39 ? 2.307   -3.199  3.124   1.00 35.57 ? 54  LEU A CD1 1 
ATOM   282 C  CD2 . LEU A 1 39 ? 1.830   -5.378  2.047   1.00 37.91 ? 54  LEU A CD2 1 
ATOM   283 N  N   . PHE A 1 40 ? 6.200   -3.357  -0.517  1.00 30.56 ? 55  PHE A N   1 
ATOM   284 C  CA  . PHE A 1 40 ? 7.506   -2.843  -0.940  1.00 30.48 ? 55  PHE A CA  1 
ATOM   285 C  C   . PHE A 1 40 ? 7.340   -1.468  -1.586  1.00 30.92 ? 55  PHE A C   1 
ATOM   286 O  O   . PHE A 1 40 ? 8.008   -0.500  -1.188  1.00 31.40 ? 55  PHE A O   1 
ATOM   287 C  CB  . PHE A 1 40 ? 8.168   -3.838  -1.905  1.00 30.54 ? 55  PHE A CB  1 
ATOM   288 C  CG  . PHE A 1 40 ? 9.455   -3.356  -2.523  1.00 30.25 ? 55  PHE A CG  1 
ATOM   289 C  CD1 . PHE A 1 40 ? 10.679  -3.633  -1.918  1.00 30.96 ? 55  PHE A CD1 1 
ATOM   290 C  CD2 . PHE A 1 40 ? 9.447   -2.653  -3.725  1.00 30.86 ? 55  PHE A CD2 1 
ATOM   291 C  CE1 . PHE A 1 40 ? 11.877  -3.201  -2.492  1.00 30.76 ? 55  PHE A CE1 1 
ATOM   292 C  CE2 . PHE A 1 40 ? 10.642  -2.225  -4.317  1.00 31.64 ? 55  PHE A CE2 1 
ATOM   293 C  CZ  . PHE A 1 40 ? 11.858  -2.497  -3.694  1.00 31.72 ? 55  PHE A CZ  1 
ATOM   294 N  N   . TYR A 1 41 ? 6.449   -1.366  -2.572  1.00 30.66 ? 56  TYR A N   1 
ATOM   295 C  CA  . TYR A 1 41 ? 6.258   -0.088  -3.279  1.00 30.90 ? 56  TYR A CA  1 
ATOM   296 C  C   . TYR A 1 41 ? 5.564   0.989   -2.420  1.00 30.21 ? 56  TYR A C   1 
ATOM   297 O  O   . TYR A 1 41 ? 5.907   2.172   -2.504  1.00 30.71 ? 56  TYR A O   1 
ATOM   298 C  CB  . TYR A 1 41 ? 5.561   -0.286  -4.632  1.00 31.14 ? 56  TYR A CB  1 
ATOM   299 C  CG  . TYR A 1 41 ? 6.461   -0.934  -5.681  1.00 33.12 ? 56  TYR A CG  1 
ATOM   300 C  CD1 . TYR A 1 41 ? 7.506   -0.221  -6.264  1.00 35.27 ? 56  TYR A CD1 1 
ATOM   301 C  CD2 . TYR A 1 41 ? 6.266   -2.257  -6.078  1.00 35.16 ? 56  TYR A CD2 1 
ATOM   302 C  CE1 . TYR A 1 41 ? 8.341   -0.805  -7.225  1.00 37.45 ? 56  TYR A CE1 1 
ATOM   303 C  CE2 . TYR A 1 41 ? 7.093   -2.852  -7.041  1.00 36.91 ? 56  TYR A CE2 1 
ATOM   304 C  CZ  . TYR A 1 41 ? 8.129   -2.116  -7.602  1.00 38.03 ? 56  TYR A CZ  1 
ATOM   305 O  OH  . TYR A 1 41 ? 8.958   -2.690  -8.543  1.00 41.79 ? 56  TYR A OH  1 
ATOM   306 N  N   . LEU A 1 42 ? 4.619   0.580   -1.581  1.00 29.77 ? 57  LEU A N   1 
ATOM   307 C  CA  . LEU A 1 42 ? 3.983   1.512   -0.648  1.00 29.62 ? 57  LEU A CA  1 
ATOM   308 C  C   . LEU A 1 42 ? 5.013   2.063   0.347   1.00 29.49 ? 57  LEU A C   1 
ATOM   309 O  O   . LEU A 1 42 ? 4.994   3.245   0.684   1.00 29.06 ? 57  LEU A O   1 
ATOM   310 C  CB  . LEU A 1 42 ? 2.802   0.847   0.078   1.00 29.67 ? 57  LEU A CB  1 
ATOM   311 C  CG  . LEU A 1 42 ? 1.457   0.736   -0.670  1.00 29.38 ? 57  LEU A CG  1 
ATOM   312 C  CD1 . LEU A 1 42 ? 0.479   -0.060  0.155   1.00 29.45 ? 57  LEU A CD1 1 
ATOM   313 C  CD2 . LEU A 1 42 ? 0.859   2.111   -0.955  1.00 31.26 ? 57  LEU A CD2 1 
ATOM   314 N  N   . GLY A 1 43 ? 5.910   1.193   0.805   1.00 29.79 ? 58  GLY A N   1 
ATOM   315 C  CA  . GLY A 1 43 ? 6.989   1.592   1.713   1.00 30.40 ? 58  GLY A CA  1 
ATOM   316 C  C   . GLY A 1 43 ? 7.873   2.608   1.044   1.00 31.50 ? 58  GLY A C   1 
ATOM   317 O  O   . GLY A 1 43 ? 8.230   3.622   1.642   1.00 31.37 ? 58  GLY A O   1 
ATOM   318 N  N   . GLN A 1 44 ? 8.217   2.346   -0.217  1.00 32.18 ? 59  GLN A N   1 
ATOM   319 C  CA  . GLN A 1 44 ? 8.984   3.304   -0.985  1.00 33.81 ? 59  GLN A CA  1 
ATOM   320 C  C   . GLN A 1 44 ? 8.297   4.651   -1.179  1.00 33.44 ? 59  GLN A C   1 
ATOM   321 O  O   . GLN A 1 44 ? 8.930   5.709   -1.115  1.00 33.22 ? 59  GLN A O   1 
ATOM   322 C  CB  . GLN A 1 44 ? 9.342   2.760   -2.356  1.00 34.14 ? 59  GLN A CB  1 
ATOM   323 C  CG  . GLN A 1 44 ? 10.484  3.550   -2.894  1.00 38.99 ? 59  GLN A CG  1 
ATOM   324 C  CD  . GLN A 1 44 ? 11.637  3.567   -1.894  1.00 42.40 ? 59  GLN A CD  1 
ATOM   325 O  OE1 . GLN A 1 44 ? 11.908  2.562   -1.216  1.00 43.72 ? 59  GLN A OE1 1 
ATOM   326 N  NE2 . GLN A 1 44 ? 12.323  4.694   -1.806  1.00 45.18 ? 59  GLN A NE2 1 
ATOM   327 N  N   . TYR A 1 45 ? 7.006   4.602   -1.467  1.00 33.26 ? 60  TYR A N   1 
ATOM   328 C  CA  . TYR A 1 45 ? 6.240   5.819   -1.655  1.00 32.99 ? 60  TYR A CA  1 
ATOM   329 C  C   . TYR A 1 45 ? 6.291   6.665   -0.380  1.00 32.67 ? 60  TYR A C   1 
ATOM   330 O  O   . TYR A 1 45 ? 6.531   7.868   -0.431  1.00 32.44 ? 60  TYR A O   1 
ATOM   331 C  CB  . TYR A 1 45 ? 4.804   5.450   -1.993  1.00 32.89 ? 60  TYR A CB  1 
ATOM   332 C  CG  . TYR A 1 45 ? 3.900   6.618   -2.272  1.00 34.14 ? 60  TYR A CG  1 
ATOM   333 C  CD1 . TYR A 1 45 ? 3.763   7.125   -3.560  1.00 34.40 ? 60  TYR A CD1 1 
ATOM   334 C  CD2 . TYR A 1 45 ? 3.148   7.199   -1.248  1.00 34.92 ? 60  TYR A CD2 1 
ATOM   335 C  CE1 . TYR A 1 45 ? 2.895   8.196   -3.819  1.00 34.75 ? 60  TYR A CE1 1 
ATOM   336 C  CE2 . TYR A 1 45 ? 2.295   8.254   -1.497  1.00 33.60 ? 60  TYR A CE2 1 
ATOM   337 C  CZ  . TYR A 1 45 ? 2.175   8.747   -2.778  1.00 34.62 ? 60  TYR A CZ  1 
ATOM   338 O  OH  . TYR A 1 45 ? 1.319   9.800   -3.013  1.00 36.56 ? 60  TYR A OH  1 
ATOM   339 N  N   . ILE A 1 46 ? 6.059   6.020   0.759   1.00 32.59 ? 61  ILE A N   1 
ATOM   340 C  CA  . ILE A 1 46 ? 6.031   6.701   2.042   1.00 32.90 ? 61  ILE A CA  1 
ATOM   341 C  C   . ILE A 1 46 ? 7.402   7.333   2.344   1.00 34.45 ? 61  ILE A C   1 
ATOM   342 O  O   . ILE A 1 46 ? 7.487   8.511   2.733   1.00 33.83 ? 61  ILE A O   1 
ATOM   343 C  CB  . ILE A 1 46 ? 5.570   5.745   3.168   1.00 32.50 ? 61  ILE A CB  1 
ATOM   344 C  CG1 . ILE A 1 46 ? 4.081   5.390   3.001   1.00 30.74 ? 61  ILE A CG1 1 
ATOM   345 C  CG2 . ILE A 1 46 ? 5.795   6.373   4.526   1.00 32.14 ? 61  ILE A CG2 1 
ATOM   346 C  CD1 . ILE A 1 46 ? 3.616   4.240   3.873   1.00 27.10 ? 61  ILE A CD1 1 
ATOM   347 N  N   . MET A 1 47 ? 8.464   6.555   2.143   1.00 35.74 ? 62  MET A N   1 
ATOM   348 C  CA  . MET A 1 47 ? 9.834   7.031   2.378   1.00 37.57 ? 62  MET A CA  1 
ATOM   349 C  C   . MET A 1 47 ? 10.164  8.227   1.500   1.00 37.81 ? 62  MET A C   1 
ATOM   350 O  O   . MET A 1 47 ? 10.596  9.263   2.004   1.00 38.03 ? 62  MET A O   1 
ATOM   351 C  CB  . MET A 1 47 ? 10.858  5.903   2.146   1.00 37.64 ? 62  MET A CB  1 
ATOM   352 C  CG  . MET A 1 47 ? 10.877  4.838   3.236   1.00 38.97 ? 62  MET A CG  1 
ATOM   353 S  SD  . MET A 1 47 ? 10.962  5.488   4.927   1.00 43.08 ? 62  MET A SD  1 
ATOM   354 C  CE  . MET A 1 47 ? 12.624  6.163   4.962   1.00 41.29 ? 62  MET A CE  1 
ATOM   355 N  N   . THR A 1 48 ? 9.929   8.096   0.194   1.00 38.94 ? 63  THR A N   1 
ATOM   356 C  CA  . THR A 1 48 ? 10.341  9.134   -0.762  1.00 39.66 ? 63  THR A CA  1 
ATOM   357 C  C   . THR A 1 48 ? 9.556   10.436  -0.621  1.00 40.11 ? 63  THR A C   1 
ATOM   358 O  O   . THR A 1 48 ? 10.091  11.511  -0.880  1.00 39.65 ? 63  THR A O   1 
ATOM   359 C  CB  . THR A 1 48 ? 10.305  8.657   -2.233  1.00 39.83 ? 63  THR A CB  1 
ATOM   360 O  OG1 . THR A 1 48 ? 8.959   8.395   -2.641  1.00 40.82 ? 63  THR A OG1 1 
ATOM   361 C  CG2 . THR A 1 48 ? 11.131  7.399   -2.405  1.00 39.79 ? 63  THR A CG2 1 
ATOM   362 N  N   . LYS A 1 49 ? 8.295   10.339  -0.212  1.00 40.18 ? 64  LYS A N   1 
ATOM   363 C  CA  . LYS A 1 49 ? 7.485   11.538  0.004   1.00 40.75 ? 64  LYS A CA  1 
ATOM   364 C  C   . LYS A 1 49 ? 7.593   12.025  1.443   1.00 40.90 ? 64  LYS A C   1 
ATOM   365 O  O   . LYS A 1 49 ? 6.917   12.982  1.824   1.00 40.76 ? 64  LYS A O   1 
ATOM   366 C  CB  . LYS A 1 49 ? 6.025   11.287  -0.367  1.00 40.83 ? 64  LYS A CB  1 
ATOM   367 C  CG  . LYS A 1 49 ? 5.851   10.815  -1.789  1.00 41.62 ? 64  LYS A CG  1 
ATOM   368 C  CD  . LYS A 1 49 ? 4.483   11.121  -2.315  1.00 43.62 ? 64  LYS A CD  1 
ATOM   369 C  CE  . LYS A 1 49 ? 4.398   12.522  -2.892  1.00 43.30 ? 64  LYS A CE  1 
ATOM   370 N  NZ  . LYS A 1 49 ? 3.034   12.752  -3.417  1.00 44.78 ? 64  LYS A NZ  1 
ATOM   371 N  N   . ARG A 1 50 ? 8.435   11.343  2.224   1.00 41.15 ? 65  ARG A N   1 
ATOM   372 C  CA  . ARG A 1 50 ? 8.689   11.658  3.633   1.00 42.00 ? 65  ARG A CA  1 
ATOM   373 C  C   . ARG A 1 50 ? 7.395   11.879  4.428   1.00 41.70 ? 65  ARG A C   1 
ATOM   374 O  O   . ARG A 1 50 ? 7.251   12.869  5.159   1.00 41.24 ? 65  ARG A O   1 
ATOM   375 C  CB  . ARG A 1 50 ? 9.648   12.855  3.768   1.00 42.49 ? 65  ARG A CB  1 
ATOM   376 C  CG  . ARG A 1 50 ? 11.085  12.565  3.322   1.00 44.88 ? 65  ARG A CG  1 
ATOM   377 C  CD  . ARG A 1 50 ? 12.039  13.681  3.762   1.00 49.94 ? 65  ARG A CD  1 
ATOM   378 N  NE  . ARG A 1 50 ? 11.757  14.950  3.089   1.00 53.64 ? 65  ARG A NE  1 
ATOM   379 C  CZ  . ARG A 1 50 ? 12.263  16.133  3.440   1.00 55.76 ? 65  ARG A CZ  1 
ATOM   380 N  NH1 . ARG A 1 50 ? 13.087  16.243  4.479   1.00 56.78 ? 65  ARG A NH1 1 
ATOM   381 N  NH2 . ARG A 1 50 ? 11.938  17.220  2.748   1.00 56.67 ? 65  ARG A NH2 1 
ATOM   382 N  N   . LEU A 1 51 ? 6.463   10.939  4.289   1.00 41.43 ? 66  LEU A N   1 
ATOM   383 C  CA  . LEU A 1 51 ? 5.160   11.038  4.954   1.00 41.79 ? 66  LEU A CA  1 
ATOM   384 C  C   . LEU A 1 51 ? 5.202   10.603  6.414   1.00 42.48 ? 66  LEU A C   1 
ATOM   385 O  O   . LEU A 1 51 ? 4.300   10.924  7.183   1.00 42.32 ? 66  LEU A O   1 
ATOM   386 C  CB  . LEU A 1 51 ? 4.103   10.226  4.196   1.00 41.05 ? 66  LEU A CB  1 
ATOM   387 C  CG  . LEU A 1 51 ? 3.862   10.600  2.732   1.00 40.20 ? 66  LEU A CG  1 
ATOM   388 C  CD1 . LEU A 1 51 ? 2.786   9.698   2.134   1.00 37.88 ? 66  LEU A CD1 1 
ATOM   389 C  CD2 . LEU A 1 51 ? 3.496   12.072  2.577   1.00 37.91 ? 66  LEU A CD2 1 
ATOM   390 N  N   . TYR A 1 52 ? 6.236   9.855   6.792   1.00 43.63 ? 67  TYR A N   1 
ATOM   391 C  CA  . TYR A 1 52 ? 6.397   9.427   8.180   1.00 45.19 ? 67  TYR A CA  1 
ATOM   392 C  C   . TYR A 1 52 ? 6.898   10.611  9.011   1.00 46.02 ? 67  TYR A C   1 
ATOM   393 O  O   . TYR A 1 52 ? 7.638   11.456  8.511   1.00 46.18 ? 67  TYR A O   1 
ATOM   394 C  CB  . TYR A 1 52 ? 7.366   8.243   8.286   1.00 45.23 ? 67  TYR A CB  1 
ATOM   395 C  CG  . TYR A 1 52 ? 8.784   8.596   7.900   1.00 46.65 ? 67  TYR A CG  1 
ATOM   396 C  CD1 . TYR A 1 52 ? 9.723   8.949   8.879   1.00 48.44 ? 67  TYR A CD1 1 
ATOM   397 C  CD2 . TYR A 1 52 ? 9.190   8.596   6.560   1.00 47.29 ? 67  TYR A CD2 1 
ATOM   398 C  CE1 . TYR A 1 52 ? 11.032  9.285   8.539   1.00 48.81 ? 67  TYR A CE1 1 
ATOM   399 C  CE2 . TYR A 1 52 ? 10.502  8.933   6.207   1.00 48.55 ? 67  TYR A CE2 1 
ATOM   400 C  CZ  . TYR A 1 52 ? 11.413  9.277   7.209   1.00 49.54 ? 67  TYR A CZ  1 
ATOM   401 O  OH  . TYR A 1 52 ? 12.706  9.618   6.886   1.00 50.58 ? 67  TYR A OH  1 
ATOM   402 N  N   . ASP A 1 53 ? 6.478   10.665  10.270  1.00 47.50 ? 68  ASP A N   1 
ATOM   403 C  CA  . ASP A 1 53 ? 6.869   11.740  11.186  1.00 48.97 ? 68  ASP A CA  1 
ATOM   404 C  C   . ASP A 1 53 ? 8.300   11.497  11.682  1.00 49.57 ? 68  ASP A C   1 
ATOM   405 O  O   . ASP A 1 53 ? 8.554   10.537  12.397  1.00 49.66 ? 68  ASP A O   1 
ATOM   406 C  CB  . ASP A 1 53 ? 5.881   11.807  12.358  1.00 48.90 ? 68  ASP A CB  1 
ATOM   407 C  CG  . ASP A 1 53 ? 6.172   12.953  13.333  1.00 49.73 ? 68  ASP A CG  1 
ATOM   408 O  OD1 . ASP A 1 53 ? 7.107   13.752  13.106  1.00 51.03 ? 68  ASP A OD1 1 
ATOM   409 O  OD2 . ASP A 1 53 ? 5.447   13.047  14.341  1.00 50.73 ? 68  ASP A OD2 1 
ATOM   410 N  N   . GLU A 1 54 ? 9.226   12.371  11.290  1.00 50.88 ? 69  GLU A N   1 
ATOM   411 C  CA  . GLU A 1 54 ? 10.635  12.272  11.705  1.00 52.01 ? 69  GLU A CA  1 
ATOM   412 C  C   . GLU A 1 54 ? 10.820  12.090  13.224  1.00 52.07 ? 69  GLU A C   1 
ATOM   413 O  O   . GLU A 1 54 ? 11.711  11.358  13.649  1.00 52.31 ? 69  GLU A O   1 
ATOM   414 C  CB  . GLU A 1 54 ? 11.440  13.469  11.176  1.00 52.28 ? 69  GLU A CB  1 
ATOM   415 C  CG  . GLU A 1 54 ? 12.947  13.466  11.503  1.00 54.06 ? 69  GLU A CG  1 
ATOM   416 C  CD  . GLU A 1 54 ? 13.755  12.373  10.795  1.00 56.23 ? 69  GLU A CD  1 
ATOM   417 O  OE1 . GLU A 1 54 ? 13.251  11.731  9.842   1.00 57.88 ? 69  GLU A OE1 1 
ATOM   418 O  OE2 . GLU A 1 54 ? 14.921  12.164  11.196  1.00 57.34 ? 69  GLU A OE2 1 
ATOM   419 N  N   . LYS A 1 55 ? 9.963   12.722  14.027  1.00 52.24 ? 70  LYS A N   1 
ATOM   420 C  CA  . LYS A 1 55 ? 10.031  12.591  15.490  1.00 52.50 ? 70  LYS A CA  1 
ATOM   421 C  C   . LYS A 1 55 ? 9.381   11.306  16.002  1.00 52.07 ? 70  LYS A C   1 
ATOM   422 O  O   . LYS A 1 55 ? 9.909   10.665  16.911  1.00 52.36 ? 70  LYS A O   1 
ATOM   423 C  CB  . LYS A 1 55 ? 9.423   13.811  16.205  1.00 52.57 ? 70  LYS A CB  1 
ATOM   424 C  CG  . LYS A 1 55 ? 9.993   15.173  15.803  1.00 54.43 ? 70  LYS A CG  1 
ATOM   425 C  CD  . LYS A 1 55 ? 11.519  15.184  15.669  1.00 56.63 ? 70  LYS A CD  1 
ATOM   426 C  CE  . LYS A 1 55 ? 11.970  16.325  14.760  1.00 57.38 ? 70  LYS A CE  1 
ATOM   427 N  NZ  . LYS A 1 55 ? 13.332  16.112  14.185  1.00 58.72 ? 70  LYS A NZ  1 
ATOM   428 N  N   . GLN A 1 56 ? 8.232   10.944  15.433  1.00 51.63 ? 71  GLN A N   1 
ATOM   429 C  CA  . GLN A 1 56 ? 7.559   9.686   15.761  1.00 51.03 ? 71  GLN A CA  1 
ATOM   430 C  C   . GLN A 1 56 ? 7.428   8.880   14.468  1.00 50.44 ? 71  GLN A C   1 
ATOM   431 O  O   . GLN A 1 56 ? 6.427   8.984   13.747  1.00 50.49 ? 71  GLN A O   1 
ATOM   432 C  CB  . GLN A 1 56 ? 6.191   9.937   16.408  1.00 51.20 ? 71  GLN A CB  1 
ATOM   433 C  CG  . GLN A 1 56 ? 5.640   8.733   17.183  1.00 52.12 ? 71  GLN A CG  1 
ATOM   434 C  CD  . GLN A 1 56 ? 4.233   8.954   17.721  1.00 53.28 ? 71  GLN A CD  1 
ATOM   435 O  OE1 . GLN A 1 56 ? 3.740   10.088  17.781  1.00 54.34 ? 71  GLN A OE1 1 
ATOM   436 N  NE2 . GLN A 1 56 ? 3.578   7.868   18.116  1.00 53.63 ? 71  GLN A NE2 1 
ATOM   437 N  N   . GLN A 1 57 ? 8.456   8.084   14.184  1.00 49.33 ? 72  GLN A N   1 
ATOM   438 C  CA  . GLN A 1 57 ? 8.646   7.467   12.864  1.00 48.26 ? 72  GLN A CA  1 
ATOM   439 C  C   . GLN A 1 57 ? 7.699   6.307   12.564  1.00 46.83 ? 72  GLN A C   1 
ATOM   440 O  O   . GLN A 1 57 ? 7.749   5.717   11.481  1.00 47.14 ? 72  GLN A O   1 
ATOM   441 C  CB  . GLN A 1 57 ? 10.116  7.076   12.675  1.00 48.32 ? 72  GLN A CB  1 
ATOM   442 C  CG  . GLN A 1 57 ? 11.052  8.283   12.773  1.00 50.00 ? 72  GLN A CG  1 
ATOM   443 C  CD  . GLN A 1 57 ? 12.471  8.008   12.314  1.00 52.31 ? 72  GLN A CD  1 
ATOM   444 O  OE1 . GLN A 1 57 ? 12.917  6.859   12.265  1.00 53.26 ? 72  GLN A OE1 1 
ATOM   445 N  NE2 . GLN A 1 57 ? 13.194  9.071   11.971  1.00 53.39 ? 72  GLN A NE2 1 
ATOM   446 N  N   . HIS A 1 58 ? 6.829   6.003   13.522  1.00 45.28 ? 73  HIS A N   1 
ATOM   447 C  CA  . HIS A 1 58 ? 5.796   4.988   13.346  1.00 43.85 ? 73  HIS A CA  1 
ATOM   448 C  C   . HIS A 1 58 ? 4.440   5.528   12.853  1.00 41.91 ? 73  HIS A C   1 
ATOM   449 O  O   . HIS A 1 58 ? 3.593   4.758   12.422  1.00 41.21 ? 73  HIS A O   1 
ATOM   450 C  CB  . HIS A 1 58 ? 5.637   4.156   14.616  1.00 44.32 ? 73  HIS A CB  1 
ATOM   451 C  CG  . HIS A 1 58 ? 6.834   3.308   14.919  1.00 47.08 ? 73  HIS A CG  1 
ATOM   452 N  ND1 . HIS A 1 58 ? 7.800   3.681   15.830  1.00 49.25 ? 73  HIS A ND1 1 
ATOM   453 C  CD2 . HIS A 1 58 ? 7.237   2.119   14.409  1.00 48.25 ? 73  HIS A CD2 1 
ATOM   454 C  CE1 . HIS A 1 58 ? 8.738   2.751   15.880  1.00 50.33 ? 73  HIS A CE1 1 
ATOM   455 N  NE2 . HIS A 1 58 ? 8.422   1.794   15.026  1.00 49.92 ? 73  HIS A NE2 1 
ATOM   456 N  N   . ILE A 1 59 ? 4.254   6.847   12.896  1.00 40.34 ? 74  ILE A N   1 
ATOM   457 C  CA  . ILE A 1 59 ? 3.025   7.452   12.362  1.00 38.17 ? 74  ILE A CA  1 
ATOM   458 C  C   . ILE A 1 59 ? 3.239   8.055   10.972  1.00 36.52 ? 74  ILE A C   1 
ATOM   459 O  O   . ILE A 1 59 ? 4.177   8.829   10.739  1.00 36.41 ? 74  ILE A O   1 
ATOM   460 C  CB  . ILE A 1 59 ? 2.378   8.502   13.323  1.00 38.52 ? 74  ILE A CB  1 
ATOM   461 C  CG1 . ILE A 1 59 ? 2.224   7.946   14.751  1.00 38.54 ? 74  ILE A CG1 1 
ATOM   462 C  CG2 . ILE A 1 59 ? 0.998   8.959   12.782  1.00 37.49 ? 74  ILE A CG2 1 
ATOM   463 C  CD1 . ILE A 1 59 ? 1.139   6.843   14.913  1.00 38.13 ? 74  ILE A CD1 1 
ATOM   464 N  N   . VAL A 1 60 ? 2.352   7.683   10.056  1.00 34.53 ? 75  VAL A N   1 
ATOM   465 C  CA  . VAL A 1 60 ? 2.351   8.217   8.698   1.00 32.55 ? 75  VAL A CA  1 
ATOM   466 C  C   . VAL A 1 60 ? 1.257   9.279   8.591   1.00 31.96 ? 75  VAL A C   1 
ATOM   467 O  O   . VAL A 1 60 ? 0.099   8.995   8.882   1.00 31.32 ? 75  VAL A O   1 
ATOM   468 C  CB  . VAL A 1 60 ? 2.089   7.095   7.655   1.00 32.33 ? 75  VAL A CB  1 
ATOM   469 C  CG1 . VAL A 1 60 ? 1.976   7.675   6.237   1.00 31.43 ? 75  VAL A CG1 1 
ATOM   470 C  CG2 . VAL A 1 60 ? 3.189   6.042   7.709   1.00 31.94 ? 75  VAL A CG2 1 
ATOM   471 N  N   . TYR A 1 61 ? 1.640   10.491  8.198   1.00 31.47 ? 76  TYR A N   1 
ATOM   472 C  CA  . TYR A 1 61 ? 0.687   11.580  7.961   1.00 31.68 ? 76  TYR A CA  1 
ATOM   473 C  C   . TYR A 1 61 ? 0.466   11.747  6.459   1.00 31.36 ? 76  TYR A C   1 
ATOM   474 O  O   . TYR A 1 61 ? 1.381   12.121  5.721   1.00 31.96 ? 76  TYR A O   1 
ATOM   475 C  CB  . TYR A 1 61 ? 1.162   12.871  8.626   1.00 31.83 ? 76  TYR A CB  1 
ATOM   476 C  CG  . TYR A 1 61 ? 1.088   12.780  10.133  1.00 33.04 ? 76  TYR A CG  1 
ATOM   477 C  CD1 . TYR A 1 61 ? -0.122  12.977  10.797  1.00 33.80 ? 76  TYR A CD1 1 
ATOM   478 C  CD2 . TYR A 1 61 ? 2.211   12.450  10.888  1.00 33.84 ? 76  TYR A CD2 1 
ATOM   479 C  CE1 . TYR A 1 61 ? -0.212  12.864  12.172  1.00 34.03 ? 76  TYR A CE1 1 
ATOM   480 C  CE2 . TYR A 1 61 ? 2.142   12.352  12.275  1.00 35.33 ? 76  TYR A CE2 1 
ATOM   481 C  CZ  . TYR A 1 61 ? 0.928   12.556  12.906  1.00 35.87 ? 76  TYR A CZ  1 
ATOM   482 O  OH  . TYR A 1 61 ? 0.840   12.454  14.267  1.00 34.83 ? 76  TYR A OH  1 
ATOM   483 N  N   . CYS A 1 62 ? -0.733  11.417  5.998   1.00 30.64 ? 77  CYS A N   1 
ATOM   484 C  CA  . CYS A 1 62 ? -0.987  11.365  4.553   1.00 30.29 ? 77  CYS A CA  1 
ATOM   485 C  C   . CYS A 1 62 ? -2.161  12.226  4.062   1.00 30.54 ? 77  CYS A C   1 
ATOM   486 O  O   . CYS A 1 62 ? -2.578  12.105  2.899   1.00 29.94 ? 77  CYS A O   1 
ATOM   487 C  CB  . CYS A 1 62 ? -1.186  9.908   4.119   1.00 30.11 ? 77  CYS A CB  1 
ATOM   488 S  SG  . CYS A 1 62 ? -2.399  9.025   5.095   1.00 28.68 ? 77  CYS A SG  1 
ATOM   489 N  N   . SER A 1 63 ? -2.668  13.104  4.931   1.00 30.36 ? 78  SER A N   1 
ATOM   490 C  CA  . SER A 1 63 ? -3.888  13.881  4.641   1.00 30.72 ? 78  SER A CA  1 
ATOM   491 C  C   . SER A 1 63 ? -3.777  14.805  3.429   1.00 31.17 ? 78  SER A C   1 
ATOM   492 O  O   . SER A 1 63 ? -4.781  15.105  2.785   1.00 30.57 ? 78  SER A O   1 
ATOM   493 C  CB  . SER A 1 63 ? -4.323  14.694  5.863   1.00 30.19 ? 78  SER A CB  1 
ATOM   494 O  OG  . SER A 1 63 ? -3.463  15.807  6.045   1.00 31.83 ? 78  SER A OG  1 
ATOM   495 N  N   . ASN A 1 64 ? -2.565  15.262  3.126   1.00 31.60 ? 79  ASN A N   1 
ATOM   496 C  CA  . ASN A 1 64 ? -2.355  16.111  1.954   1.00 32.79 ? 79  ASN A CA  1 
ATOM   497 C  C   . ASN A 1 64 ? -1.814  15.333  0.763   1.00 32.50 ? 79  ASN A C   1 
ATOM   498 O  O   . ASN A 1 64 ? -1.380  15.923  -0.229  1.00 32.50 ? 79  ASN A O   1 
ATOM   499 C  CB  . ASN A 1 64 ? -1.426  17.278  2.290   1.00 33.54 ? 79  ASN A CB  1 
ATOM   500 C  CG  . ASN A 1 64 ? -1.960  18.135  3.417   1.00 36.03 ? 79  ASN A CG  1 
ATOM   501 O  OD1 . ASN A 1 64 ? -3.161  18.138  3.697   1.00 39.20 ? 79  ASN A OD1 1 
ATOM   502 N  ND2 . ASN A 1 64 ? -1.068  18.861  4.080   1.00 40.36 ? 79  ASN A ND2 1 
ATOM   503 N  N   . ASP A 1 65 ? -1.858  14.009  0.861   1.00 32.21 ? 80  ASP A N   1 
ATOM   504 C  CA  . ASP A 1 65 ? -1.291  13.143  -0.155  1.00 32.37 ? 80  ASP A CA  1 
ATOM   505 C  C   . ASP A 1 65 ? -2.358  12.213  -0.707  1.00 31.57 ? 80  ASP A C   1 
ATOM   506 O  O   . ASP A 1 65 ? -3.350  11.935  -0.026  1.00 31.29 ? 80  ASP A O   1 
ATOM   507 C  CB  . ASP A 1 65 ? -0.149  12.316  0.447   1.00 33.16 ? 80  ASP A CB  1 
ATOM   508 C  CG  . ASP A 1 65 ? 0.671   11.620  -0.607  1.00 36.16 ? 80  ASP A CG  1 
ATOM   509 O  OD1 . ASP A 1 65 ? 1.699   12.189  -1.028  1.00 40.60 ? 80  ASP A OD1 1 
ATOM   510 O  OD2 . ASP A 1 65 ? 0.276   10.518  -1.036  1.00 38.77 ? 80  ASP A OD2 1 
ATOM   511 N  N   . LEU A 1 66 ? -2.137  11.706  -1.923  1.00 30.59 ? 81  LEU A N   1 
ATOM   512 C  CA  . LEU A 1 66 ? -3.040  10.731  -2.545  1.00 30.16 ? 81  LEU A CA  1 
ATOM   513 C  C   . LEU A 1 66 ? -3.226  9.477   -1.689  1.00 29.66 ? 81  LEU A C   1 
ATOM   514 O  O   . LEU A 1 66 ? -4.290  8.861   -1.705  1.00 28.34 ? 81  LEU A O   1 
ATOM   515 C  CB  . LEU A 1 66 ? -2.538  10.345  -3.945  1.00 30.49 ? 81  LEU A CB  1 
ATOM   516 C  CG  . LEU A 1 66 ? -3.363  9.322   -4.732  1.00 31.78 ? 81  LEU A CG  1 
ATOM   517 C  CD1 . LEU A 1 66 ? -4.759  9.882   -5.092  1.00 31.73 ? 81  LEU A CD1 1 
ATOM   518 C  CD2 . LEU A 1 66 ? -2.608  8.881   -5.992  1.00 32.32 ? 81  LEU A CD2 1 
ATOM   519 N  N   . LEU A 1 67 ? -2.190  9.090   -0.946  1.00 28.85 ? 82  LEU A N   1 
ATOM   520 C  CA  . LEU A 1 67 ? -2.324  7.950   -0.037  1.00 28.77 ? 82  LEU A CA  1 
ATOM   521 C  C   . LEU A 1 67 ? -3.507  8.110   0.938   1.00 28.63 ? 82  LEU A C   1 
ATOM   522 O  O   . LEU A 1 67 ? -4.225  7.149   1.210   1.00 28.25 ? 82  LEU A O   1 
ATOM   523 C  CB  . LEU A 1 67 ? -1.022  7.674   0.726   1.00 27.79 ? 82  LEU A CB  1 
ATOM   524 C  CG  . LEU A 1 67 ? -0.999  6.361   1.520   1.00 28.95 ? 82  LEU A CG  1 
ATOM   525 C  CD1 . LEU A 1 67 ? -1.279  5.140   0.620   1.00 28.45 ? 82  LEU A CD1 1 
ATOM   526 C  CD2 . LEU A 1 67 ? 0.347   6.200   2.286   1.00 28.80 ? 82  LEU A CD2 1 
ATOM   527 N  N   . GLY A 1 68 ? -3.695  9.329   1.443   1.00 28.90 ? 83  GLY A N   1 
ATOM   528 C  CA  . GLY A 1 68 ? -4.834  9.670   2.306   1.00 29.55 ? 83  GLY A CA  1 
ATOM   529 C  C   . GLY A 1 68 ? -6.177  9.467   1.621   1.00 29.97 ? 83  GLY A C   1 
ATOM   530 O  O   . GLY A 1 68 ? -7.153  9.089   2.266   1.00 30.09 ? 83  GLY A O   1 
ATOM   531 N  N   . ASP A 1 69 ? -6.226  9.703   0.312   1.00 30.82 ? 84  ASP A N   1 
ATOM   532 C  CA  . ASP A 1 69 ? -7.444  9.478   -0.468  1.00 31.73 ? 84  ASP A CA  1 
ATOM   533 C  C   . ASP A 1 69 ? -7.722  7.983   -0.580  1.00 31.91 ? 84  ASP A C   1 
ATOM   534 O  O   . ASP A 1 69 ? -8.828  7.525   -0.311  1.00 31.69 ? 84  ASP A O   1 
ATOM   535 C  CB  . ASP A 1 69 ? -7.347  10.106  -1.862  1.00 32.04 ? 84  ASP A CB  1 
ATOM   536 C  CG  . ASP A 1 69 ? -8.515  9.692   -2.766  1.00 34.40 ? 84  ASP A CG  1 
ATOM   537 O  OD1 . ASP A 1 69 ? -9.649  10.142  -2.535  1.00 36.48 ? 84  ASP A OD1 1 
ATOM   538 O  OD2 . ASP A 1 69 ? -8.305  8.882   -3.683  1.00 37.26 ? 84  ASP A OD2 1 
ATOM   539 N  N   . LEU A 1 70 ? -6.687  7.234   -0.946  1.00 31.96 ? 85  LEU A N   1 
ATOM   540 C  CA  . LEU A 1 70 ? -6.771  5.792   -1.077  1.00 32.50 ? 85  LEU A CA  1 
ATOM   541 C  C   . LEU A 1 70 ? -7.152  5.106   0.217   1.00 32.19 ? 85  LEU A C   1 
ATOM   542 O  O   . LEU A 1 70 ? -7.922  4.145   0.214   1.00 32.39 ? 85  LEU A O   1 
ATOM   543 C  CB  . LEU A 1 70 ? -5.425  5.246   -1.544  1.00 32.74 ? 85  LEU A CB  1 
ATOM   544 C  CG  . LEU A 1 70 ? -5.151  5.043   -3.029  1.00 35.74 ? 85  LEU A CG  1 
ATOM   545 C  CD1 . LEU A 1 70 ? -5.791  6.075   -3.963  1.00 37.03 ? 85  LEU A CD1 1 
ATOM   546 C  CD2 . LEU A 1 70 ? -3.636  4.967   -3.250  1.00 37.60 ? 85  LEU A CD2 1 
ATOM   547 N  N   . PHE A 1 71 ? -6.603  5.593   1.323   1.00 31.55 ? 86  PHE A N   1 
ATOM   548 C  CA  . PHE A 1 71 ? -6.774  4.936   2.611   1.00 31.87 ? 86  PHE A CA  1 
ATOM   549 C  C   . PHE A 1 71 ? -7.942  5.513   3.419   1.00 31.74 ? 86  PHE A C   1 
ATOM   550 O  O   . PHE A 1 71 ? -8.431  4.868   4.341   1.00 31.84 ? 86  PHE A O   1 
ATOM   551 C  CB  . PHE A 1 71 ? -5.465  5.002   3.417   1.00 31.86 ? 86  PHE A CB  1 
ATOM   552 C  CG  . PHE A 1 71 ? -4.446  3.920   3.064   1.00 32.97 ? 86  PHE A CG  1 
ATOM   553 C  CD1 . PHE A 1 71 ? -4.595  3.112   1.934   1.00 32.74 ? 86  PHE A CD1 1 
ATOM   554 C  CD2 . PHE A 1 71 ? -3.316  3.733   3.870   1.00 31.89 ? 86  PHE A CD2 1 
ATOM   555 C  CE1 . PHE A 1 71 ? -3.653  2.113   1.630   1.00 33.34 ? 86  PHE A CE1 1 
ATOM   556 C  CE2 . PHE A 1 71 ? -2.369  2.748   3.568   1.00 33.14 ? 86  PHE A CE2 1 
ATOM   557 C  CZ  . PHE A 1 71 ? -2.537  1.940   2.442   1.00 33.55 ? 86  PHE A CZ  1 
ATOM   558 N  N   . GLY A 1 72 ? -8.374  6.726   3.075   1.00 31.81 ? 87  GLY A N   1 
ATOM   559 C  CA  . GLY A 1 72 ? -9.540  7.350   3.726   1.00 31.80 ? 87  GLY A CA  1 
ATOM   560 C  C   . GLY A 1 72 ? -9.321  7.850   5.147   1.00 31.89 ? 87  GLY A C   1 
ATOM   561 O  O   . GLY A 1 72 ? -10.284 8.081   5.880   1.00 32.36 ? 87  GLY A O   1 
ATOM   562 N  N   . VAL A 1 73 ? -8.062  8.028   5.539   1.00 31.21 ? 88  VAL A N   1 
ATOM   563 C  CA  . VAL A 1 73 ? -7.718  8.530   6.879   1.00 30.91 ? 88  VAL A CA  1 
ATOM   564 C  C   . VAL A 1 73 ? -6.662  9.607   6.722   1.00 30.18 ? 88  VAL A C   1 
ATOM   565 O  O   . VAL A 1 73 ? -5.931  9.590   5.733   1.00 29.73 ? 88  VAL A O   1 
ATOM   566 C  CB  . VAL A 1 73 ? -7.153  7.407   7.799   1.00 30.89 ? 88  VAL A CB  1 
ATOM   567 C  CG1 . VAL A 1 73 ? -8.245  6.422   8.178   1.00 32.82 ? 88  VAL A CG1 1 
ATOM   568 C  CG2 . VAL A 1 73 ? -5.968  6.692   7.131   1.00 30.99 ? 88  VAL A CG2 1 
ATOM   569 N  N   . PRO A 1 74 ? -6.570  10.549  7.689   1.00 29.59 ? 89  PRO A N   1 
ATOM   570 C  CA  . PRO A 1 74 ? -5.530  11.572  7.614   1.00 29.32 ? 89  PRO A CA  1 
ATOM   571 C  C   . PRO A 1 74 ? -4.136  11.060  8.013   1.00 29.34 ? 89  PRO A C   1 
ATOM   572 O  O   . PRO A 1 74 ? -3.136  11.742  7.774   1.00 28.67 ? 89  PRO A O   1 
ATOM   573 C  CB  . PRO A 1 74 ? -5.996  12.613  8.632   1.00 29.46 ? 89  PRO A CB  1 
ATOM   574 C  CG  . PRO A 1 74 ? -6.747  11.822  9.640   1.00 29.94 ? 89  PRO A CG  1 
ATOM   575 C  CD  . PRO A 1 74 ? -7.454  10.750  8.853   1.00 29.44 ? 89  PRO A CD  1 
ATOM   576 N  N   . SER A 1 75 ? -4.096  9.888   8.646   1.00 29.57 ? 90  SER A N   1 
ATOM   577 C  CA  . SER A 1 75 ? -2.870  9.320   9.211   1.00 29.63 ? 90  SER A CA  1 
ATOM   578 C  C   . SER A 1 75 ? -3.152  7.918   9.724   1.00 30.02 ? 90  SER A C   1 
ATOM   579 O  O   . SER A 1 75 ? -4.316  7.539   9.912   1.00 30.37 ? 90  SER A O   1 
ATOM   580 C  CB  . SER A 1 75 ? -2.328  10.196  10.349  1.00 29.75 ? 90  SER A CB  1 
ATOM   581 O  OG  . SER A 1 75 ? -3.254  10.257  11.428  1.00 30.93 ? 90  SER A OG  1 
ATOM   582 N  N   . PHE A 1 76 ? -2.088  7.147   9.947   1.00 30.55 ? 91  PHE A N   1 
ATOM   583 C  CA  . PHE A 1 76 ? -2.194  5.794   10.479  1.00 31.00 ? 91  PHE A CA  1 
ATOM   584 C  C   . PHE A 1 76 ? -0.855  5.330   11.065  1.00 31.83 ? 91  PHE A C   1 
ATOM   585 O  O   . PHE A 1 76 ? 0.206   5.870   10.732  1.00 31.93 ? 91  PHE A O   1 
ATOM   586 C  CB  . PHE A 1 76 ? -2.665  4.812   9.394   1.00 31.38 ? 91  PHE A CB  1 
ATOM   587 C  CG  . PHE A 1 76 ? -1.718  4.688   8.232   1.00 31.01 ? 91  PHE A CG  1 
ATOM   588 C  CD1 . PHE A 1 76 ? -0.728  3.701   8.220   1.00 32.82 ? 91  PHE A CD1 1 
ATOM   589 C  CD2 . PHE A 1 76 ? -1.820  5.543   7.144   1.00 30.87 ? 91  PHE A CD2 1 
ATOM   590 C  CE1 . PHE A 1 76 ? 0.147   3.586   7.148   1.00 29.66 ? 91  PHE A CE1 1 
ATOM   591 C  CE2 . PHE A 1 76 ? -0.940  5.432   6.065   1.00 30.94 ? 91  PHE A CE2 1 
ATOM   592 C  CZ  . PHE A 1 76 ? 0.037   4.449   6.076   1.00 30.35 ? 91  PHE A CZ  1 
ATOM   593 N  N   . SER A 1 77 ? -0.906  4.321   11.926  1.00 32.78 ? 92  SER A N   1 
ATOM   594 C  CA  . SER A 1 77 ? 0.314   3.749   12.500  1.00 33.86 ? 92  SER A CA  1 
ATOM   595 C  C   . SER A 1 77 ? 0.809   2.553   11.686  1.00 34.14 ? 92  SER A C   1 
ATOM   596 O  O   . SER A 1 77 ? 0.024   1.666   11.359  1.00 33.69 ? 92  SER A O   1 
ATOM   597 C  CB  . SER A 1 77 ? 0.062   3.300   13.937  1.00 33.86 ? 92  SER A CB  1 
ATOM   598 O  OG  . SER A 1 77 ? 1.189   2.600   14.420  1.00 35.33 ? 92  SER A OG  1 
ATOM   599 N  N   . VAL A 1 78 ? 2.106   2.525   11.384  1.00 35.21 ? 93  VAL A N   1 
ATOM   600 C  CA  . VAL A 1 78 ? 2.713   1.392   10.661  1.00 37.29 ? 93  VAL A CA  1 
ATOM   601 C  C   . VAL A 1 78 ? 2.746   0.112   11.513  1.00 39.00 ? 93  VAL A C   1 
ATOM   602 O  O   . VAL A 1 78 ? 3.009   -0.984  11.000  1.00 39.23 ? 93  VAL A O   1 
ATOM   603 C  CB  . VAL A 1 78 ? 4.154   1.702   10.151  1.00 36.79 ? 93  VAL A CB  1 
ATOM   604 C  CG1 . VAL A 1 78 ? 4.178   2.966   9.315   1.00 36.66 ? 93  VAL A CG1 1 
ATOM   605 C  CG2 . VAL A 1 78 ? 5.162   1.801   11.316  1.00 36.23 ? 93  VAL A CG2 1 
ATOM   606 N  N   . LYS A 1 79 ? 2.483   0.266   12.810  1.00 40.81 ? 94  LYS A N   1 
ATOM   607 C  CA  . LYS A 1 79 ? 2.524   -0.856  13.752  1.00 42.96 ? 94  LYS A CA  1 
ATOM   608 C  C   . LYS A 1 79 ? 1.218   -1.624  13.724  1.00 43.77 ? 94  LYS A C   1 
ATOM   609 O  O   . LYS A 1 79 ? 1.140   -2.741  14.234  1.00 44.23 ? 94  LYS A O   1 
ATOM   610 C  CB  . LYS A 1 79 ? 2.816   -0.373  15.175  1.00 42.91 ? 94  LYS A CB  1 
ATOM   611 C  CG  . LYS A 1 79 ? 4.218   0.175   15.387  1.00 45.36 ? 94  LYS A CG  1 
ATOM   612 C  CD  . LYS A 1 79 ? 4.464   0.475   16.866  1.00 48.48 ? 94  LYS A CD  1 
ATOM   613 C  CE  . LYS A 1 79 ? 5.944   0.384   17.215  1.00 50.61 ? 94  LYS A CE  1 
ATOM   614 N  NZ  . LYS A 1 79 ? 6.157   0.535   18.688  1.00 52.94 ? 94  LYS A NZ  1 
ATOM   615 N  N   . GLU A 1 80 ? 0.191   -1.024  13.126  1.00 44.81 ? 95  GLU A N   1 
ATOM   616 C  CA  . GLU A 1 80 ? -1.117  -1.661  13.052  1.00 45.85 ? 95  GLU A CA  1 
ATOM   617 C  C   . GLU A 1 80 ? -1.371  -2.286  11.683  1.00 45.86 ? 95  GLU A C   1 
ATOM   618 O  O   . GLU A 1 80 ? -2.026  -1.706  10.809  1.00 45.52 ? 95  GLU A O   1 
ATOM   619 C  CB  . GLU A 1 80 ? -2.213  -0.691  13.498  1.00 46.14 ? 95  GLU A CB  1 
ATOM   620 C  CG  . GLU A 1 80 ? -2.298  -0.634  15.025  1.00 49.01 ? 95  GLU A CG  1 
ATOM   621 C  CD  . GLU A 1 80 ? -2.998  0.600   15.553  1.00 52.57 ? 95  GLU A CD  1 
ATOM   622 O  OE1 . GLU A 1 80 ? -4.074  0.451   16.175  1.00 54.14 ? 95  GLU A OE1 1 
ATOM   623 O  OE2 . GLU A 1 80 ? -2.470  1.718   15.360  1.00 54.02 ? 95  GLU A OE2 1 
ATOM   624 N  N   . HIS A 1 81 ? -0.835  -3.497  11.536  1.00 46.14 ? 96  HIS A N   1 
ATOM   625 C  CA  . HIS A 1 81 ? -0.794  -4.231  10.270  1.00 46.14 ? 96  HIS A CA  1 
ATOM   626 C  C   . HIS A 1 81 ? -2.160  -4.562  9.687   1.00 46.09 ? 96  HIS A C   1 
ATOM   627 O  O   . HIS A 1 81 ? -2.393  -4.337  8.496   1.00 46.01 ? 96  HIS A O   1 
ATOM   628 C  CB  . HIS A 1 81 ? 0.060   -5.497  10.422  1.00 46.43 ? 96  HIS A CB  1 
ATOM   629 C  CG  . HIS A 1 81 ? 1.533   -5.225  10.499  1.00 46.68 ? 96  HIS A CG  1 
ATOM   630 N  ND1 . HIS A 1 81 ? 2.466   -5.975  9.816   1.00 47.62 ? 96  HIS A ND1 1 
ATOM   631 C  CD2 . HIS A 1 81 ? 2.233   -4.273  11.164  1.00 47.15 ? 96  HIS A CD2 1 
ATOM   632 C  CE1 . HIS A 1 81 ? 3.676   -5.504  10.061  1.00 46.91 ? 96  HIS A CE1 1 
ATOM   633 N  NE2 . HIS A 1 81 ? 3.562   -4.471  10.877  1.00 47.48 ? 96  HIS A NE2 1 
ATOM   634 N  N   . ARG A 1 82 ? -3.068  -5.084  10.511  1.00 46.04 ? 97  ARG A N   1 
ATOM   635 C  CA  . ARG A 1 82 ? -4.389  -5.475  10.012  1.00 45.95 ? 97  ARG A CA  1 
ATOM   636 C  C   . ARG A 1 82 ? -5.193  -4.291  9.459   1.00 45.12 ? 97  ARG A C   1 
ATOM   637 O  O   . ARG A 1 82 ? -5.921  -4.439  8.478   1.00 44.88 ? 97  ARG A O   1 
ATOM   638 C  CB  . ARG A 1 82 ? -5.177  -6.262  11.069  1.00 46.48 ? 97  ARG A CB  1 
ATOM   639 C  CG  . ARG A 1 82 ? -6.474  -6.944  10.575  1.00 48.53 ? 97  ARG A CG  1 
ATOM   640 C  CD  . ARG A 1 82 ? -6.398  -7.516  9.138   1.00 52.10 ? 97  ARG A CD  1 
ATOM   641 N  NE  . ARG A 1 82 ? -5.248  -8.398  8.905   1.00 54.64 ? 97  ARG A NE  1 
ATOM   642 C  CZ  . ARG A 1 82 ? -5.004  -9.038  7.760   1.00 55.09 ? 97  ARG A CZ  1 
ATOM   643 N  NH1 . ARG A 1 82 ? -5.830  -8.920  6.727   1.00 55.26 ? 97  ARG A NH1 1 
ATOM   644 N  NH2 . ARG A 1 82 ? -3.934  -9.812  7.649   1.00 56.17 ? 97  ARG A NH2 1 
ATOM   645 N  N   . LYS A 1 83 ? -5.040  -3.121  10.075  1.00 44.44 ? 98  LYS A N   1 
ATOM   646 C  CA  . LYS A 1 83 ? -5.696  -1.909  9.585   1.00 44.18 ? 98  LYS A CA  1 
ATOM   647 C  C   . LYS A 1 83 ? -5.177  -1.568  8.193   1.00 42.88 ? 98  LYS A C   1 
ATOM   648 O  O   . LYS A 1 83 ? -5.951  -1.246  7.292   1.00 42.87 ? 98  LYS A O   1 
ATOM   649 C  CB  . LYS A 1 83 ? -5.450  -0.732  10.534  1.00 44.29 ? 98  LYS A CB  1 
ATOM   650 C  CG  . LYS A 1 83 ? -6.207  -0.817  11.855  1.00 47.49 ? 98  LYS A CG  1 
ATOM   651 C  CD  . LYS A 1 83 ? -5.997  0.456   12.681  1.00 49.56 ? 98  LYS A CD  1 
ATOM   652 C  CE  . LYS A 1 83 ? -6.792  0.423   13.971  1.00 51.99 ? 98  LYS A CE  1 
ATOM   653 N  NZ  . LYS A 1 83 ? -6.229  -0.555  14.944  1.00 53.70 ? 98  LYS A NZ  1 
ATOM   654 N  N   . ILE A 1 84 ? -3.859  -1.664  8.027   1.00 42.17 ? 99  ILE A N   1 
ATOM   655 C  CA  . ILE A 1 84 ? -3.200  -1.384  6.751   1.00 41.20 ? 99  ILE A CA  1 
ATOM   656 C  C   . ILE A 1 84 ? -3.669  -2.334  5.650   1.00 41.31 ? 99  ILE A C   1 
ATOM   657 O  O   . ILE A 1 84 ? -4.017  -1.889  4.556   1.00 40.74 ? 99  ILE A O   1 
ATOM   658 C  CB  . ILE A 1 84 ? -1.658  -1.356  6.898   1.00 41.04 ? 99  ILE A CB  1 
ATOM   659 C  CG1 . ILE A 1 84 ? -1.245  -0.137  7.730   1.00 40.35 ? 99  ILE A CG1 1 
ATOM   660 C  CG2 . ILE A 1 84 ? -0.967  -1.324  5.522   1.00 40.21 ? 99  ILE A CG2 1 
ATOM   661 C  CD1 . ILE A 1 84 ? 0.186   -0.133  8.184   1.00 38.23 ? 99  ILE A CD1 1 
ATOM   662 N  N   . TYR A 1 85 ? -3.694  -3.635  5.945   1.00 41.61 ? 100 TYR A N   1 
ATOM   663 C  CA  . TYR A 1 85 ? -4.194  -4.621  4.991   1.00 42.26 ? 100 TYR A CA  1 
ATOM   664 C  C   . TYR A 1 85 ? -5.637  -4.323  4.588   1.00 42.58 ? 100 TYR A C   1 
ATOM   665 O  O   . TYR A 1 85 ? -5.966  -4.365  3.405   1.00 42.83 ? 100 TYR A O   1 
ATOM   666 C  CB  . TYR A 1 85 ? -4.068  -6.049  5.540   1.00 42.61 ? 100 TYR A CB  1 
ATOM   667 C  CG  . TYR A 1 85 ? -2.641  -6.529  5.684   1.00 43.11 ? 100 TYR A CG  1 
ATOM   668 C  CD1 . TYR A 1 85 ? -2.157  -6.978  6.914   1.00 44.06 ? 100 TYR A CD1 1 
ATOM   669 C  CD2 . TYR A 1 85 ? -1.771  -6.528  4.595   1.00 44.60 ? 100 TYR A CD2 1 
ATOM   670 C  CE1 . TYR A 1 85 ? -0.844  -7.419  7.055   1.00 45.23 ? 100 TYR A CE1 1 
ATOM   671 C  CE2 . TYR A 1 85 ? -0.455  -6.961  4.725   1.00 45.68 ? 100 TYR A CE2 1 
ATOM   672 C  CZ  . TYR A 1 85 ? 0.000   -7.410  5.952   1.00 45.32 ? 100 TYR A CZ  1 
ATOM   673 O  OH  . TYR A 1 85 ? 1.304   -7.837  6.072   1.00 48.04 ? 100 TYR A OH  1 
ATOM   674 N  N   . THR A 1 86 ? -6.484  -3.997  5.565   1.00 42.72 ? 101 THR A N   1 
ATOM   675 C  CA  . THR A 1 86 ? -7.867  -3.611  5.280   1.00 43.30 ? 101 THR A CA  1 
ATOM   676 C  C   . THR A 1 86 ? -7.902  -2.453  4.277   1.00 43.08 ? 101 THR A C   1 
ATOM   677 O  O   . THR A 1 86 ? -8.632  -2.512  3.284   1.00 42.83 ? 101 THR A O   1 
ATOM   678 C  CB  . THR A 1 86 ? -8.636  -3.207  6.560   1.00 43.41 ? 101 THR A CB  1 
ATOM   679 O  OG1 . THR A 1 86 ? -8.405  -4.180  7.586   1.00 44.56 ? 101 THR A OG1 1 
ATOM   680 C  CG2 . THR A 1 86 ? -10.137 -3.115  6.284   1.00 44.43 ? 101 THR A CG2 1 
ATOM   681 N  N   . MET A 1 87 ? -7.092  -1.422  4.526   1.00 42.56 ? 102 MET A N   1 
ATOM   682 C  CA  . MET A 1 87 ? -7.072  -0.242  3.660   1.00 42.44 ? 102 MET A CA  1 
ATOM   683 C  C   . MET A 1 87 ? -6.639  -0.597  2.237   1.00 42.50 ? 102 MET A C   1 
ATOM   684 O  O   . MET A 1 87 ? -7.226  -0.112  1.274   1.00 42.22 ? 102 MET A O   1 
ATOM   685 C  CB  . MET A 1 87 ? -6.209  0.881   4.255   1.00 42.09 ? 102 MET A CB  1 
ATOM   686 C  CG  . MET A 1 87 ? -6.750  1.419   5.588   1.00 41.81 ? 102 MET A CG  1 
ATOM   687 S  SD  . MET A 1 87 ? -5.858  2.808   6.327   1.00 41.46 ? 102 MET A SD  1 
ATOM   688 C  CE  . MET A 1 87 ? -4.304  2.069   6.829   1.00 40.38 ? 102 MET A CE  1 
ATOM   689 N  N   . ILE A 1 88 ? -5.640  -1.470  2.118   1.00 42.95 ? 103 ILE A N   1 
ATOM   690 C  CA  . ILE A 1 88 ? -5.173  -1.953  0.814   1.00 43.45 ? 103 ILE A CA  1 
ATOM   691 C  C   . ILE A 1 88 ? -6.240  -2.774  0.073   1.00 44.37 ? 103 ILE A C   1 
ATOM   692 O  O   . ILE A 1 88 ? -6.410  -2.616  -1.139  1.00 44.70 ? 103 ILE A O   1 
ATOM   693 C  CB  . ILE A 1 88 ? -3.848  -2.749  0.935   1.00 43.09 ? 103 ILE A CB  1 
ATOM   694 C  CG1 . ILE A 1 88 ? -2.728  -1.844  1.467   1.00 42.64 ? 103 ILE A CG1 1 
ATOM   695 C  CG2 . ILE A 1 88 ? -3.445  -3.347  -0.408  1.00 42.51 ? 103 ILE A CG2 1 
ATOM   696 C  CD1 . ILE A 1 88 ? -1.514  -2.602  1.990   1.00 42.04 ? 103 ILE A CD1 1 
ATOM   697 N  N   . TYR A 1 89 ? -6.950  -3.643  0.793   1.00 45.47 ? 104 TYR A N   1 
ATOM   698 C  CA  . TYR A 1 89 ? -7.982  -4.489  0.174   1.00 46.77 ? 104 TYR A CA  1 
ATOM   699 C  C   . TYR A 1 89 ? -9.071  -3.666  -0.529  1.00 47.33 ? 104 TYR A C   1 
ATOM   700 O  O   . TYR A 1 89 ? -9.654  -4.112  -1.510  1.00 47.83 ? 104 TYR A O   1 
ATOM   701 C  CB  . TYR A 1 89 ? -8.630  -5.436  1.189   1.00 46.72 ? 104 TYR A CB  1 
ATOM   702 C  CG  . TYR A 1 89 ? -7.698  -6.414  1.885   1.00 48.00 ? 104 TYR A CG  1 
ATOM   703 C  CD1 . TYR A 1 89 ? -6.596  -6.976  1.227   1.00 49.27 ? 104 TYR A CD1 1 
ATOM   704 C  CD2 . TYR A 1 89 ? -7.946  -6.805  3.201   1.00 49.13 ? 104 TYR A CD2 1 
ATOM   705 C  CE1 . TYR A 1 89 ? -5.751  -7.879  1.878   1.00 50.10 ? 104 TYR A CE1 1 
ATOM   706 C  CE2 . TYR A 1 89 ? -7.114  -7.709  3.856   1.00 50.23 ? 104 TYR A CE2 1 
ATOM   707 C  CZ  . TYR A 1 89 ? -6.023  -8.242  3.192   1.00 50.79 ? 104 TYR A CZ  1 
ATOM   708 O  OH  . TYR A 1 89 ? -5.211  -9.135  3.854   1.00 51.54 ? 104 TYR A OH  1 
ATOM   709 N  N   . ARG A 1 90 ? -9.331  -2.463  -0.023  1.00 47.92 ? 105 ARG A N   1 
ATOM   710 C  CA  . ARG A 1 90 ? -10.304 -1.553  -0.632  1.00 48.61 ? 105 ARG A CA  1 
ATOM   711 C  C   . ARG A 1 90 ? -9.855  -1.025  -1.985  1.00 48.26 ? 105 ARG A C   1 
ATOM   712 O  O   . ARG A 1 90 ? -10.664 -0.475  -2.742  1.00 48.27 ? 105 ARG A O   1 
ATOM   713 C  CB  . ARG A 1 90 ? -10.597 -0.381  0.303   1.00 48.67 ? 105 ARG A CB  1 
ATOM   714 C  CG  . ARG A 1 90 ? -11.376 -0.788  1.524   1.00 50.96 ? 105 ARG A CG  1 
ATOM   715 C  CD  . ARG A 1 90 ? -11.931 0.409   2.268   1.00 53.94 ? 105 ARG A CD  1 
ATOM   716 N  NE  . ARG A 1 90 ? -12.453 -0.018  3.563   1.00 56.50 ? 105 ARG A NE  1 
ATOM   717 C  CZ  . ARG A 1 90 ? -11.822 0.143   4.724   1.00 57.40 ? 105 ARG A CZ  1 
ATOM   718 N  NH1 . ARG A 1 90 ? -10.640 0.749   4.773   1.00 57.64 ? 105 ARG A NH1 1 
ATOM   719 N  NH2 . ARG A 1 90 ? -12.385 -0.292  5.844   1.00 58.03 ? 105 ARG A NH2 1 
ATOM   720 N  N   . ASN A 1 91 ? -8.566  -1.192  -2.281  1.00 47.73 ? 106 ASN A N   1 
ATOM   721 C  CA  . ASN A 1 91 ? -7.984  -0.728  -3.535  1.00 47.35 ? 106 ASN A CA  1 
ATOM   722 C  C   . ASN A 1 91 ? -7.579  -1.865  -4.468  1.00 47.54 ? 106 ASN A C   1 
ATOM   723 O  O   . ASN A 1 91 ? -6.770  -1.670  -5.374  1.00 47.38 ? 106 ASN A O   1 
ATOM   724 C  CB  . ASN A 1 91 ? -6.786  0.185   -3.265  1.00 47.05 ? 106 ASN A CB  1 
ATOM   725 C  CG  . ASN A 1 91 ? -7.185  1.471   -2.581  1.00 46.30 ? 106 ASN A CG  1 
ATOM   726 O  OD1 . ASN A 1 91 ? -7.400  2.488   -3.236  1.00 45.00 ? 106 ASN A OD1 1 
ATOM   727 N  ND2 . ASN A 1 91 ? -7.308  1.428   -1.261  1.00 44.07 ? 106 ASN A ND2 1 
ATOM   728 N  N   . LEU A 1 92 ? -8.149  -3.043  -4.240  1.00 48.04 ? 107 LEU A N   1 
ATOM   729 C  CA  . LEU A 1 92 ? -7.890  -4.214  -5.077  1.00 48.64 ? 107 LEU A CA  1 
ATOM   730 C  C   . LEU A 1 92 ? -9.113  -4.605  -5.899  1.00 49.72 ? 107 LEU A C   1 
ATOM   731 O  O   . LEU A 1 92 ? -10.234 -4.614  -5.393  1.00 49.38 ? 107 LEU A O   1 
ATOM   732 C  CB  . LEU A 1 92 ? -7.452  -5.399  -4.216  1.00 48.20 ? 107 LEU A CB  1 
ATOM   733 C  CG  . LEU A 1 92 ? -6.160  -5.224  -3.413  1.00 47.11 ? 107 LEU A CG  1 
ATOM   734 C  CD1 . LEU A 1 92 ? -5.900  -6.458  -2.582  1.00 46.32 ? 107 LEU A CD1 1 
ATOM   735 C  CD2 . LEU A 1 92 ? -4.972  -4.916  -4.324  1.00 45.26 ? 107 LEU A CD2 1 
ATOM   736 N  N   . VAL A 1 93 ? -8.882  -4.927  -7.170  1.00 51.15 ? 108 VAL A N   1 
ATOM   737 C  CA  . VAL A 1 93 ? -9.943  -5.381  -8.067  1.00 52.65 ? 108 VAL A CA  1 
ATOM   738 C  C   . VAL A 1 93 ? -10.388 -6.787  -7.682  1.00 53.74 ? 108 VAL A C   1 
ATOM   739 O  O   . VAL A 1 93 ? -9.564  -7.702  -7.592  1.00 53.96 ? 108 VAL A O   1 
ATOM   740 C  CB  . VAL A 1 93 ? -9.474  -5.386  -9.541  1.00 52.58 ? 108 VAL A CB  1 
ATOM   741 C  CG1 . VAL A 1 93 ? -10.603 -5.843  -10.477 1.00 52.65 ? 108 VAL A CG1 1 
ATOM   742 C  CG2 . VAL A 1 93 ? -8.962  -4.015  -9.941  1.00 52.40 ? 108 VAL A CG2 1 
ATOM   743 N  N   . VAL A 1 94 ? -11.688 -6.947  -7.440  1.00 55.10 ? 109 VAL A N   1 
ATOM   744 C  CA  . VAL A 1 94 ? -12.292 -8.268  -7.245  1.00 56.44 ? 109 VAL A CA  1 
ATOM   745 C  C   . VAL A 1 94 ? -12.158 -9.053  -8.555  1.00 57.33 ? 109 VAL A C   1 
ATOM   746 O  O   . VAL A 1 94 ? -12.603 -8.593  -9.612  1.00 57.57 ? 109 VAL A O   1 
ATOM   747 C  CB  . VAL A 1 94 ? -13.781 -8.170  -6.810  1.00 56.39 ? 109 VAL A CB  1 
ATOM   748 C  CG1 . VAL A 1 94 ? -14.464 -9.528  -6.884  1.00 56.58 ? 109 VAL A CG1 1 
ATOM   749 C  CG2 . VAL A 1 94 ? -13.897 -7.596  -5.404  1.00 56.31 ? 109 VAL A CG2 1 
ATOM   750 N  N   . VAL A 1 95 ? -11.527 -10.223 -8.476  1.00 58.41 ? 110 VAL A N   1 
ATOM   751 C  CA  . VAL A 1 95 ? -11.202 -11.017 -9.668  1.00 59.31 ? 110 VAL A CA  1 
ATOM   752 C  C   . VAL A 1 95 ? -11.961 -12.347 -9.722  1.00 60.14 ? 110 VAL A C   1 
ATOM   753 O  O   . VAL A 1 95 ? -11.976 -13.017 -10.761 1.00 60.25 ? 110 VAL A O   1 
ATOM   754 C  CB  . VAL A 1 95 ? -9.673  -11.277 -9.788  1.00 59.43 ? 110 VAL A CB  1 
ATOM   755 C  CG1 . VAL A 1 95 ? -8.912  -9.972  -10.056 1.00 59.39 ? 110 VAL A CG1 1 
ATOM   756 C  CG2 . VAL A 1 95 ? -9.128  -11.988 -8.548  1.00 59.38 ? 110 VAL A CG2 1 
ATOM   757 N  N   . ASN A 1 96 ? -12.576 -12.717 -8.595  1.00 60.90 ? 111 ASN A N   1 
ATOM   758 C  CA  . ASN A 1 96 ? -13.352 -13.957 -8.451  1.00 61.75 ? 111 ASN A CA  1 
ATOM   759 C  C   . ASN A 1 96 ? -12.631 -15.218 -8.930  1.00 61.88 ? 111 ASN A C   1 
ATOM   760 O  O   . ASN A 1 96 ? -11.756 -15.741 -8.240  1.00 62.01 ? 111 ASN A O   1 
ATOM   761 C  CB  . ASN A 1 96 ? -14.718 -13.826 -9.137  1.00 62.02 ? 111 ASN A CB  1 
ATOM   762 C  CG  . ASN A 1 96 ? -15.552 -12.696 -8.561  1.00 63.12 ? 111 ASN A CG  1 
ATOM   763 O  OD1 . ASN A 1 96 ? -15.724 -12.591 -7.343  1.00 64.60 ? 111 ASN A OD1 1 
ATOM   764 N  ND2 . ASN A 1 96 ? -16.080 -11.842 -9.438  1.00 64.35 ? 111 ASN A ND2 1 
HETATM 765 C  C2  . H0W B 2 .  ? 5.007   -4.437  6.530   1.00 36.64 ? 201 H0W A C2  1 
HETATM 766 C  C3  . H0W B 2 .  ? 5.540   -3.406  7.334   1.00 36.46 ? 201 H0W A C3  1 
HETATM 767 C  C41 . H0W B 2 .  ? 12.492  -4.405  5.523   1.00 37.61 ? 201 H0W A C41 1 
HETATM 768 C  C43 . H0W B 2 .  ? 11.417  -4.970  4.839   1.00 37.55 ? 201 H0W A C43 1 
HETATM 769 C  C45 . H0W B 2 .  ? 10.260  -4.200  4.678   1.00 37.09 ? 201 H0W A C45 1 
HETATM 770 C  C48 . H0W B 2 .  ? 11.928  -0.054  5.486   1.00 37.49 ? 201 H0W A C48 1 
HETATM 771 C  C51 . H0W B 2 .  ? 11.746  1.425   5.934   1.00 38.93 ? 201 H0W A C51 1 
HETATM 772 C  C56 . H0W B 2 .  ? 11.529  0.533   8.343   1.00 40.28 ? 201 H0W A C56 1 
HETATM 773 C  C59 . H0W B 2 .  ? 11.751  -0.914  7.845   1.00 39.37 ? 201 H0W A C59 1 
HETATM 774 C  C12 . H0W B 2 .  ? 7.050   -3.164  7.467   1.00 35.11 ? 201 H0W A C12 1 
HETATM 775 C  C15 . H0W B 2 .  ? 7.984   -1.361  8.855   1.00 33.35 ? 201 H0W A C15 1 
HETATM 776 C  C18 . H0W B 2 .  ? 7.662   0.416   7.603   1.00 33.36 ? 201 H0W A C18 1 
HETATM 777 C  C19 . H0W B 2 .  ? 7.182   -0.668  6.950   1.00 32.55 ? 201 H0W A C19 1 
HETATM 778 C  C20 . H0W B 2 .  ? 6.519   -0.753  5.611   1.00 33.54 ? 201 H0W A C20 1 
HETATM 779 C  C21 . H0W B 2 .  ? 6.842   -1.319  4.403   1.00 33.62 ? 201 H0W A C21 1 
HETATM 780 C  C24 . H0W B 2 .  ? 4.851   -0.426  4.087   1.00 32.96 ? 201 H0W A C24 1 
HETATM 781 C  C25 . H0W B 2 .  ? 5.166   -0.134  5.415   1.00 32.47 ? 201 H0W A C25 1 
HETATM 782 C  C26 . H0W B 2 .  ? 4.331   0.591   6.269   1.00 33.07 ? 201 H0W A C26 1 
HETATM 783 C  C28 . H0W B 2 .  ? 3.115   1.017   5.707   1.00 32.24 ? 201 H0W A C28 1 
HETATM 784 C  C30 . H0W B 2 .  ? 2.807   0.732   4.365   1.00 31.59 ? 201 H0W A C30 1 
HETATM 785 C  C4  . H0W B 2 .  ? 4.660   -2.563  8.050   1.00 36.53 ? 201 H0W A C4  1 
HETATM 786 C  C6  . H0W B 2 .  ? 3.283   -2.750  7.948   1.00 37.04 ? 201 H0W A C6  1 
HETATM 787 C  C8  . H0W B 2 .  ? 2.768   -3.770  7.145   1.00 37.17 ? 201 H0W A C8  1 
HETATM 788 C  C9  . H0W B 2 .  ? 3.625   -4.622  6.433   1.00 37.10 ? 201 H0W A C9  1 
HETATM 789 CL CL1 . H0W B 2 .  ? 1.042   -3.995  7.038   1.00 40.90 ? 201 H0W A CL1 1 
HETATM 790 N  N14 . H0W B 2 .  ? 7.390   -1.738  7.743   1.00 34.12 ? 201 H0W A N14 1 
HETATM 791 N  N17 . H0W B 2 .  ? 8.165   -0.127  8.836   1.00 32.91 ? 201 H0W A N17 1 
HETATM 792 N  N22 . H0W B 2 .  ? 5.863   -1.130  3.541   1.00 32.85 ? 201 H0W A N22 1 
HETATM 793 C  C31 . H0W B 2 .  ? 3.653   0.006   3.506   1.00 31.18 ? 201 H0W A C31 1 
HETATM 794 CL CL3 . H0W B 2 .  ? 1.284   1.279   3.750   1.00 32.51 ? 201 H0W A CL3 1 
HETATM 795 C  C34 . H0W B 2 .  ? 8.051   -2.092  4.054   1.00 35.76 ? 201 H0W A C34 1 
HETATM 796 O  O35 . H0W B 2 .  ? 8.124   -2.599  2.933   1.00 35.30 ? 201 H0W A O35 1 
HETATM 797 N  N36 . H0W B 2 .  ? 8.989   -2.192  5.018   1.00 37.17 ? 201 H0W A N36 1 
HETATM 798 C  C38 . H0W B 2 .  ? 10.207  -2.881  5.175   1.00 37.75 ? 201 H0W A C38 1 
HETATM 799 C  C39 . H0W B 2 .  ? 11.311  -2.367  5.877   1.00 38.11 ? 201 H0W A C39 1 
HETATM 800 N  N40 . H0W B 2 .  ? 12.415  -3.145  6.012   1.00 38.33 ? 201 H0W A N40 1 
HETATM 801 N  N47 . H0W B 2 .  ? 11.322  -1.055  6.415   1.00 38.10 ? 201 H0W A N47 1 
HETATM 802 C  C54 . H0W B 2 .  ? 12.264  1.529   7.404   1.00 40.67 ? 201 H0W A C54 1 
HETATM 803 N  N62 . H0W B 2 .  ? 12.231  2.888   7.973   1.00 42.43 ? 201 H0W A N62 1 
HETATM 804 C  C63 . H0W B 2 .  ? 10.977  3.514   8.425   1.00 42.90 ? 201 H0W A C63 1 
HETATM 805 C  C66 . H0W B 2 .  ? 11.052  5.035   8.712   1.00 42.15 ? 201 H0W A C66 1 
HETATM 806 C  C69 . H0W B 2 .  ? 12.388  5.271   9.444   1.00 43.55 ? 201 H0W A C69 1 
HETATM 807 O  O72 . H0W B 2 .  ? 13.495  4.798   8.656   1.00 43.86 ? 201 H0W A O72 1 
HETATM 808 C  C73 . H0W B 2 .  ? 13.418  3.560   8.131   1.00 42.93 ? 201 H0W A C73 1 
HETATM 809 O  O74 . H0W B 2 .  ? 14.504  3.101   7.784   1.00 44.87 ? 201 H0W A O74 1 
HETATM 810 C  C75 . H0W B 2 .  ? 7.725   1.888   7.314   1.00 33.40 ? 201 H0W A C75 1 
HETATM 811 C  C76 . H0W B 2 .  ? 7.631   2.735   8.443   1.00 33.76 ? 201 H0W A C76 1 
HETATM 812 C  C78 . H0W B 2 .  ? 7.671   4.124   8.288   1.00 32.93 ? 201 H0W A C78 1 
HETATM 813 C  C80 . H0W B 2 .  ? 7.815   4.658   7.003   1.00 33.99 ? 201 H0W A C80 1 
HETATM 814 C  C82 . H0W B 2 .  ? 7.903   3.823   5.861   1.00 33.31 ? 201 H0W A C82 1 
HETATM 815 C  C84 . H0W B 2 .  ? 7.861   2.433   6.027   1.00 33.41 ? 201 H0W A C84 1 
HETATM 816 C  C86 . H0W B 2 .  ? 7.618   -4.211  8.492   1.00 36.41 ? 201 H0W A C86 1 
HETATM 817 O  O   . HOH C 3 .  ? -4.221  -18.011 -1.380  0.50 53.14 ? 301 HOH A O   1 
HETATM 818 O  O   . HOH C 3 .  ? -11.765 -3.702  -3.502  1.00 54.30 ? 302 HOH A O   1 
HETATM 819 O  O   . HOH C 3 .  ? 7.833   9.292   -4.804  1.00 48.76 ? 303 HOH A O   1 
HETATM 820 O  O   . HOH C 3 .  ? 12.404  0.018   -1.438  0.50 31.11 ? 304 HOH A O   1 
HETATM 821 O  O   . HOH C 3 .  ? 7.392   -6.213  1.353   1.00 28.46 ? 305 HOH A O   1 
HETATM 822 O  O   . HOH C 3 .  ? -12.796 7.364   5.587   1.00 55.70 ? 306 HOH A O   1 
HETATM 823 O  O   . HOH C 3 .  ? -10.544 7.840   -4.649  1.00 49.96 ? 307 HOH A O   1 
HETATM 824 O  O   . HOH C 3 .  ? 6.365   -11.924 -3.082  1.00 53.32 ? 308 HOH A O   1 
HETATM 825 O  O   . HOH C 3 .  ? 2.658   14.568  -0.299  1.00 47.25 ? 309 HOH A O   1 
HETATM 826 O  O   . HOH C 3 .  ? -3.926  -3.459  -11.746 1.00 45.79 ? 310 HOH A O   1 
HETATM 827 O  O   . HOH C 3 .  ? 1.051   10.521  -5.602  1.00 43.96 ? 311 HOH A O   1 
HETATM 828 O  O   . HOH C 3 .  ? 12.766  5.403   -4.375  0.50 49.98 ? 312 HOH A O   1 
HETATM 829 O  O   . HOH C 3 .  ? -3.708  12.898  11.826  1.00 26.44 ? 313 HOH A O   1 
HETATM 830 O  O   . HOH C 3 .  ? 3.376   13.929  6.068   1.00 35.00 ? 314 HOH A O   1 
HETATM 831 O  O   . HOH C 3 .  ? -3.542  18.830  6.308   0.33 50.50 ? 315 HOH A O   1 
HETATM 832 O  O   . HOH C 3 .  ? 3.154   11.878  15.627  1.00 42.93 ? 316 HOH A O   1 
HETATM 833 O  O   . HOH C 3 .  ? -6.212  17.446  2.415   1.00 30.94 ? 317 HOH A O   1 
HETATM 834 O  O   . HOH C 3 .  ? -7.224  2.327   -6.021  1.00 46.68 ? 318 HOH A O   1 
HETATM 835 O  O   . HOH C 3 .  ? 9.105   0.896   11.267  1.00 40.33 ? 319 HOH A O   1 
HETATM 836 O  O   . HOH C 3 .  ? -9.787  10.034  2.077   1.00 39.36 ? 320 HOH A O   1 
HETATM 837 O  O   . HOH C 3 .  ? 0.086   14.724  3.947   1.00 31.18 ? 321 HOH A O   1 
HETATM 838 O  O   . HOH C 3 .  ? 5.494   -2.480  11.441  1.00 48.03 ? 322 HOH A O   1 
HETATM 839 O  O   . HOH C 3 .  ? -3.493  3.258   12.569  1.00 48.28 ? 323 HOH A O   1 
HETATM 840 O  O   . HOH C 3 .  ? 2.410   -15.311 -2.538  1.00 48.80 ? 324 HOH A O   1 
HETATM 841 O  O   . HOH C 3 .  ? -11.209 9.070   0.169   1.00 59.48 ? 325 HOH A O   1 
HETATM 842 O  O   . HOH C 3 .  ? -10.897 10.260  7.710   0.33 41.03 ? 326 HOH A O   1 
HETATM 843 O  O   . HOH C 3 .  ? -0.181  13.030  -3.629  1.00 36.25 ? 327 HOH A O   1 
HETATM 844 O  O   . HOH C 3 .  ? -9.929  3.964   -3.241  1.00 62.04 ? 328 HOH A O   1 
HETATM 845 O  O   . HOH C 3 .  ? -2.244  -7.419  -16.852 1.00 59.98 ? 329 HOH A O   1 
HETATM 846 O  O   . HOH C 3 .  ? -1.245  21.296  6.018   0.33 49.21 ? 330 HOH A O   1 
HETATM 847 O  O   . HOH C 3 .  ? 10.152  -0.747  15.591  1.00 73.18 ? 331 HOH A O   1 
HETATM 848 O  O   . HOH C 3 .  ? 1.054   -7.806  -15.630 1.00 46.33 ? 332 HOH A O   1 
HETATM 849 O  O   . HOH C 3 .  ? 2.822   -11.820 -0.206  1.00 44.68 ? 333 HOH A O   1 
HETATM 850 O  O   . HOH C 3 .  ? -9.358  3.663   -7.853  1.00 50.56 ? 334 HOH A O   1 
HETATM 851 O  O   . HOH C 3 .  ? 11.427  3.853   13.125  1.00 52.27 ? 335 HOH A O   1 
HETATM 852 O  O   . HOH C 3 .  ? -1.591  -5.952  13.877  1.00 57.36 ? 336 HOH A O   1 
HETATM 853 O  O   . HOH C 3 .  ? 9.484   5.957   -11.353 1.00 58.86 ? 337 HOH A O   1 
HETATM 854 O  O   . HOH C 3 .  ? 2.175   -9.701  9.010   1.00 52.64 ? 338 HOH A O   1 
HETATM 855 O  O   . HOH C 3 .  ? 7.294   -0.617  12.521  1.00 52.69 ? 339 HOH A O   1 
HETATM 856 O  O   . HOH C 3 .  ? 15.068  6.704   -3.773  1.00 43.42 ? 340 HOH A O   1 
HETATM 857 O  O   . HOH C 3 .  ? 9.745   -11.132 -8.905  1.00 56.49 ? 341 HOH A O   1 
HETATM 858 O  O   . HOH C 3 .  ? 1.910   15.367  1.984   1.00 43.16 ? 342 HOH A O   1 
HETATM 859 O  O   . HOH C 3 .  ? -5.462  1.025   -14.270 1.00 58.38 ? 343 HOH A O   1 
HETATM 860 O  O   . HOH C 3 .  ? 3.946   15.763  3.688   1.00 50.03 ? 344 HOH A O   1 
HETATM 861 O  O   . HOH C 3 .  ? 5.850   -7.284  4.485   1.00 60.36 ? 345 HOH A O   1 
# 
